data_8T4N
# 
_entry.id   8T4N 
# 
_audit_conform.dict_name       mmcif_pdbx.dic 
_audit_conform.dict_version    5.394 
_audit_conform.dict_location   http://mmcif.pdb.org/dictionaries/ascii/mmcif_pdbx.dic 
# 
loop_
_database_2.database_id 
_database_2.database_code 
_database_2.pdbx_database_accession 
_database_2.pdbx_DOI 
PDB   8T4N         pdb_00008t4n 10.2210/pdb8t4n/pdb 
WWPDB D_1000275121 ?            ?                   
# 
_pdbx_audit_revision_history.ordinal             1 
_pdbx_audit_revision_history.data_content_type   'Structure model' 
_pdbx_audit_revision_history.major_revision      1 
_pdbx_audit_revision_history.minor_revision      0 
_pdbx_audit_revision_history.revision_date       2024-06-12 
# 
_pdbx_audit_revision_details.ordinal             1 
_pdbx_audit_revision_details.revision_ordinal    1 
_pdbx_audit_revision_details.data_content_type   'Structure model' 
_pdbx_audit_revision_details.provider            repository 
_pdbx_audit_revision_details.type                'Initial release' 
_pdbx_audit_revision_details.description         ? 
_pdbx_audit_revision_details.details             ? 
# 
_pdbx_database_status.status_code                     REL 
_pdbx_database_status.status_code_sf                  REL 
_pdbx_database_status.status_code_mr                  ? 
_pdbx_database_status.entry_id                        8T4N 
_pdbx_database_status.recvd_initial_deposition_date   2023-06-09 
_pdbx_database_status.SG_entry                        N 
_pdbx_database_status.deposit_site                    RCSB 
_pdbx_database_status.process_site                    RCSB 
_pdbx_database_status.status_code_cs                  ? 
_pdbx_database_status.status_code_nmr_data            ? 
_pdbx_database_status.methods_development_category    ? 
_pdbx_database_status.pdb_format_compatible           Y 
# 
loop_
_pdbx_contact_author.id 
_pdbx_contact_author.email 
_pdbx_contact_author.name_first 
_pdbx_contact_author.name_last 
_pdbx_contact_author.name_mi 
_pdbx_contact_author.role 
_pdbx_contact_author.identifier_ORCID 
4 wdw@gsu.edu   W       Wilson D  'principal investigator/group leader' 0000-0001-5225-5089 
5 gpoon@gsu.edu Gregory Poon   MK 'principal investigator/group leader' 0000-0001-5107-9458 
# 
loop_
_audit_author.name 
_audit_author.pdbx_ordinal 
_audit_author.identifier_ORCID 
'Terrell, J.R.' 1 0000-0001-5394-5663 
'Poon, G.M.K.'  2 0000-0001-5107-9458 
'Wilson, W.D.'  3 0000-0001-5225-5089 
# 
_citation.abstract                  ? 
_citation.abstract_id_CAS           ? 
_citation.book_id_ISBN              ? 
_citation.book_publisher            ? 
_citation.book_publisher_city       ? 
_citation.book_title                ? 
_citation.coordinate_linkage        ? 
_citation.country                   ? 
_citation.database_id_Medline       ? 
_citation.details                   ? 
_citation.id                        primary 
_citation.journal_abbrev            'To Be Published' 
_citation.journal_id_ASTM           ? 
_citation.journal_id_CSD            0353 
_citation.journal_id_ISSN           ? 
_citation.journal_full              ? 
_citation.journal_issue             ? 
_citation.journal_volume            ? 
_citation.language                  ? 
_citation.page_first                ? 
_citation.page_last                 ? 
_citation.title                     'Structural studies on the PU.1 inhibitory mechanism by diamidine minor groove binders' 
_citation.year                      ? 
_citation.database_id_CSD           ? 
_citation.pdbx_database_id_DOI      ? 
_citation.pdbx_database_id_PubMed   ? 
_citation.pdbx_database_id_patent   ? 
_citation.unpublished_flag          ? 
# 
loop_
_citation_author.citation_id 
_citation_author.name 
_citation_author.ordinal 
_citation_author.identifier_ORCID 
primary 'Terrell, J.R.' 1 0000-0001-5394-5663 
primary 'Paul, A.'      2 ?                   
primary 'Ogbonna, E.N.' 3 ?                   
primary 'Farahat, A.A.' 4 ?                   
primary 'Poon, G.M.K.'  5 0000-0001-5107-9458 
primary 'Wilson, W.D.'  6 0000-0001-5225-5089 
# 
loop_
_entity.id 
_entity.type 
_entity.src_method 
_entity.pdbx_description 
_entity.formula_weight 
_entity.pdbx_number_of_molecules 
_entity.pdbx_ec 
_entity.pdbx_mutation 
_entity.pdbx_fragment 
_entity.details 
1 polymer     syn 
;DNA (5'-D(*CP*GP*CP*GP*AP*AP*TP*TP*CP*GP*CP*G)-3')
;
3663.392 2  ? ? ? ? 
2 non-polymer syn "(2M,2'M)-2,2'-(selenophene-2,5-diyl)di(1H-benzimidazole-6-carboximidamide)" 447.355  1  ? ? ? ? 
3 water       nat water                                                                        18.015   32 ? ? ? ? 
# 
_entity_poly.entity_id                      1 
_entity_poly.type                           polydeoxyribonucleotide 
_entity_poly.nstd_linkage                   no 
_entity_poly.nstd_monomer                   no 
_entity_poly.pdbx_seq_one_letter_code       '(DC)(DG)(DC)(DG)(DA)(DA)(DT)(DT)(DC)(DG)(DC)(DG)' 
_entity_poly.pdbx_seq_one_letter_code_can   CGCGAATTCGCG 
_entity_poly.pdbx_strand_id                 A,B 
_entity_poly.pdbx_target_identifier         ? 
# 
loop_
_pdbx_entity_nonpoly.entity_id 
_pdbx_entity_nonpoly.name 
_pdbx_entity_nonpoly.comp_id 
2 "(2M,2'M)-2,2'-(selenophene-2,5-diyl)di(1H-benzimidazole-6-carboximidamide)" Y5U 
3 water                                                                        HOH 
# 
loop_
_entity_poly_seq.entity_id 
_entity_poly_seq.num 
_entity_poly_seq.mon_id 
_entity_poly_seq.hetero 
1 1  DC n 
1 2  DG n 
1 3  DC n 
1 4  DG n 
1 5  DA n 
1 6  DA n 
1 7  DT n 
1 8  DT n 
1 9  DC n 
1 10 DG n 
1 11 DC n 
1 12 DG n 
# 
_pdbx_entity_src_syn.entity_id              1 
_pdbx_entity_src_syn.pdbx_src_id            1 
_pdbx_entity_src_syn.pdbx_alt_source_flag   sample 
_pdbx_entity_src_syn.pdbx_beg_seq_num       1 
_pdbx_entity_src_syn.pdbx_end_seq_num       12 
_pdbx_entity_src_syn.organism_scientific    'synthetic construct' 
_pdbx_entity_src_syn.organism_common_name   ? 
_pdbx_entity_src_syn.ncbi_taxonomy_id       32630 
_pdbx_entity_src_syn.details                ? 
# 
loop_
_chem_comp.id 
_chem_comp.type 
_chem_comp.mon_nstd_flag 
_chem_comp.name 
_chem_comp.pdbx_synonyms 
_chem_comp.formula 
_chem_comp.formula_weight 
DA  'DNA linking' y "2'-DEOXYADENOSINE-5'-MONOPHOSPHATE"                                         ? 'C10 H14 N5 O6 P' 331.222 
DC  'DNA linking' y "2'-DEOXYCYTIDINE-5'-MONOPHOSPHATE"                                          ? 'C9 H14 N3 O7 P'  307.197 
DG  'DNA linking' y "2'-DEOXYGUANOSINE-5'-MONOPHOSPHATE"                                         ? 'C10 H14 N5 O7 P' 347.221 
DT  'DNA linking' y "THYMIDINE-5'-MONOPHOSPHATE"                                                 ? 'C10 H15 N2 O8 P' 322.208 
HOH non-polymer   . WATER                                                                        ? 'H2 O'            18.015  
Y5U non-polymer   . "(2M,2'M)-2,2'-(selenophene-2,5-diyl)di(1H-benzimidazole-6-carboximidamide)" ? 'C20 H16 N8 Se'   447.355 
# 
loop_
_pdbx_poly_seq_scheme.asym_id 
_pdbx_poly_seq_scheme.entity_id 
_pdbx_poly_seq_scheme.seq_id 
_pdbx_poly_seq_scheme.mon_id 
_pdbx_poly_seq_scheme.ndb_seq_num 
_pdbx_poly_seq_scheme.pdb_seq_num 
_pdbx_poly_seq_scheme.auth_seq_num 
_pdbx_poly_seq_scheme.pdb_mon_id 
_pdbx_poly_seq_scheme.auth_mon_id 
_pdbx_poly_seq_scheme.pdb_strand_id 
_pdbx_poly_seq_scheme.pdb_ins_code 
_pdbx_poly_seq_scheme.hetero 
A 1 1  DC 1  1  1  DC DC A . n 
A 1 2  DG 2  2  2  DG DG A . n 
A 1 3  DC 3  3  3  DC DC A . n 
A 1 4  DG 4  4  4  DG DG A . n 
A 1 5  DA 5  5  5  DA DA A . n 
A 1 6  DA 6  6  6  DA DA A . n 
A 1 7  DT 7  7  7  DT DT A . n 
A 1 8  DT 8  8  8  DT DT A . n 
A 1 9  DC 9  9  9  DC DC A . n 
A 1 10 DG 10 10 10 DG DG A . n 
A 1 11 DC 11 11 11 DC DC A . n 
A 1 12 DG 12 12 12 DG DG A . n 
B 1 1  DC 1  13 13 DC DC B . n 
B 1 2  DG 2  14 14 DG DG B . n 
B 1 3  DC 3  15 15 DC DC B . n 
B 1 4  DG 4  16 16 DG DG B . n 
B 1 5  DA 5  17 17 DA DA B . n 
B 1 6  DA 6  18 18 DA DA B . n 
B 1 7  DT 7  19 19 DT DT B . n 
B 1 8  DT 8  20 20 DT DT B . n 
B 1 9  DC 9  21 21 DC DC B . n 
B 1 10 DG 10 22 22 DG DG B . n 
B 1 11 DC 11 23 23 DC DC B . n 
B 1 12 DG 12 24 24 DG DG B . n 
# 
loop_
_pdbx_nonpoly_scheme.asym_id 
_pdbx_nonpoly_scheme.entity_id 
_pdbx_nonpoly_scheme.mon_id 
_pdbx_nonpoly_scheme.ndb_seq_num 
_pdbx_nonpoly_scheme.pdb_seq_num 
_pdbx_nonpoly_scheme.auth_seq_num 
_pdbx_nonpoly_scheme.pdb_mon_id 
_pdbx_nonpoly_scheme.auth_mon_id 
_pdbx_nonpoly_scheme.pdb_strand_id 
_pdbx_nonpoly_scheme.pdb_ins_code 
C 2 Y5U 1  101 101 Y5U 976 A . 
D 3 HOH 1  201 1   HOH HOH A . 
D 3 HOH 2  202 22  HOH HOH A . 
D 3 HOH 3  203 8   HOH HOH A . 
D 3 HOH 4  204 15  HOH HOH A . 
D 3 HOH 5  205 21  HOH HOH A . 
D 3 HOH 6  206 23  HOH HOH A . 
D 3 HOH 7  207 3   HOH HOH A . 
D 3 HOH 8  208 19  HOH HOH A . 
D 3 HOH 9  209 2   HOH HOH A . 
D 3 HOH 10 210 5   HOH HOH A . 
D 3 HOH 11 211 12  HOH HOH A . 
D 3 HOH 12 212 33  HOH HOH A . 
D 3 HOH 13 213 9   HOH HOH A . 
D 3 HOH 14 214 38  HOH HOH A . 
D 3 HOH 15 215 27  HOH HOH A . 
D 3 HOH 16 216 34  HOH HOH A . 
D 3 HOH 17 217 4   HOH HOH A . 
D 3 HOH 18 218 13  HOH HOH A . 
E 3 HOH 1  101 26  HOH HOH B . 
E 3 HOH 2  102 14  HOH HOH B . 
E 3 HOH 3  103 10  HOH HOH B . 
E 3 HOH 4  104 24  HOH HOH B . 
E 3 HOH 5  105 30  HOH HOH B . 
E 3 HOH 6  106 28  HOH HOH B . 
E 3 HOH 7  107 29  HOH HOH B . 
E 3 HOH 8  108 40  HOH HOH B . 
E 3 HOH 9  109 20  HOH HOH B . 
E 3 HOH 10 110 6   HOH HOH B . 
E 3 HOH 11 111 7   HOH HOH B . 
E 3 HOH 12 112 39  HOH HOH B . 
E 3 HOH 13 113 11  HOH HOH B . 
E 3 HOH 14 114 18  HOH HOH B . 
# 
loop_
_software.citation_id 
_software.classification 
_software.compiler_name 
_software.compiler_version 
_software.contact_author 
_software.contact_author_email 
_software.date 
_software.description 
_software.dependencies 
_software.hardware 
_software.language 
_software.location 
_software.mods 
_software.name 
_software.os 
_software.os_version 
_software.type 
_software.version 
_software.pdbx_ordinal 
? refinement       ? ? ? ? ? ? ? ? ? ? ? PHENIX  ? ? ? 1.19.2_4158 1 
? 'data reduction' ? ? ? ? ? ? ? ? ? ? ? XDS     ? ? ? .           2 
? 'data scaling'   ? ? ? ? ? ? ? ? ? ? ? Aimless ? ? ? .           3 
? phasing          ? ? ? ? ? ? ? ? ? ? ? PHASER  ? ? ? .           4 
# 
_cell.angle_alpha                  90.000 
_cell.angle_alpha_esd              ? 
_cell.angle_beta                   90.000 
_cell.angle_beta_esd               ? 
_cell.angle_gamma                  90.000 
_cell.angle_gamma_esd              ? 
_cell.entry_id                     8T4N 
_cell.details                      ? 
_cell.formula_units_Z              ? 
_cell.length_a                     25.442 
_cell.length_a_esd                 ? 
_cell.length_b                     41.286 
_cell.length_b_esd                 ? 
_cell.length_c                     65.719 
_cell.length_c_esd                 ? 
_cell.volume                       69031.133 
_cell.volume_esd                   ? 
_cell.Z_PDB                        8 
_cell.reciprocal_angle_alpha       ? 
_cell.reciprocal_angle_beta        ? 
_cell.reciprocal_angle_gamma       ? 
_cell.reciprocal_angle_alpha_esd   ? 
_cell.reciprocal_angle_beta_esd    ? 
_cell.reciprocal_angle_gamma_esd   ? 
_cell.reciprocal_length_a          ? 
_cell.reciprocal_length_b          ? 
_cell.reciprocal_length_c          ? 
_cell.reciprocal_length_a_esd      ? 
_cell.reciprocal_length_b_esd      ? 
_cell.reciprocal_length_c_esd      ? 
_cell.pdbx_unique_axis             ? 
_cell.pdbx_esd_method              ? 
# 
_symmetry.entry_id                         8T4N 
_symmetry.cell_setting                     ? 
_symmetry.Int_Tables_number                19 
_symmetry.space_group_name_Hall            'P 2ac 2ab' 
_symmetry.space_group_name_H-M             'P 21 21 21' 
_symmetry.pdbx_full_space_group_name_H-M   ? 
# 
_exptl.absorpt_coefficient_mu     ? 
_exptl.absorpt_correction_T_max   ? 
_exptl.absorpt_correction_T_min   ? 
_exptl.absorpt_correction_type    ? 
_exptl.absorpt_process_details    ? 
_exptl.entry_id                   8T4N 
_exptl.crystals_number            1 
_exptl.details                    ? 
_exptl.method                     'X-RAY DIFFRACTION' 
_exptl.method_details             ? 
# 
_exptl_crystal.colour                       ? 
_exptl_crystal.density_diffrn               ? 
_exptl_crystal.density_Matthews             2.36 
_exptl_crystal.density_method               ? 
_exptl_crystal.density_percent_sol          47.78 
_exptl_crystal.description                  ? 
_exptl_crystal.F_000                        ? 
_exptl_crystal.id                           1 
_exptl_crystal.preparation                  ? 
_exptl_crystal.size_max                     ? 
_exptl_crystal.size_mid                     ? 
_exptl_crystal.size_min                     ? 
_exptl_crystal.size_rad                     ? 
_exptl_crystal.colour_lustre                ? 
_exptl_crystal.colour_modifier              ? 
_exptl_crystal.colour_primary               ? 
_exptl_crystal.density_meas                 ? 
_exptl_crystal.density_meas_esd             ? 
_exptl_crystal.density_meas_gt              ? 
_exptl_crystal.density_meas_lt              ? 
_exptl_crystal.density_meas_temp            ? 
_exptl_crystal.density_meas_temp_esd        ? 
_exptl_crystal.density_meas_temp_gt         ? 
_exptl_crystal.density_meas_temp_lt         ? 
_exptl_crystal.pdbx_crystal_image_url       ? 
_exptl_crystal.pdbx_crystal_image_format    ? 
_exptl_crystal.pdbx_mosaicity               ? 
_exptl_crystal.pdbx_mosaicity_esd           ? 
_exptl_crystal.pdbx_mosaic_method           ? 
_exptl_crystal.pdbx_mosaic_block_size       ? 
_exptl_crystal.pdbx_mosaic_block_size_esd   ? 
# 
_exptl_crystal_grow.apparatus       ? 
_exptl_crystal_grow.atmosphere      ? 
_exptl_crystal_grow.crystal_id      1 
_exptl_crystal_grow.details         ? 
_exptl_crystal_grow.method          'VAPOR DIFFUSION, HANGING DROP' 
_exptl_crystal_grow.method_ref      ? 
_exptl_crystal_grow.pH              6.0 
_exptl_crystal_grow.pressure        ? 
_exptl_crystal_grow.pressure_esd    ? 
_exptl_crystal_grow.seeding         ? 
_exptl_crystal_grow.seeding_ref     ? 
_exptl_crystal_grow.temp_details    ? 
_exptl_crystal_grow.temp_esd        ? 
_exptl_crystal_grow.time            ? 
_exptl_crystal_grow.pdbx_details    
;40 mM Sodium Cacodylate pH=6.0, 12 mM Spermine tetrahydrochloride, 12 mM NaCl, 80 mM KCl, 10% MPD mixed in a 1:1 ratio with 1 mM DNA duplex annealed in the presence of ligand. Well solution for vapor diffusion was 40% MPD
;
_exptl_crystal_grow.pdbx_pH_range   ? 
_exptl_crystal_grow.temp            295 
# 
_diffrn.ambient_environment              ? 
_diffrn.ambient_temp                     100 
_diffrn.ambient_temp_details             ? 
_diffrn.ambient_temp_esd                 ? 
_diffrn.crystal_id                       1 
_diffrn.crystal_support                  ? 
_diffrn.crystal_treatment                ? 
_diffrn.details                          ? 
_diffrn.id                               1 
_diffrn.ambient_pressure                 ? 
_diffrn.ambient_pressure_esd             ? 
_diffrn.ambient_pressure_gt              ? 
_diffrn.ambient_pressure_lt              ? 
_diffrn.ambient_temp_gt                  ? 
_diffrn.ambient_temp_lt                  ? 
_diffrn.pdbx_serial_crystal_experiment   N 
# 
_diffrn_detector.details                      ? 
_diffrn_detector.detector                     CCD 
_diffrn_detector.diffrn_id                    1 
_diffrn_detector.type                         'ADSC QUANTUM 210' 
_diffrn_detector.area_resol_mean              ? 
_diffrn_detector.dtime                        ? 
_diffrn_detector.pdbx_frames_total            ? 
_diffrn_detector.pdbx_collection_time_total   ? 
_diffrn_detector.pdbx_collection_date         2022-05-18 
_diffrn_detector.pdbx_frequency               ? 
_diffrn_detector.id                           ? 
_diffrn_detector.number_of_axes               ? 
# 
_diffrn_radiation.collimation                      ? 
_diffrn_radiation.diffrn_id                        1 
_diffrn_radiation.filter_edge                      ? 
_diffrn_radiation.inhomogeneity                    ? 
_diffrn_radiation.monochromator                    'Double Crystal Si(111)' 
_diffrn_radiation.polarisn_norm                    ? 
_diffrn_radiation.polarisn_ratio                   ? 
_diffrn_radiation.probe                            ? 
_diffrn_radiation.type                             ? 
_diffrn_radiation.xray_symbol                      ? 
_diffrn_radiation.wavelength_id                    1 
_diffrn_radiation.pdbx_monochromatic_or_laue_m_l   M 
_diffrn_radiation.pdbx_wavelength_list             ? 
_diffrn_radiation.pdbx_wavelength                  ? 
_diffrn_radiation.pdbx_diffrn_protocol             'SINGLE WAVELENGTH' 
_diffrn_radiation.pdbx_analyzer                    ? 
_diffrn_radiation.pdbx_scattering_type             x-ray 
# 
_diffrn_radiation_wavelength.id           1 
_diffrn_radiation_wavelength.wavelength   1.000030 
_diffrn_radiation_wavelength.wt           1.0 
# 
_diffrn_source.current                     ? 
_diffrn_source.details                     ? 
_diffrn_source.diffrn_id                   1 
_diffrn_source.power                       ? 
_diffrn_source.size                        ? 
_diffrn_source.source                      SYNCHROTRON 
_diffrn_source.target                      ? 
_diffrn_source.type                        'ALS BEAMLINE 8.2.1' 
_diffrn_source.voltage                     ? 
_diffrn_source.take-off_angle              ? 
_diffrn_source.pdbx_wavelength_list        1.000030 
_diffrn_source.pdbx_wavelength             ? 
_diffrn_source.pdbx_synchrotron_beamline   8.2.1 
_diffrn_source.pdbx_synchrotron_site       ALS 
# 
_reflns.B_iso_Wilson_estimate                          38.62 
_reflns.entry_id                                       8T4N 
_reflns.data_reduction_details                         ? 
_reflns.data_reduction_method                          ? 
_reflns.d_resolution_high                              1.79 
_reflns.d_resolution_low                               34.96 
_reflns.details                                        ? 
_reflns.limit_h_max                                    ? 
_reflns.limit_h_min                                    ? 
_reflns.limit_k_max                                    ? 
_reflns.limit_k_min                                    ? 
_reflns.limit_l_max                                    ? 
_reflns.limit_l_min                                    ? 
_reflns.number_all                                     ? 
_reflns.number_obs                                     6849 
_reflns.observed_criterion                             ? 
_reflns.observed_criterion_F_max                       ? 
_reflns.observed_criterion_F_min                       ? 
_reflns.observed_criterion_I_max                       ? 
_reflns.observed_criterion_I_min                       ? 
_reflns.observed_criterion_sigma_F                     ? 
_reflns.observed_criterion_sigma_I                     ? 
_reflns.percent_possible_obs                           98.52 
_reflns.R_free_details                                 ? 
_reflns.Rmerge_F_all                                   ? 
_reflns.Rmerge_F_obs                                   ? 
_reflns.Friedel_coverage                               ? 
_reflns.number_gt                                      ? 
_reflns.threshold_expression                           ? 
_reflns.pdbx_redundancy                                7.6 
_reflns.pdbx_netI_over_av_sigmaI                       ? 
_reflns.pdbx_netI_over_sigmaI                          31.49 
_reflns.pdbx_res_netI_over_av_sigmaI_2                 ? 
_reflns.pdbx_res_netI_over_sigmaI_2                    ? 
_reflns.pdbx_chi_squared                               ? 
_reflns.pdbx_scaling_rejects                           ? 
_reflns.pdbx_d_res_high_opt                            ? 
_reflns.pdbx_d_res_low_opt                             ? 
_reflns.pdbx_d_res_opt_method                          ? 
_reflns.phase_calculation_details                      ? 
_reflns.pdbx_Rrim_I_all                                0.03272 
_reflns.pdbx_Rpim_I_all                                0.01215 
_reflns.pdbx_d_opt                                     ? 
_reflns.pdbx_number_measured_all                       ? 
_reflns.pdbx_diffrn_id                                 1 
_reflns.pdbx_ordinal                                   1 
_reflns.pdbx_CC_half                                   0.999 
_reflns.pdbx_CC_star                                   1 
_reflns.pdbx_R_split                                   ? 
_reflns.pdbx_Rmerge_I_obs                              0.03026 
_reflns.pdbx_Rmerge_I_all                              ? 
_reflns.pdbx_Rsym_value                                ? 
_reflns.pdbx_CC_split_method                           ? 
_reflns.pdbx_aniso_diffraction_limit_axis_1_ortho[1]   ? 
_reflns.pdbx_aniso_diffraction_limit_axis_1_ortho[2]   ? 
_reflns.pdbx_aniso_diffraction_limit_axis_1_ortho[3]   ? 
_reflns.pdbx_aniso_diffraction_limit_axis_2_ortho[1]   ? 
_reflns.pdbx_aniso_diffraction_limit_axis_2_ortho[2]   ? 
_reflns.pdbx_aniso_diffraction_limit_axis_2_ortho[3]   ? 
_reflns.pdbx_aniso_diffraction_limit_axis_3_ortho[1]   ? 
_reflns.pdbx_aniso_diffraction_limit_axis_3_ortho[2]   ? 
_reflns.pdbx_aniso_diffraction_limit_axis_3_ortho[3]   ? 
_reflns.pdbx_aniso_diffraction_limit_1                 ? 
_reflns.pdbx_aniso_diffraction_limit_2                 ? 
_reflns.pdbx_aniso_diffraction_limit_3                 ? 
_reflns.pdbx_aniso_B_tensor_eigenvector_1_ortho[1]     ? 
_reflns.pdbx_aniso_B_tensor_eigenvector_1_ortho[2]     ? 
_reflns.pdbx_aniso_B_tensor_eigenvector_1_ortho[3]     ? 
_reflns.pdbx_aniso_B_tensor_eigenvector_2_ortho[1]     ? 
_reflns.pdbx_aniso_B_tensor_eigenvector_2_ortho[2]     ? 
_reflns.pdbx_aniso_B_tensor_eigenvector_2_ortho[3]     ? 
_reflns.pdbx_aniso_B_tensor_eigenvector_3_ortho[1]     ? 
_reflns.pdbx_aniso_B_tensor_eigenvector_3_ortho[2]     ? 
_reflns.pdbx_aniso_B_tensor_eigenvector_3_ortho[3]     ? 
_reflns.pdbx_aniso_B_tensor_eigenvalue_1               ? 
_reflns.pdbx_aniso_B_tensor_eigenvalue_2               ? 
_reflns.pdbx_aniso_B_tensor_eigenvalue_3               ? 
_reflns.pdbx_orthogonalization_convention              ? 
_reflns.pdbx_percent_possible_ellipsoidal              ? 
_reflns.pdbx_percent_possible_spherical                ? 
_reflns.pdbx_percent_possible_ellipsoidal_anomalous    ? 
_reflns.pdbx_percent_possible_spherical_anomalous      ? 
_reflns.pdbx_redundancy_anomalous                      ? 
_reflns.pdbx_CC_half_anomalous                         ? 
_reflns.pdbx_absDiff_over_sigma_anomalous              ? 
_reflns.pdbx_percent_possible_anomalous                ? 
_reflns.pdbx_observed_signal_threshold                 ? 
_reflns.pdbx_signal_type                               ? 
_reflns.pdbx_signal_details                            ? 
_reflns.pdbx_signal_software_id                        ? 
# 
_reflns_shell.d_res_high                                    1.79 
_reflns_shell.d_res_low                                     1.854 
_reflns_shell.meanI_over_sigI_all                           ? 
_reflns_shell.meanI_over_sigI_obs                           4.31 
_reflns_shell.number_measured_all                           ? 
_reflns_shell.number_measured_obs                           ? 
_reflns_shell.number_possible                               ? 
_reflns_shell.number_unique_all                             ? 
_reflns_shell.number_unique_obs                             675 
_reflns_shell.percent_possible_obs                          ? 
_reflns_shell.Rmerge_F_all                                  ? 
_reflns_shell.Rmerge_F_obs                                  ? 
_reflns_shell.meanI_over_sigI_gt                            ? 
_reflns_shell.meanI_over_uI_all                             ? 
_reflns_shell.meanI_over_uI_gt                              ? 
_reflns_shell.number_measured_gt                            ? 
_reflns_shell.number_unique_gt                              ? 
_reflns_shell.percent_possible_gt                           ? 
_reflns_shell.Rmerge_F_gt                                   ? 
_reflns_shell.Rmerge_I_gt                                   ? 
_reflns_shell.pdbx_redundancy                               7.8 
_reflns_shell.pdbx_chi_squared                              ? 
_reflns_shell.pdbx_netI_over_sigmaI_all                     ? 
_reflns_shell.pdbx_netI_over_sigmaI_obs                     ? 
_reflns_shell.pdbx_Rrim_I_all                               0.5952 
_reflns_shell.pdbx_Rpim_I_all                               0.2102 
_reflns_shell.pdbx_rejects                                  ? 
_reflns_shell.pdbx_ordinal                                  1 
_reflns_shell.pdbx_diffrn_id                                1 
_reflns_shell.pdbx_CC_half                                  0.963 
_reflns_shell.pdbx_CC_star                                  0.99 
_reflns_shell.pdbx_R_split                                  ? 
_reflns_shell.percent_possible_all                          99.56 
_reflns_shell.Rmerge_I_all                                  ? 
_reflns_shell.Rmerge_I_obs                                  0.5558 
_reflns_shell.pdbx_Rsym_value                               ? 
_reflns_shell.pdbx_percent_possible_ellipsoidal             ? 
_reflns_shell.pdbx_percent_possible_spherical               ? 
_reflns_shell.pdbx_percent_possible_ellipsoidal_anomalous   ? 
_reflns_shell.pdbx_percent_possible_spherical_anomalous     ? 
_reflns_shell.pdbx_redundancy_anomalous                     ? 
_reflns_shell.pdbx_CC_half_anomalous                        ? 
_reflns_shell.pdbx_absDiff_over_sigma_anomalous             ? 
_reflns_shell.pdbx_percent_possible_anomalous               ? 
# 
_refine.aniso_B[1][1]                            ? 
_refine.aniso_B[1][2]                            ? 
_refine.aniso_B[1][3]                            ? 
_refine.aniso_B[2][2]                            ? 
_refine.aniso_B[2][3]                            ? 
_refine.aniso_B[3][3]                            ? 
_refine.B_iso_max                                ? 
_refine.B_iso_mean                               45.34 
_refine.B_iso_min                                ? 
_refine.correlation_coeff_Fo_to_Fc               ? 
_refine.correlation_coeff_Fo_to_Fc_free          ? 
_refine.details                                  ? 
_refine.diff_density_max                         ? 
_refine.diff_density_max_esd                     ? 
_refine.diff_density_min                         ? 
_refine.diff_density_min_esd                     ? 
_refine.diff_density_rms                         ? 
_refine.diff_density_rms_esd                     ? 
_refine.entry_id                                 8T4N 
_refine.pdbx_refine_id                           'X-RAY DIFFRACTION' 
_refine.ls_abs_structure_details                 ? 
_refine.ls_abs_structure_Flack                   ? 
_refine.ls_abs_structure_Flack_esd               ? 
_refine.ls_abs_structure_Rogers                  ? 
_refine.ls_abs_structure_Rogers_esd              ? 
_refine.ls_d_res_high                            1.79 
_refine.ls_d_res_low                             34.96 
_refine.ls_extinction_coef                       ? 
_refine.ls_extinction_coef_esd                   ? 
_refine.ls_extinction_expression                 ? 
_refine.ls_extinction_method                     ? 
_refine.ls_goodness_of_fit_all                   ? 
_refine.ls_goodness_of_fit_all_esd               ? 
_refine.ls_goodness_of_fit_obs                   ? 
_refine.ls_goodness_of_fit_obs_esd               ? 
_refine.ls_hydrogen_treatment                    ? 
_refine.ls_matrix_type                           ? 
_refine.ls_number_constraints                    ? 
_refine.ls_number_parameters                     ? 
_refine.ls_number_reflns_all                     ? 
_refine.ls_number_reflns_obs                     6843 
_refine.ls_number_reflns_R_free                  684 
_refine.ls_number_reflns_R_work                  6159 
_refine.ls_number_restraints                     ? 
_refine.ls_percent_reflns_obs                    98.52 
_refine.ls_percent_reflns_R_free                 10.00 
_refine.ls_R_factor_all                          ? 
_refine.ls_R_factor_obs                          0.2203 
_refine.ls_R_factor_R_free                       0.2471 
_refine.ls_R_factor_R_free_error                 ? 
_refine.ls_R_factor_R_free_error_details         ? 
_refine.ls_R_factor_R_work                       0.2171 
_refine.ls_R_Fsqd_factor_obs                     ? 
_refine.ls_R_I_factor_obs                        ? 
_refine.ls_redundancy_reflns_all                 ? 
_refine.ls_redundancy_reflns_obs                 ? 
_refine.ls_restrained_S_all                      ? 
_refine.ls_restrained_S_obs                      ? 
_refine.ls_shift_over_esd_max                    ? 
_refine.ls_shift_over_esd_mean                   ? 
_refine.ls_structure_factor_coef                 ? 
_refine.ls_weighting_details                     ? 
_refine.ls_weighting_scheme                      ? 
_refine.ls_wR_factor_all                         ? 
_refine.ls_wR_factor_obs                         ? 
_refine.ls_wR_factor_R_free                      ? 
_refine.ls_wR_factor_R_work                      ? 
_refine.occupancy_max                            ? 
_refine.occupancy_min                            ? 
_refine.solvent_model_details                    'FLAT BULK SOLVENT MODEL' 
_refine.solvent_model_param_bsol                 ? 
_refine.solvent_model_param_ksol                 ? 
_refine.pdbx_R_complete                          ? 
_refine.ls_R_factor_gt                           ? 
_refine.ls_goodness_of_fit_gt                    ? 
_refine.ls_goodness_of_fit_ref                   ? 
_refine.ls_shift_over_su_max                     ? 
_refine.ls_shift_over_su_max_lt                  ? 
_refine.ls_shift_over_su_mean                    ? 
_refine.ls_shift_over_su_mean_lt                 ? 
_refine.pdbx_ls_sigma_I                          ? 
_refine.pdbx_ls_sigma_F                          1.35 
_refine.pdbx_ls_sigma_Fsqd                       ? 
_refine.pdbx_data_cutoff_high_absF               ? 
_refine.pdbx_data_cutoff_high_rms_absF           ? 
_refine.pdbx_data_cutoff_low_absF                ? 
_refine.pdbx_isotropic_thermal_model             ? 
_refine.pdbx_ls_cross_valid_method               'FREE R-VALUE' 
_refine.pdbx_method_to_determine_struct          'MOLECULAR REPLACEMENT' 
_refine.pdbx_starting_model                      ? 
_refine.pdbx_stereochemistry_target_values       'GeoStd + Monomer Library + CDL v1.2' 
_refine.pdbx_R_Free_selection_details            ? 
_refine.pdbx_stereochem_target_val_spec_case     ? 
_refine.pdbx_overall_ESU_R                       ? 
_refine.pdbx_overall_ESU_R_Free                  ? 
_refine.pdbx_solvent_vdw_probe_radii             1.1100 
_refine.pdbx_solvent_ion_probe_radii             ? 
_refine.pdbx_solvent_shrinkage_radii             0.9000 
_refine.pdbx_real_space_R                        ? 
_refine.pdbx_density_correlation                 ? 
_refine.pdbx_pd_number_of_powder_patterns        ? 
_refine.pdbx_pd_number_of_points                 ? 
_refine.pdbx_pd_meas_number_of_points            ? 
_refine.pdbx_pd_proc_ls_prof_R_factor            ? 
_refine.pdbx_pd_proc_ls_prof_wR_factor           ? 
_refine.pdbx_pd_Marquardt_correlation_coeff      ? 
_refine.pdbx_pd_Fsqrd_R_factor                   ? 
_refine.pdbx_pd_ls_matrix_band_width             ? 
_refine.pdbx_overall_phase_error                 30.0074 
_refine.pdbx_overall_SU_R_free_Cruickshank_DPI   ? 
_refine.pdbx_overall_SU_R_free_Blow_DPI          ? 
_refine.pdbx_overall_SU_R_Blow_DPI               ? 
_refine.pdbx_TLS_residual_ADP_flag               ? 
_refine.pdbx_diffrn_id                           1 
_refine.overall_SU_B                             ? 
_refine.overall_SU_ML                            0.2159 
_refine.overall_SU_R_Cruickshank_DPI             ? 
_refine.overall_SU_R_free                        ? 
_refine.overall_FOM_free_R_set                   ? 
_refine.overall_FOM_work_R_set                   ? 
_refine.pdbx_average_fsc_overall                 ? 
_refine.pdbx_average_fsc_work                    ? 
_refine.pdbx_average_fsc_free                    ? 
# 
_refine_hist.pdbx_refine_id                   'X-RAY DIFFRACTION' 
_refine_hist.cycle_id                         LAST 
_refine_hist.details                          ? 
_refine_hist.d_res_high                       1.79 
_refine_hist.d_res_low                        34.96 
_refine_hist.number_atoms_solvent             32 
_refine_hist.number_atoms_total               547 
_refine_hist.number_reflns_all                ? 
_refine_hist.number_reflns_obs                ? 
_refine_hist.number_reflns_R_free             ? 
_refine_hist.number_reflns_R_work             ? 
_refine_hist.R_factor_all                     ? 
_refine_hist.R_factor_obs                     ? 
_refine_hist.R_factor_R_free                  ? 
_refine_hist.R_factor_R_work                  ? 
_refine_hist.pdbx_number_residues_total       ? 
_refine_hist.pdbx_B_iso_mean_ligand           ? 
_refine_hist.pdbx_B_iso_mean_solvent          ? 
_refine_hist.pdbx_number_atoms_protein        0 
_refine_hist.pdbx_number_atoms_nucleic_acid   486 
_refine_hist.pdbx_number_atoms_ligand         29 
_refine_hist.pdbx_number_atoms_lipid          ? 
_refine_hist.pdbx_number_atoms_carb           ? 
_refine_hist.pdbx_pseudo_atom_details         ? 
# 
loop_
_refine_ls_restr.pdbx_refine_id 
_refine_ls_restr.criterion 
_refine_ls_restr.dev_ideal 
_refine_ls_restr.dev_ideal_target 
_refine_ls_restr.number 
_refine_ls_restr.rejects 
_refine_ls_restr.type 
_refine_ls_restr.weight 
_refine_ls_restr.pdbx_restraint_function 
'X-RAY DIFFRACTION' ? 0.0134  ? 577 ? f_bond_d           ? ? 
'X-RAY DIFFRACTION' ? 1.6535  ? 885 ? f_angle_d          ? ? 
'X-RAY DIFFRACTION' ? 0.0766  ? 94  ? f_chiral_restr     ? ? 
'X-RAY DIFFRACTION' ? 0.0161  ? 30  ? f_plane_restr      ? ? 
'X-RAY DIFFRACTION' ? 29.1857 ? 259 ? f_dihedral_angle_d ? ? 
# 
_refine_ls_restr_ncs.pdbx_ordinal        1 
_refine_ls_restr_ncs.pdbx_refine_id      'X-RAY DIFFRACTION' 
_refine_ls_restr_ncs.dom_id              d_2 
_refine_ls_restr_ncs.pdbx_ens_id         ens_1 
_refine_ls_restr_ncs.rms_dev_position    1.6976999752 
_refine_ls_restr_ncs.weight_position     ? 
_refine_ls_restr_ncs.rms_dev_B_iso       ? 
_refine_ls_restr_ncs.weight_B_iso        ? 
_refine_ls_restr_ncs.pdbx_type           'Torsion NCS' 
_refine_ls_restr_ncs.pdbx_asym_id        A 
_refine_ls_restr_ncs.pdbx_auth_asym_id   A 
_refine_ls_restr_ncs.pdbx_number         ? 
_refine_ls_restr_ncs.pdbx_rms            ? 
_refine_ls_restr_ncs.pdbx_weight         ? 
_refine_ls_restr_ncs.ncs_model_details   ? 
# 
loop_
_refine_ls_shell.pdbx_refine_id 
_refine_ls_shell.d_res_high 
_refine_ls_shell.d_res_low 
_refine_ls_shell.number_reflns_all 
_refine_ls_shell.number_reflns_obs 
_refine_ls_shell.number_reflns_R_free 
_refine_ls_shell.number_reflns_R_work 
_refine_ls_shell.percent_reflns_obs 
_refine_ls_shell.percent_reflns_R_free 
_refine_ls_shell.R_factor_all 
_refine_ls_shell.R_factor_obs 
_refine_ls_shell.R_factor_R_free_error 
_refine_ls_shell.R_factor_R_work 
_refine_ls_shell.redundancy_reflns_all 
_refine_ls_shell.redundancy_reflns_obs 
_refine_ls_shell.wR_factor_all 
_refine_ls_shell.wR_factor_obs 
_refine_ls_shell.wR_factor_R_free 
_refine_ls_shell.wR_factor_R_work 
_refine_ls_shell.pdbx_R_complete 
_refine_ls_shell.pdbx_total_number_of_bins_used 
_refine_ls_shell.pdbx_phase_error 
_refine_ls_shell.pdbx_fsc_work 
_refine_ls_shell.pdbx_fsc_free 
_refine_ls_shell.R_factor_R_free 
'X-RAY DIFFRACTION' 1.79 1.93  . . 134 1210 99.70  . . . . 0.2705 . . . . . . . . . . . 0.3197 
'X-RAY DIFFRACTION' 1.93 2.12  . . 137 1230 99.78  . . . . 0.2820 . . . . . . . . . . . 0.3405 
'X-RAY DIFFRACTION' 2.12 2.43  . . 137 1228 100.00 . . . . 0.2688 . . . . . . . . . . . 0.3056 
'X-RAY DIFFRACTION' 2.43 3.06  . . 138 1241 99.93  . . . . 0.2654 . . . . . . . . . . . 0.3306 
'X-RAY DIFFRACTION' 3.06 34.96 . . 138 1250 93.66  . . . . 0.1821 . . . . . . . . . . . 0.1941 
# 
_struct_ncs_oper.id             1 
_struct_ncs_oper.code           given 
_struct_ncs_oper.matrix[1][1]   -0.916835463322 
_struct_ncs_oper.matrix[1][2]   -0.23534558822 
_struct_ncs_oper.matrix[1][3]   -0.322529358818 
_struct_ncs_oper.matrix[2][1]   -0.209521640337 
_struct_ncs_oper.matrix[2][2]   -0.404043982921 
_struct_ncs_oper.matrix[2][3]   0.890420766883 
_struct_ncs_oper.matrix[3][1]   -0.339872645890 
_struct_ncs_oper.matrix[3][2]   0.883946216674 
_struct_ncs_oper.matrix[3][3]   0.321131858594 
_struct_ncs_oper.vector[1]      0.2652261371 
_struct_ncs_oper.vector[2]      -0.1903751689 
_struct_ncs_oper.vector[3]      -0.0568230293 
_struct_ncs_oper.details        ? 
# 
loop_
_struct_ncs_dom.pdbx_ens_id 
_struct_ncs_dom.id 
_struct_ncs_dom.details 
ens_1 d_1 
;(chain "A" and resid 1 through 12)
;
ens_1 d_2 
;chain "B"
;
# 
loop_
_struct_ncs_dom_lim.pdbx_ens_id 
_struct_ncs_dom_lim.dom_id 
_struct_ncs_dom_lim.pdbx_component_id 
_struct_ncs_dom_lim.beg_label_asym_id 
_struct_ncs_dom_lim.beg_label_comp_id 
_struct_ncs_dom_lim.beg_label_seq_id 
_struct_ncs_dom_lim.beg_label_alt_id 
_struct_ncs_dom_lim.end_label_asym_id 
_struct_ncs_dom_lim.end_label_comp_id 
_struct_ncs_dom_lim.end_label_seq_id 
_struct_ncs_dom_lim.end_label_alt_id 
_struct_ncs_dom_lim.beg_auth_asym_id 
_struct_ncs_dom_lim.beg_auth_comp_id 
_struct_ncs_dom_lim.beg_auth_seq_id 
_struct_ncs_dom_lim.end_auth_asym_id 
_struct_ncs_dom_lim.end_auth_comp_id 
_struct_ncs_dom_lim.end_auth_seq_id 
_struct_ncs_dom_lim.pdbx_refine_code 
_struct_ncs_dom_lim.selection_details 
ens_1 d_1 1 A DC 1 . A DG 2 . A DC 1  A DG 2  ? ? 
ens_1 d_2 1 B DC 1 . B DG 2 . B DC 13 B DG 14 ? ? 
# 
_struct_ncs_ens.id        ens_1 
_struct_ncs_ens.details   ? 
# 
_struct_ncs_ens_gen.ens_id     ens_1 
_struct_ncs_ens_gen.dom_id_1   d_2 
_struct_ncs_ens_gen.dom_id_2   d_1 
_struct_ncs_ens_gen.oper_id    1 
# 
_struct.entry_id                     8T4N 
_struct.title                        
;DB1976 Bound to the DNA Sequence 5'-CGCGAATTCGCG-3
;
_struct.pdbx_model_details           ? 
_struct.pdbx_formula_weight          ? 
_struct.pdbx_formula_weight_method   ? 
_struct.pdbx_model_type_details      ? 
_struct.pdbx_CASP_flag               N 
# 
_struct_keywords.entry_id        8T4N 
_struct_keywords.text            'ETS family, ETS, PU.1, diamidine, minor groove binder, DNA' 
_struct_keywords.pdbx_keywords   DNA 
# 
loop_
_struct_asym.id 
_struct_asym.pdbx_blank_PDB_chainid_flag 
_struct_asym.pdbx_modified 
_struct_asym.entity_id 
_struct_asym.details 
A N N 1 ? 
B N N 1 ? 
C N N 2 ? 
D N N 3 ? 
E N N 3 ? 
# 
_struct_ref.id                         1 
_struct_ref.db_name                    PDB 
_struct_ref.db_code                    8T4N 
_struct_ref.pdbx_db_accession          8T4N 
_struct_ref.pdbx_db_isoform            ? 
_struct_ref.entity_id                  1 
_struct_ref.pdbx_seq_one_letter_code   ? 
_struct_ref.pdbx_align_begin           1 
# 
loop_
_struct_ref_seq.align_id 
_struct_ref_seq.ref_id 
_struct_ref_seq.pdbx_PDB_id_code 
_struct_ref_seq.pdbx_strand_id 
_struct_ref_seq.seq_align_beg 
_struct_ref_seq.pdbx_seq_align_beg_ins_code 
_struct_ref_seq.seq_align_end 
_struct_ref_seq.pdbx_seq_align_end_ins_code 
_struct_ref_seq.pdbx_db_accession 
_struct_ref_seq.db_align_beg 
_struct_ref_seq.pdbx_db_align_beg_ins_code 
_struct_ref_seq.db_align_end 
_struct_ref_seq.pdbx_db_align_end_ins_code 
_struct_ref_seq.pdbx_auth_seq_align_beg 
_struct_ref_seq.pdbx_auth_seq_align_end 
1 1 8T4N A 1 ? 12 ? 8T4N 1  ? 12 ? 1  12 
2 1 8T4N B 1 ? 12 ? 8T4N 13 ? 24 ? 13 24 
# 
_pdbx_struct_assembly.id                   1 
_pdbx_struct_assembly.details              author_defined_assembly 
_pdbx_struct_assembly.method_details       ? 
_pdbx_struct_assembly.oligomeric_details   dimeric 
_pdbx_struct_assembly.oligomeric_count     2 
# 
_pdbx_struct_assembly_gen.assembly_id       1 
_pdbx_struct_assembly_gen.oper_expression   1 
_pdbx_struct_assembly_gen.asym_id_list      A,B,C,D,E 
# 
_pdbx_struct_oper_list.id                   1 
_pdbx_struct_oper_list.type                 'identity operation' 
_pdbx_struct_oper_list.name                 1_555 
_pdbx_struct_oper_list.symmetry_operation   x,y,z 
_pdbx_struct_oper_list.matrix[1][1]         1.0000000000 
_pdbx_struct_oper_list.matrix[1][2]         0.0000000000 
_pdbx_struct_oper_list.matrix[1][3]         0.0000000000 
_pdbx_struct_oper_list.vector[1]            0.0000000000 
_pdbx_struct_oper_list.matrix[2][1]         0.0000000000 
_pdbx_struct_oper_list.matrix[2][2]         1.0000000000 
_pdbx_struct_oper_list.matrix[2][3]         0.0000000000 
_pdbx_struct_oper_list.vector[2]            0.0000000000 
_pdbx_struct_oper_list.matrix[3][1]         0.0000000000 
_pdbx_struct_oper_list.matrix[3][2]         0.0000000000 
_pdbx_struct_oper_list.matrix[3][3]         1.0000000000 
_pdbx_struct_oper_list.vector[3]            0.0000000000 
# 
loop_
_struct_conn.id 
_struct_conn.conn_type_id 
_struct_conn.pdbx_leaving_atom_flag 
_struct_conn.pdbx_PDB_id 
_struct_conn.ptnr1_label_asym_id 
_struct_conn.ptnr1_label_comp_id 
_struct_conn.ptnr1_label_seq_id 
_struct_conn.ptnr1_label_atom_id 
_struct_conn.pdbx_ptnr1_label_alt_id 
_struct_conn.pdbx_ptnr1_PDB_ins_code 
_struct_conn.pdbx_ptnr1_standard_comp_id 
_struct_conn.ptnr1_symmetry 
_struct_conn.ptnr2_label_asym_id 
_struct_conn.ptnr2_label_comp_id 
_struct_conn.ptnr2_label_seq_id 
_struct_conn.ptnr2_label_atom_id 
_struct_conn.pdbx_ptnr2_label_alt_id 
_struct_conn.pdbx_ptnr2_PDB_ins_code 
_struct_conn.ptnr1_auth_asym_id 
_struct_conn.ptnr1_auth_comp_id 
_struct_conn.ptnr1_auth_seq_id 
_struct_conn.ptnr2_auth_asym_id 
_struct_conn.ptnr2_auth_comp_id 
_struct_conn.ptnr2_auth_seq_id 
_struct_conn.ptnr2_symmetry 
_struct_conn.pdbx_ptnr3_label_atom_id 
_struct_conn.pdbx_ptnr3_label_seq_id 
_struct_conn.pdbx_ptnr3_label_comp_id 
_struct_conn.pdbx_ptnr3_label_asym_id 
_struct_conn.pdbx_ptnr3_label_alt_id 
_struct_conn.pdbx_ptnr3_PDB_ins_code 
_struct_conn.details 
_struct_conn.pdbx_dist_value 
_struct_conn.pdbx_value_order 
_struct_conn.pdbx_role 
hydrog1  hydrog ? ? A DC 1  N3 ? ? ? 1_555 B DG 12 N1 ? ? A DC 1  B DG 24 1_555 ? ? ? ? ? ? WATSON-CRICK ? ? ? 
hydrog2  hydrog ? ? A DC 1  N4 ? ? ? 1_555 B DG 12 O6 ? ? A DC 1  B DG 24 1_555 ? ? ? ? ? ? WATSON-CRICK ? ? ? 
hydrog3  hydrog ? ? A DC 1  O2 ? ? ? 1_555 B DG 12 N2 ? ? A DC 1  B DG 24 1_555 ? ? ? ? ? ? WATSON-CRICK ? ? ? 
hydrog4  hydrog ? ? A DG 2  N1 ? ? ? 1_555 B DC 11 N3 ? ? A DG 2  B DC 23 1_555 ? ? ? ? ? ? WATSON-CRICK ? ? ? 
hydrog5  hydrog ? ? A DG 2  N2 ? ? ? 1_555 B DC 11 O2 ? ? A DG 2  B DC 23 1_555 ? ? ? ? ? ? WATSON-CRICK ? ? ? 
hydrog6  hydrog ? ? A DG 2  O6 ? ? ? 1_555 B DC 11 N4 ? ? A DG 2  B DC 23 1_555 ? ? ? ? ? ? WATSON-CRICK ? ? ? 
hydrog7  hydrog ? ? A DC 3  N3 ? ? ? 1_555 B DG 10 N1 ? ? A DC 3  B DG 22 1_555 ? ? ? ? ? ? WATSON-CRICK ? ? ? 
hydrog8  hydrog ? ? A DC 3  N4 ? ? ? 1_555 B DG 10 O6 ? ? A DC 3  B DG 22 1_555 ? ? ? ? ? ? WATSON-CRICK ? ? ? 
hydrog9  hydrog ? ? A DC 3  O2 ? ? ? 1_555 B DG 10 N2 ? ? A DC 3  B DG 22 1_555 ? ? ? ? ? ? WATSON-CRICK ? ? ? 
hydrog10 hydrog ? ? A DG 4  N1 ? ? ? 1_555 B DC 9  N3 ? ? A DG 4  B DC 21 1_555 ? ? ? ? ? ? WATSON-CRICK ? ? ? 
hydrog11 hydrog ? ? A DG 4  N2 ? ? ? 1_555 B DC 9  O2 ? ? A DG 4  B DC 21 1_555 ? ? ? ? ? ? WATSON-CRICK ? ? ? 
hydrog12 hydrog ? ? A DG 4  O6 ? ? ? 1_555 B DC 9  N4 ? ? A DG 4  B DC 21 1_555 ? ? ? ? ? ? WATSON-CRICK ? ? ? 
hydrog13 hydrog ? ? A DA 5  N1 ? ? ? 1_555 B DT 8  N3 ? ? A DA 5  B DT 20 1_555 ? ? ? ? ? ? WATSON-CRICK ? ? ? 
hydrog14 hydrog ? ? A DA 5  N6 ? ? ? 1_555 B DT 8  O4 ? ? A DA 5  B DT 20 1_555 ? ? ? ? ? ? WATSON-CRICK ? ? ? 
hydrog15 hydrog ? ? A DA 6  N1 ? ? ? 1_555 B DT 7  N3 ? ? A DA 6  B DT 19 1_555 ? ? ? ? ? ? WATSON-CRICK ? ? ? 
hydrog16 hydrog ? ? A DA 6  N6 ? ? ? 1_555 B DT 7  O4 ? ? A DA 6  B DT 19 1_555 ? ? ? ? ? ? WATSON-CRICK ? ? ? 
hydrog17 hydrog ? ? A DT 7  N3 ? ? ? 1_555 B DA 6  N1 ? ? A DT 7  B DA 18 1_555 ? ? ? ? ? ? WATSON-CRICK ? ? ? 
hydrog18 hydrog ? ? A DT 7  O4 ? ? ? 1_555 B DA 6  N6 ? ? A DT 7  B DA 18 1_555 ? ? ? ? ? ? WATSON-CRICK ? ? ? 
hydrog19 hydrog ? ? A DT 8  N3 ? ? ? 1_555 B DA 5  N1 ? ? A DT 8  B DA 17 1_555 ? ? ? ? ? ? WATSON-CRICK ? ? ? 
hydrog20 hydrog ? ? A DT 8  O4 ? ? ? 1_555 B DA 5  N6 ? ? A DT 8  B DA 17 1_555 ? ? ? ? ? ? WATSON-CRICK ? ? ? 
hydrog21 hydrog ? ? A DC 9  N3 ? ? ? 1_555 B DG 4  N1 ? ? A DC 9  B DG 16 1_555 ? ? ? ? ? ? WATSON-CRICK ? ? ? 
hydrog22 hydrog ? ? A DC 9  N4 ? ? ? 1_555 B DG 4  O6 ? ? A DC 9  B DG 16 1_555 ? ? ? ? ? ? WATSON-CRICK ? ? ? 
hydrog23 hydrog ? ? A DC 9  O2 ? ? ? 1_555 B DG 4  N2 ? ? A DC 9  B DG 16 1_555 ? ? ? ? ? ? WATSON-CRICK ? ? ? 
hydrog24 hydrog ? ? A DG 10 N1 ? ? ? 1_555 B DC 3  N3 ? ? A DG 10 B DC 15 1_555 ? ? ? ? ? ? WATSON-CRICK ? ? ? 
hydrog25 hydrog ? ? A DG 10 N2 ? ? ? 1_555 B DC 3  O2 ? ? A DG 10 B DC 15 1_555 ? ? ? ? ? ? WATSON-CRICK ? ? ? 
hydrog26 hydrog ? ? A DG 10 O6 ? ? ? 1_555 B DC 3  N4 ? ? A DG 10 B DC 15 1_555 ? ? ? ? ? ? WATSON-CRICK ? ? ? 
hydrog27 hydrog ? ? A DC 11 N3 ? ? ? 1_555 B DG 2  N1 ? ? A DC 11 B DG 14 1_555 ? ? ? ? ? ? WATSON-CRICK ? ? ? 
hydrog28 hydrog ? ? A DC 11 N4 ? ? ? 1_555 B DG 2  O6 ? ? A DC 11 B DG 14 1_555 ? ? ? ? ? ? WATSON-CRICK ? ? ? 
hydrog29 hydrog ? ? A DC 11 O2 ? ? ? 1_555 B DG 2  N2 ? ? A DC 11 B DG 14 1_555 ? ? ? ? ? ? WATSON-CRICK ? ? ? 
hydrog30 hydrog ? ? A DG 12 N1 ? ? ? 1_555 B DC 1  N3 ? ? A DG 12 B DC 13 1_555 ? ? ? ? ? ? WATSON-CRICK ? ? ? 
hydrog31 hydrog ? ? A DG 12 N2 ? ? ? 1_555 B DC 1  O2 ? ? A DG 12 B DC 13 1_555 ? ? ? ? ? ? WATSON-CRICK ? ? ? 
hydrog32 hydrog ? ? A DG 12 O6 ? ? ? 1_555 B DC 1  N4 ? ? A DG 12 B DC 13 1_555 ? ? ? ? ? ? WATSON-CRICK ? ? ? 
# 
_struct_conn_type.id          hydrog 
_struct_conn_type.criteria    ? 
_struct_conn_type.reference   ? 
# 
_pdbx_validate_close_contact.id               1 
_pdbx_validate_close_contact.PDB_model_num    1 
_pdbx_validate_close_contact.auth_atom_id_1   O 
_pdbx_validate_close_contact.auth_asym_id_1   B 
_pdbx_validate_close_contact.auth_comp_id_1   HOH 
_pdbx_validate_close_contact.auth_seq_id_1    105 
_pdbx_validate_close_contact.PDB_ins_code_1   ? 
_pdbx_validate_close_contact.label_alt_id_1   ? 
_pdbx_validate_close_contact.auth_atom_id_2   O 
_pdbx_validate_close_contact.auth_asym_id_2   B 
_pdbx_validate_close_contact.auth_comp_id_2   HOH 
_pdbx_validate_close_contact.auth_seq_id_2    107 
_pdbx_validate_close_contact.PDB_ins_code_2   ? 
_pdbx_validate_close_contact.label_alt_id_2   ? 
_pdbx_validate_close_contact.dist             2.17 
# 
loop_
_pdbx_validate_rmsd_bond.id 
_pdbx_validate_rmsd_bond.PDB_model_num 
_pdbx_validate_rmsd_bond.auth_atom_id_1 
_pdbx_validate_rmsd_bond.auth_asym_id_1 
_pdbx_validate_rmsd_bond.auth_comp_id_1 
_pdbx_validate_rmsd_bond.auth_seq_id_1 
_pdbx_validate_rmsd_bond.PDB_ins_code_1 
_pdbx_validate_rmsd_bond.label_alt_id_1 
_pdbx_validate_rmsd_bond.auth_atom_id_2 
_pdbx_validate_rmsd_bond.auth_asym_id_2 
_pdbx_validate_rmsd_bond.auth_comp_id_2 
_pdbx_validate_rmsd_bond.auth_seq_id_2 
_pdbx_validate_rmsd_bond.PDB_ins_code_2 
_pdbx_validate_rmsd_bond.label_alt_id_2 
_pdbx_validate_rmsd_bond.bond_value 
_pdbx_validate_rmsd_bond.bond_target_value 
_pdbx_validate_rmsd_bond.bond_deviation 
_pdbx_validate_rmsd_bond.bond_standard_deviation 
_pdbx_validate_rmsd_bond.linker_flag 
1 1 "O3'" B DG 14 ? ? "C3'" B DG 14 ? ? 1.377 1.419 -0.042 0.006 N 
2 1 "O3'" B DT 19 ? ? "C3'" B DT 19 ? ? 1.381 1.419 -0.038 0.006 N 
# 
loop_
_pdbx_validate_rmsd_angle.id 
_pdbx_validate_rmsd_angle.PDB_model_num 
_pdbx_validate_rmsd_angle.auth_atom_id_1 
_pdbx_validate_rmsd_angle.auth_asym_id_1 
_pdbx_validate_rmsd_angle.auth_comp_id_1 
_pdbx_validate_rmsd_angle.auth_seq_id_1 
_pdbx_validate_rmsd_angle.PDB_ins_code_1 
_pdbx_validate_rmsd_angle.label_alt_id_1 
_pdbx_validate_rmsd_angle.auth_atom_id_2 
_pdbx_validate_rmsd_angle.auth_asym_id_2 
_pdbx_validate_rmsd_angle.auth_comp_id_2 
_pdbx_validate_rmsd_angle.auth_seq_id_2 
_pdbx_validate_rmsd_angle.PDB_ins_code_2 
_pdbx_validate_rmsd_angle.label_alt_id_2 
_pdbx_validate_rmsd_angle.auth_atom_id_3 
_pdbx_validate_rmsd_angle.auth_asym_id_3 
_pdbx_validate_rmsd_angle.auth_comp_id_3 
_pdbx_validate_rmsd_angle.auth_seq_id_3 
_pdbx_validate_rmsd_angle.PDB_ins_code_3 
_pdbx_validate_rmsd_angle.label_alt_id_3 
_pdbx_validate_rmsd_angle.angle_value 
_pdbx_validate_rmsd_angle.angle_target_value 
_pdbx_validate_rmsd_angle.angle_deviation 
_pdbx_validate_rmsd_angle.angle_standard_deviation 
_pdbx_validate_rmsd_angle.linker_flag 
1 1 "O4'" A DC 1  ? ? "C1'" A DC 1  ? ? N1    A DC 1  ? ? 110.61 108.30 2.31  0.30 N 
2 1 "C3'" B DG 22 ? ? "C2'" B DG 22 ? ? "C1'" B DG 22 ? ? 97.26  102.40 -5.14 0.80 N 
3 1 "O4'" B DG 22 ? ? "C1'" B DG 22 ? ? N9    B DG 22 ? ? 111.17 108.30 2.87  0.30 N 
# 
loop_
_space_group_symop.id 
_space_group_symop.operation_xyz 
1 x,y,z           
2 x+1/2,-y+1/2,-z 
3 -x,y+1/2,-z+1/2 
4 -x+1/2,-y,z+1/2 
# 
_pdbx_refine_tls.id               1 
_pdbx_refine_tls.pdbx_refine_id   'X-RAY DIFFRACTION' 
_pdbx_refine_tls.details          ? 
_pdbx_refine_tls.method           refined 
_pdbx_refine_tls.origin_x         0.0060558991 
_pdbx_refine_tls.origin_y         0.0434377414 
_pdbx_refine_tls.origin_z         -0.02778181194 
_pdbx_refine_tls.T[1][1]          0.354110841003 
_pdbx_refine_tls.T[1][1]_esd      ? 
_pdbx_refine_tls.T[1][2]          0.031608217203 
_pdbx_refine_tls.T[1][2]_esd      ? 
_pdbx_refine_tls.T[1][3]          0.012605737063 
_pdbx_refine_tls.T[1][3]_esd      ? 
_pdbx_refine_tls.T[2][2]          0.338140302470 
_pdbx_refine_tls.T[2][2]_esd      ? 
_pdbx_refine_tls.T[2][3]          0.012344127363 
_pdbx_refine_tls.T[2][3]_esd      ? 
_pdbx_refine_tls.T[3][3]          0.380260653139 
_pdbx_refine_tls.T[3][3]_esd      ? 
_pdbx_refine_tls.L[1][1]          2.40377487230 
_pdbx_refine_tls.L[1][1]_esd      ? 
_pdbx_refine_tls.L[1][2]          -2.537781328644 
_pdbx_refine_tls.L[1][2]_esd      ? 
_pdbx_refine_tls.L[1][3]          1.615575086229 
_pdbx_refine_tls.L[1][3]_esd      ? 
_pdbx_refine_tls.L[2][2]          2.79305453144 
_pdbx_refine_tls.L[2][2]_esd      ? 
_pdbx_refine_tls.L[2][3]          -1.16211367140 
_pdbx_refine_tls.L[2][3]_esd      ? 
_pdbx_refine_tls.L[3][3]          3.31937638370 
_pdbx_refine_tls.L[3][3]_esd      ? 
_pdbx_refine_tls.S[1][1]          -0.010310525086 
_pdbx_refine_tls.S[1][1]_esd      ? 
_pdbx_refine_tls.S[1][2]          0.281402448678 
_pdbx_refine_tls.S[1][2]_esd      ? 
_pdbx_refine_tls.S[1][3]          -0.402843753764 
_pdbx_refine_tls.S[1][3]_esd      ? 
_pdbx_refine_tls.S[2][1]          0.012020416073 
_pdbx_refine_tls.S[2][1]_esd      ? 
_pdbx_refine_tls.S[2][2]          -0.017179958732 
_pdbx_refine_tls.S[2][2]_esd      ? 
_pdbx_refine_tls.S[2][3]          0.348286289087 
_pdbx_refine_tls.S[2][3]_esd      ? 
_pdbx_refine_tls.S[3][1]          0.145956639824 
_pdbx_refine_tls.S[3][1]_esd      ? 
_pdbx_refine_tls.S[3][2]          0.276145490033 
_pdbx_refine_tls.S[3][2]_esd      ? 
_pdbx_refine_tls.S[3][3]          0.055679539920 
_pdbx_refine_tls.S[3][3]_esd      ? 
# 
_pdbx_refine_tls_group.id                  1 
_pdbx_refine_tls_group.pdbx_refine_id      'X-RAY DIFFRACTION' 
_pdbx_refine_tls_group.refine_tls_id       1 
_pdbx_refine_tls_group.beg_label_asym_id   A 
_pdbx_refine_tls_group.beg_label_seq_id    ? 
_pdbx_refine_tls_group.beg_auth_asym_id    A 
_pdbx_refine_tls_group.beg_auth_seq_id     1 
_pdbx_refine_tls_group.beg_PDB_ins_code    ? 
_pdbx_refine_tls_group.end_label_asym_id   D 
_pdbx_refine_tls_group.end_label_seq_id    ? 
_pdbx_refine_tls_group.end_auth_asym_id    S 
_pdbx_refine_tls_group.end_auth_seq_id     40 
_pdbx_refine_tls_group.end_PDB_ins_code    ? 
_pdbx_refine_tls_group.selection           ? 
_pdbx_refine_tls_group.selection_details   all 
# 
_pdbx_entry_details.entry_id                 8T4N 
_pdbx_entry_details.has_ligand_of_interest   Y 
_pdbx_entry_details.compound_details         ? 
_pdbx_entry_details.source_details           ? 
_pdbx_entry_details.nonpolymer_details       ? 
_pdbx_entry_details.sequence_details         ? 
# 
loop_
_chem_comp_atom.comp_id 
_chem_comp_atom.atom_id 
_chem_comp_atom.type_symbol 
_chem_comp_atom.pdbx_aromatic_flag 
_chem_comp_atom.pdbx_stereo_config 
_chem_comp_atom.pdbx_ordinal 
DA  OP3    O  N N 1   
DA  P      P  N N 2   
DA  OP1    O  N N 3   
DA  OP2    O  N N 4   
DA  "O5'"  O  N N 5   
DA  "C5'"  C  N N 6   
DA  "C4'"  C  N R 7   
DA  "O4'"  O  N N 8   
DA  "C3'"  C  N S 9   
DA  "O3'"  O  N N 10  
DA  "C2'"  C  N N 11  
DA  "C1'"  C  N R 12  
DA  N9     N  Y N 13  
DA  C8     C  Y N 14  
DA  N7     N  Y N 15  
DA  C5     C  Y N 16  
DA  C6     C  Y N 17  
DA  N6     N  N N 18  
DA  N1     N  Y N 19  
DA  C2     C  Y N 20  
DA  N3     N  Y N 21  
DA  C4     C  Y N 22  
DA  HOP3   H  N N 23  
DA  HOP2   H  N N 24  
DA  "H5'"  H  N N 25  
DA  "H5''" H  N N 26  
DA  "H4'"  H  N N 27  
DA  "H3'"  H  N N 28  
DA  "HO3'" H  N N 29  
DA  "H2'"  H  N N 30  
DA  "H2''" H  N N 31  
DA  "H1'"  H  N N 32  
DA  H8     H  N N 33  
DA  H61    H  N N 34  
DA  H62    H  N N 35  
DA  H2     H  N N 36  
DC  OP3    O  N N 37  
DC  P      P  N N 38  
DC  OP1    O  N N 39  
DC  OP2    O  N N 40  
DC  "O5'"  O  N N 41  
DC  "C5'"  C  N N 42  
DC  "C4'"  C  N R 43  
DC  "O4'"  O  N N 44  
DC  "C3'"  C  N S 45  
DC  "O3'"  O  N N 46  
DC  "C2'"  C  N N 47  
DC  "C1'"  C  N R 48  
DC  N1     N  N N 49  
DC  C2     C  N N 50  
DC  O2     O  N N 51  
DC  N3     N  N N 52  
DC  C4     C  N N 53  
DC  N4     N  N N 54  
DC  C5     C  N N 55  
DC  C6     C  N N 56  
DC  HOP3   H  N N 57  
DC  HOP2   H  N N 58  
DC  "H5'"  H  N N 59  
DC  "H5''" H  N N 60  
DC  "H4'"  H  N N 61  
DC  "H3'"  H  N N 62  
DC  "HO3'" H  N N 63  
DC  "H2'"  H  N N 64  
DC  "H2''" H  N N 65  
DC  "H1'"  H  N N 66  
DC  H41    H  N N 67  
DC  H42    H  N N 68  
DC  H5     H  N N 69  
DC  H6     H  N N 70  
DG  OP3    O  N N 71  
DG  P      P  N N 72  
DG  OP1    O  N N 73  
DG  OP2    O  N N 74  
DG  "O5'"  O  N N 75  
DG  "C5'"  C  N N 76  
DG  "C4'"  C  N R 77  
DG  "O4'"  O  N N 78  
DG  "C3'"  C  N S 79  
DG  "O3'"  O  N N 80  
DG  "C2'"  C  N N 81  
DG  "C1'"  C  N R 82  
DG  N9     N  Y N 83  
DG  C8     C  Y N 84  
DG  N7     N  Y N 85  
DG  C5     C  Y N 86  
DG  C6     C  N N 87  
DG  O6     O  N N 88  
DG  N1     N  N N 89  
DG  C2     C  N N 90  
DG  N2     N  N N 91  
DG  N3     N  N N 92  
DG  C4     C  Y N 93  
DG  HOP3   H  N N 94  
DG  HOP2   H  N N 95  
DG  "H5'"  H  N N 96  
DG  "H5''" H  N N 97  
DG  "H4'"  H  N N 98  
DG  "H3'"  H  N N 99  
DG  "HO3'" H  N N 100 
DG  "H2'"  H  N N 101 
DG  "H2''" H  N N 102 
DG  "H1'"  H  N N 103 
DG  H8     H  N N 104 
DG  H1     H  N N 105 
DG  H21    H  N N 106 
DG  H22    H  N N 107 
DT  OP3    O  N N 108 
DT  P      P  N N 109 
DT  OP1    O  N N 110 
DT  OP2    O  N N 111 
DT  "O5'"  O  N N 112 
DT  "C5'"  C  N N 113 
DT  "C4'"  C  N R 114 
DT  "O4'"  O  N N 115 
DT  "C3'"  C  N S 116 
DT  "O3'"  O  N N 117 
DT  "C2'"  C  N N 118 
DT  "C1'"  C  N R 119 
DT  N1     N  N N 120 
DT  C2     C  N N 121 
DT  O2     O  N N 122 
DT  N3     N  N N 123 
DT  C4     C  N N 124 
DT  O4     O  N N 125 
DT  C5     C  N N 126 
DT  C7     C  N N 127 
DT  C6     C  N N 128 
DT  HOP3   H  N N 129 
DT  HOP2   H  N N 130 
DT  "H5'"  H  N N 131 
DT  "H5''" H  N N 132 
DT  "H4'"  H  N N 133 
DT  "H3'"  H  N N 134 
DT  "HO3'" H  N N 135 
DT  "H2'"  H  N N 136 
DT  "H2''" H  N N 137 
DT  "H1'"  H  N N 138 
DT  H3     H  N N 139 
DT  H71    H  N N 140 
DT  H72    H  N N 141 
DT  H73    H  N N 142 
DT  H6     H  N N 143 
HOH O      O  N N 144 
HOH H1     H  N N 145 
HOH H2     H  N N 146 
Y5U C1     C  N N 147 
Y5U C2     C  Y N 148 
Y5U C3     C  Y N 149 
Y5U C4     C  Y N 150 
Y5U C5     C  Y N 151 
Y5U C6     C  Y N 152 
Y5U C7     C  Y N 153 
Y5U C8     C  Y N 154 
Y5U C9     C  Y N 155 
Y5U C10    C  Y N 156 
Y5U C11    C  Y N 157 
Y5U C12    C  Y N 158 
Y5U C13    C  Y N 159 
Y5U C14    C  Y N 160 
Y5U C15    C  Y N 161 
Y5U C16    C  N N 162 
Y5U C17    C  Y N 163 
Y5U C18    C  Y N 164 
Y5U C19    C  Y N 165 
Y5U C20    C  Y N 166 
Y5U SE1    SE Y N 167 
Y5U N1     N  N N 168 
Y5U N2     N  N N 169 
Y5U N3     N  Y N 170 
Y5U N4     N  Y N 171 
Y5U N5     N  N N 172 
Y5U N6     N  N N 173 
Y5U N7     N  Y N 174 
Y5U N8     N  Y N 175 
Y5U H4     H  N N 176 
Y5U H5     H  N N 177 
Y5U H6     H  N N 178 
Y5U H7     H  N N 179 
Y5U H8     H  N N 180 
Y5U H9     H  N N 181 
Y5U H13    H  N N 182 
Y5U H16    H  N N 183 
Y5U H1     H  N N 184 
Y5U H2     H  N N 185 
Y5U H3     H  N N 186 
Y5U H10    H  N N 187 
Y5U H12    H  N N 188 
Y5U H11    H  N N 189 
Y5U H14    H  N N 190 
Y5U H15    H  N N 191 
# 
loop_
_chem_comp_bond.comp_id 
_chem_comp_bond.atom_id_1 
_chem_comp_bond.atom_id_2 
_chem_comp_bond.value_order 
_chem_comp_bond.pdbx_aromatic_flag 
_chem_comp_bond.pdbx_stereo_config 
_chem_comp_bond.pdbx_ordinal 
DA  OP3   P      sing N N 1   
DA  OP3   HOP3   sing N N 2   
DA  P     OP1    doub N N 3   
DA  P     OP2    sing N N 4   
DA  P     "O5'"  sing N N 5   
DA  OP2   HOP2   sing N N 6   
DA  "O5'" "C5'"  sing N N 7   
DA  "C5'" "C4'"  sing N N 8   
DA  "C5'" "H5'"  sing N N 9   
DA  "C5'" "H5''" sing N N 10  
DA  "C4'" "O4'"  sing N N 11  
DA  "C4'" "C3'"  sing N N 12  
DA  "C4'" "H4'"  sing N N 13  
DA  "O4'" "C1'"  sing N N 14  
DA  "C3'" "O3'"  sing N N 15  
DA  "C3'" "C2'"  sing N N 16  
DA  "C3'" "H3'"  sing N N 17  
DA  "O3'" "HO3'" sing N N 18  
DA  "C2'" "C1'"  sing N N 19  
DA  "C2'" "H2'"  sing N N 20  
DA  "C2'" "H2''" sing N N 21  
DA  "C1'" N9     sing N N 22  
DA  "C1'" "H1'"  sing N N 23  
DA  N9    C8     sing Y N 24  
DA  N9    C4     sing Y N 25  
DA  C8    N7     doub Y N 26  
DA  C8    H8     sing N N 27  
DA  N7    C5     sing Y N 28  
DA  C5    C6     sing Y N 29  
DA  C5    C4     doub Y N 30  
DA  C6    N6     sing N N 31  
DA  C6    N1     doub Y N 32  
DA  N6    H61    sing N N 33  
DA  N6    H62    sing N N 34  
DA  N1    C2     sing Y N 35  
DA  C2    N3     doub Y N 36  
DA  C2    H2     sing N N 37  
DA  N3    C4     sing Y N 38  
DC  OP3   P      sing N N 39  
DC  OP3   HOP3   sing N N 40  
DC  P     OP1    doub N N 41  
DC  P     OP2    sing N N 42  
DC  P     "O5'"  sing N N 43  
DC  OP2   HOP2   sing N N 44  
DC  "O5'" "C5'"  sing N N 45  
DC  "C5'" "C4'"  sing N N 46  
DC  "C5'" "H5'"  sing N N 47  
DC  "C5'" "H5''" sing N N 48  
DC  "C4'" "O4'"  sing N N 49  
DC  "C4'" "C3'"  sing N N 50  
DC  "C4'" "H4'"  sing N N 51  
DC  "O4'" "C1'"  sing N N 52  
DC  "C3'" "O3'"  sing N N 53  
DC  "C3'" "C2'"  sing N N 54  
DC  "C3'" "H3'"  sing N N 55  
DC  "O3'" "HO3'" sing N N 56  
DC  "C2'" "C1'"  sing N N 57  
DC  "C2'" "H2'"  sing N N 58  
DC  "C2'" "H2''" sing N N 59  
DC  "C1'" N1     sing N N 60  
DC  "C1'" "H1'"  sing N N 61  
DC  N1    C2     sing N N 62  
DC  N1    C6     sing N N 63  
DC  C2    O2     doub N N 64  
DC  C2    N3     sing N N 65  
DC  N3    C4     doub N N 66  
DC  C4    N4     sing N N 67  
DC  C4    C5     sing N N 68  
DC  N4    H41    sing N N 69  
DC  N4    H42    sing N N 70  
DC  C5    C6     doub N N 71  
DC  C5    H5     sing N N 72  
DC  C6    H6     sing N N 73  
DG  OP3   P      sing N N 74  
DG  OP3   HOP3   sing N N 75  
DG  P     OP1    doub N N 76  
DG  P     OP2    sing N N 77  
DG  P     "O5'"  sing N N 78  
DG  OP2   HOP2   sing N N 79  
DG  "O5'" "C5'"  sing N N 80  
DG  "C5'" "C4'"  sing N N 81  
DG  "C5'" "H5'"  sing N N 82  
DG  "C5'" "H5''" sing N N 83  
DG  "C4'" "O4'"  sing N N 84  
DG  "C4'" "C3'"  sing N N 85  
DG  "C4'" "H4'"  sing N N 86  
DG  "O4'" "C1'"  sing N N 87  
DG  "C3'" "O3'"  sing N N 88  
DG  "C3'" "C2'"  sing N N 89  
DG  "C3'" "H3'"  sing N N 90  
DG  "O3'" "HO3'" sing N N 91  
DG  "C2'" "C1'"  sing N N 92  
DG  "C2'" "H2'"  sing N N 93  
DG  "C2'" "H2''" sing N N 94  
DG  "C1'" N9     sing N N 95  
DG  "C1'" "H1'"  sing N N 96  
DG  N9    C8     sing Y N 97  
DG  N9    C4     sing Y N 98  
DG  C8    N7     doub Y N 99  
DG  C8    H8     sing N N 100 
DG  N7    C5     sing Y N 101 
DG  C5    C6     sing N N 102 
DG  C5    C4     doub Y N 103 
DG  C6    O6     doub N N 104 
DG  C6    N1     sing N N 105 
DG  N1    C2     sing N N 106 
DG  N1    H1     sing N N 107 
DG  C2    N2     sing N N 108 
DG  C2    N3     doub N N 109 
DG  N2    H21    sing N N 110 
DG  N2    H22    sing N N 111 
DG  N3    C4     sing N N 112 
DT  OP3   P      sing N N 113 
DT  OP3   HOP3   sing N N 114 
DT  P     OP1    doub N N 115 
DT  P     OP2    sing N N 116 
DT  P     "O5'"  sing N N 117 
DT  OP2   HOP2   sing N N 118 
DT  "O5'" "C5'"  sing N N 119 
DT  "C5'" "C4'"  sing N N 120 
DT  "C5'" "H5'"  sing N N 121 
DT  "C5'" "H5''" sing N N 122 
DT  "C4'" "O4'"  sing N N 123 
DT  "C4'" "C3'"  sing N N 124 
DT  "C4'" "H4'"  sing N N 125 
DT  "O4'" "C1'"  sing N N 126 
DT  "C3'" "O3'"  sing N N 127 
DT  "C3'" "C2'"  sing N N 128 
DT  "C3'" "H3'"  sing N N 129 
DT  "O3'" "HO3'" sing N N 130 
DT  "C2'" "C1'"  sing N N 131 
DT  "C2'" "H2'"  sing N N 132 
DT  "C2'" "H2''" sing N N 133 
DT  "C1'" N1     sing N N 134 
DT  "C1'" "H1'"  sing N N 135 
DT  N1    C2     sing N N 136 
DT  N1    C6     sing N N 137 
DT  C2    O2     doub N N 138 
DT  C2    N3     sing N N 139 
DT  N3    C4     sing N N 140 
DT  N3    H3     sing N N 141 
DT  C4    O4     doub N N 142 
DT  C4    C5     sing N N 143 
DT  C5    C7     sing N N 144 
DT  C5    C6     doub N N 145 
DT  C7    H71    sing N N 146 
DT  C7    H72    sing N N 147 
DT  C7    H73    sing N N 148 
DT  C6    H6     sing N N 149 
HOH O     H1     sing N N 150 
HOH O     H2     sing N N 151 
Y5U N2    C1     sing N N 152 
Y5U N1    C1     doub N N 153 
Y5U C1    C2     sing N N 154 
Y5U C2    C3     doub Y N 155 
Y5U C2    C20    sing Y N 156 
Y5U C3    C4     sing Y N 157 
Y5U C20   C19    doub Y N 158 
Y5U C4    C5     doub Y N 159 
Y5U C19   C5     sing Y N 160 
Y5U C19   N8     sing Y N 161 
Y5U C5    N3     sing Y N 162 
Y5U N8    C6     sing Y N 163 
Y5U N3    C6     doub Y N 164 
Y5U C6    C7     sing N N 165 
Y5U C7    C8     doub Y N 166 
Y5U C7    SE1    sing Y N 167 
Y5U C8    C9     sing Y N 168 
Y5U SE1   C10    sing Y N 169 
Y5U C9    C10    doub Y N 170 
Y5U C10   C11    sing N N 171 
Y5U C11   N4     doub Y N 172 
Y5U C11   N7     sing Y N 173 
Y5U N4    C12    sing Y N 174 
Y5U N7    C18    sing Y N 175 
Y5U C12   C18    doub Y N 176 
Y5U C12   C13    sing Y N 177 
Y5U C18   C17    sing Y N 178 
Y5U C13   C14    doub Y N 179 
Y5U C17   C15    doub Y N 180 
Y5U C14   C15    sing Y N 181 
Y5U C15   C16    sing N N 182 
Y5U C16   N6     sing N N 183 
Y5U C16   N5     doub N N 184 
Y5U C3    H4     sing N N 185 
Y5U C4    H5     sing N N 186 
Y5U C8    H6     sing N N 187 
Y5U C9    H7     sing N N 188 
Y5U C13   H8     sing N N 189 
Y5U C14   H9     sing N N 190 
Y5U C17   H13    sing N N 191 
Y5U C20   H16    sing N N 192 
Y5U N1    H1     sing N N 193 
Y5U N2    H2     sing N N 194 
Y5U N2    H3     sing N N 195 
Y5U N5    H10    sing N N 196 
Y5U N6    H12    sing N N 197 
Y5U N6    H11    sing N N 198 
Y5U N7    H14    sing N N 199 
Y5U N8    H15    sing N N 200 
# 
loop_
_ndb_struct_conf_na.entry_id 
_ndb_struct_conf_na.feature 
8T4N 'double helix'        
8T4N 'b-form double helix' 
# 
loop_
_ndb_struct_na_base_pair.model_number 
_ndb_struct_na_base_pair.i_label_asym_id 
_ndb_struct_na_base_pair.i_label_comp_id 
_ndb_struct_na_base_pair.i_label_seq_id 
_ndb_struct_na_base_pair.i_symmetry 
_ndb_struct_na_base_pair.j_label_asym_id 
_ndb_struct_na_base_pair.j_label_comp_id 
_ndb_struct_na_base_pair.j_label_seq_id 
_ndb_struct_na_base_pair.j_symmetry 
_ndb_struct_na_base_pair.shear 
_ndb_struct_na_base_pair.stretch 
_ndb_struct_na_base_pair.stagger 
_ndb_struct_na_base_pair.buckle 
_ndb_struct_na_base_pair.propeller 
_ndb_struct_na_base_pair.opening 
_ndb_struct_na_base_pair.pair_number 
_ndb_struct_na_base_pair.pair_name 
_ndb_struct_na_base_pair.i_auth_asym_id 
_ndb_struct_na_base_pair.i_auth_seq_id 
_ndb_struct_na_base_pair.i_PDB_ins_code 
_ndb_struct_na_base_pair.j_auth_asym_id 
_ndb_struct_na_base_pair.j_auth_seq_id 
_ndb_struct_na_base_pair.j_PDB_ins_code 
_ndb_struct_na_base_pair.hbond_type_28 
_ndb_struct_na_base_pair.hbond_type_12 
1 A DC 1  1_555 B DG 12 1_555 0.272  -0.190 0.102  -0.171 -1.388  -0.961 1  A_DC1:DG24_B  A 1  ? B 24 ? 19 1 
1 A DG 2  1_555 B DC 11 1_555 -0.411 -0.228 0.185  -7.060 -14.443 -2.653 2  A_DG2:DC23_B  A 2  ? B 23 ? 19 1 
1 A DC 3  1_555 B DG 10 1_555 0.066  -0.174 0.297  -7.500 -6.368  -0.372 3  A_DC3:DG22_B  A 3  ? B 22 ? 19 1 
1 A DG 4  1_555 B DC 9  1_555 -0.028 -0.190 0.006  9.697  -10.410 1.206  4  A_DG4:DC21_B  A 4  ? B 21 ? 19 1 
1 A DA 5  1_555 B DT 8  1_555 0.158  -0.150 0.048  8.214  -16.938 1.993  5  A_DA5:DT20_B  A 5  ? B 20 ? 20 1 
1 A DA 6  1_555 B DT 7  1_555 0.056  -0.128 -0.002 3.873  -18.556 9.104  6  A_DA6:DT19_B  A 6  ? B 19 ? 20 1 
1 A DT 7  1_555 B DA 6  1_555 -0.035 -0.097 -0.050 1.281  -21.025 7.729  7  A_DT7:DA18_B  A 7  ? B 18 ? 20 1 
1 A DT 8  1_555 B DA 5  1_555 -0.005 -0.202 -0.146 -1.247 -15.916 4.124  8  A_DT8:DA17_B  A 8  ? B 17 ? 20 1 
1 A DC 9  1_555 B DG 4  1_555 0.108  -0.108 0.007  -6.507 -10.404 -1.368 9  A_DC9:DG16_B  A 9  ? B 16 ? 19 1 
1 A DG 10 1_555 B DC 3  1_555 -0.248 -0.184 0.356  10.210 -5.754  1.495  10 A_DG10:DC15_B A 10 ? B 15 ? 19 1 
1 A DC 11 1_555 B DG 2  1_555 0.109  -0.210 0.373  2.681  -15.861 -3.008 11 A_DC11:DG14_B A 11 ? B 14 ? 19 1 
1 A DG 12 1_555 B DC 1  1_555 -0.241 -0.041 0.555  13.105 -1.891  1.161  12 A_DG12:DC13_B A 12 ? B 13 ? 19 1 
# 
loop_
_ndb_struct_na_base_pair_step.model_number 
_ndb_struct_na_base_pair_step.i_label_asym_id_1 
_ndb_struct_na_base_pair_step.i_label_comp_id_1 
_ndb_struct_na_base_pair_step.i_label_seq_id_1 
_ndb_struct_na_base_pair_step.i_symmetry_1 
_ndb_struct_na_base_pair_step.j_label_asym_id_1 
_ndb_struct_na_base_pair_step.j_label_comp_id_1 
_ndb_struct_na_base_pair_step.j_label_seq_id_1 
_ndb_struct_na_base_pair_step.j_symmetry_1 
_ndb_struct_na_base_pair_step.i_label_asym_id_2 
_ndb_struct_na_base_pair_step.i_label_comp_id_2 
_ndb_struct_na_base_pair_step.i_label_seq_id_2 
_ndb_struct_na_base_pair_step.i_symmetry_2 
_ndb_struct_na_base_pair_step.j_label_asym_id_2 
_ndb_struct_na_base_pair_step.j_label_comp_id_2 
_ndb_struct_na_base_pair_step.j_label_seq_id_2 
_ndb_struct_na_base_pair_step.j_symmetry_2 
_ndb_struct_na_base_pair_step.shift 
_ndb_struct_na_base_pair_step.slide 
_ndb_struct_na_base_pair_step.rise 
_ndb_struct_na_base_pair_step.tilt 
_ndb_struct_na_base_pair_step.roll 
_ndb_struct_na_base_pair_step.twist 
_ndb_struct_na_base_pair_step.x_displacement 
_ndb_struct_na_base_pair_step.y_displacement 
_ndb_struct_na_base_pair_step.helical_rise 
_ndb_struct_na_base_pair_step.inclination 
_ndb_struct_na_base_pair_step.tip 
_ndb_struct_na_base_pair_step.helical_twist 
_ndb_struct_na_base_pair_step.step_number 
_ndb_struct_na_base_pair_step.step_name 
_ndb_struct_na_base_pair_step.i_auth_asym_id_1 
_ndb_struct_na_base_pair_step.i_auth_seq_id_1 
_ndb_struct_na_base_pair_step.i_PDB_ins_code_1 
_ndb_struct_na_base_pair_step.j_auth_asym_id_1 
_ndb_struct_na_base_pair_step.j_auth_seq_id_1 
_ndb_struct_na_base_pair_step.j_PDB_ins_code_1 
_ndb_struct_na_base_pair_step.i_auth_asym_id_2 
_ndb_struct_na_base_pair_step.i_auth_seq_id_2 
_ndb_struct_na_base_pair_step.i_PDB_ins_code_2 
_ndb_struct_na_base_pair_step.j_auth_asym_id_2 
_ndb_struct_na_base_pair_step.j_auth_seq_id_2 
_ndb_struct_na_base_pair_step.j_PDB_ins_code_2 
1 A DC 1  1_555 B DG 12 1_555 A DG 2  1_555 B DC 11 1_555 -0.957 -0.066 3.510 -2.401 -4.315 34.651 0.595  1.199  3.548 -7.199  
4.005  34.990 1  AA_DC1DG2:DC23DG24_BB   A 1  ? B 24 ? A 2  ? B 23 ? 
1 A DG 2  1_555 B DC 11 1_555 A DC 3  1_555 B DG 10 1_555 0.640  0.310  3.391 0.424  -2.548 40.718 0.735  -0.870 3.373 -3.657  
-0.608 40.796 2  AA_DG2DC3:DG22DC23_BB   A 2  ? B 23 ? A 3  ? B 22 ? 
1 A DC 3  1_555 B DG 10 1_555 A DG 4  1_555 B DC 9  1_555 -0.342 0.727  3.052 3.016  8.573  27.878 -0.343 1.303  3.082 17.224  
-6.059 29.293 3  AA_DC3DG4:DC21DG22_BB   A 3  ? B 22 ? A 4  ? B 21 ? 
1 A DG 4  1_555 B DC 9  1_555 A DA 5  1_555 B DT 8  1_555 -0.163 0.165  3.315 -0.861 1.889  36.622 0.000  0.140  3.322 3.003   
1.369  36.679 4  AA_DG4DA5:DT20DC21_BB   A 4  ? B 21 ? A 5  ? B 20 ? 
1 A DA 5  1_555 B DT 8  1_555 A DA 6  1_555 B DT 7  1_555 0.337  -0.162 3.357 0.024  0.363  37.173 -0.304 -0.525 3.356 0.569   
-0.038 37.175 5  AA_DA5DA6:DT19DT20_BB   A 5  ? B 20 ? A 6  ? B 19 ? 
1 A DA 6  1_555 B DT 7  1_555 A DT 7  1_555 B DA 6  1_555 0.147  -0.495 3.213 1.111  0.044  31.952 -0.906 -0.069 3.215 0.081   
-2.017 31.971 6  AA_DA6DT7:DA18DT19_BB   A 6  ? B 19 ? A 7  ? B 18 ? 
1 A DT 7  1_555 B DA 6  1_555 A DT 8  1_555 B DA 5  1_555 -0.228 -0.183 3.285 2.147  3.035  35.815 -0.727 0.674  3.241 4.918   
-3.480 36.001 7  AA_DT7DT8:DA17DA18_BB   A 7  ? B 18 ? A 8  ? B 17 ? 
1 A DT 8  1_555 B DA 5  1_555 A DC 9  1_555 B DG 4  1_555 0.025  0.147  3.393 0.257  -1.203 41.715 0.337  -0.008 3.388 -1.689  
-0.360 41.732 8  AA_DT8DC9:DG16DA17_BB   A 8  ? B 17 ? A 9  ? B 16 ? 
1 A DC 9  1_555 B DG 4  1_555 A DG 10 1_555 B DC 3  1_555 0.553  0.628  3.014 -3.560 4.517  26.958 0.294  -1.968 2.981 9.551   
7.528  27.554 9  AA_DC9DG10:DC15DG16_BB  A 9  ? B 16 ? A 10 ? B 15 ? 
1 A DG 10 1_555 B DC 3  1_555 A DC 11 1_555 B DG 2  1_555 -1.321 0.465  3.557 -3.671 -8.813 42.448 1.559  1.396  3.495 -11.991 
4.994  43.460 10 AA_DG10DC11:DG14DC15_BB A 10 ? B 15 ? A 11 ? B 14 ? 
1 A DC 11 1_555 B DG 2  1_555 A DG 12 1_555 B DC 1  1_555 1.014  0.531  3.118 -0.795 -0.317 34.981 0.929  -1.800 3.090 -0.528  
1.322  34.992 11 AA_DC11DG12:DC13DG14_BB A 11 ? B 14 ? A 12 ? B 13 ? 
# 
loop_
_pdbx_audit_support.funding_organization 
_pdbx_audit_support.country 
_pdbx_audit_support.grant_number 
_pdbx_audit_support.ordinal 
'National Institutes of Health/National Heart, Lung, and Blood Institute (NIH/NHLBI)'      'United States' HL155178   1 
'National Science Foundation (NSF, United States)'                                         'United States' MCB2028902 2 
'National Institutes of Health/National Institute of General Medical Sciences (NIH/NIGMS)' 'United States' GM137160   3 
'National Institutes of Health/National Institute of General Medical Sciences (NIH/NIGMS)' 'United States' GM111749   4 
# 
_pdbx_entity_instance_feature.ordinal        1 
_pdbx_entity_instance_feature.comp_id        Y5U 
_pdbx_entity_instance_feature.asym_id        ? 
_pdbx_entity_instance_feature.seq_num        ? 
_pdbx_entity_instance_feature.auth_comp_id   Y5U 
_pdbx_entity_instance_feature.auth_asym_id   ? 
_pdbx_entity_instance_feature.auth_seq_num   ? 
_pdbx_entity_instance_feature.feature_type   'SUBJECT OF INVESTIGATION' 
_pdbx_entity_instance_feature.details        ? 
# 
_pdbx_initial_refinement_model.id               1 
_pdbx_initial_refinement_model.entity_id_list   ? 
_pdbx_initial_refinement_model.type             'experimental model' 
_pdbx_initial_refinement_model.source_name      PDB 
_pdbx_initial_refinement_model.accession_code   1BNA 
_pdbx_initial_refinement_model.details          ? 
# 
_space_group.name_H-M_alt     'P 21 21 21' 
_space_group.name_Hall        'P 2ac 2ab' 
_space_group.IT_number        19 
_space_group.crystal_system   orthorhombic 
_space_group.id               1 
# 
_atom_sites.entry_id                    8T4N 
_atom_sites.Cartn_transf_matrix[1][1]   ? 
_atom_sites.Cartn_transf_matrix[1][2]   ? 
_atom_sites.Cartn_transf_matrix[1][3]   ? 
_atom_sites.Cartn_transf_matrix[2][1]   ? 
_atom_sites.Cartn_transf_matrix[2][2]   ? 
_atom_sites.Cartn_transf_matrix[2][3]   ? 
_atom_sites.Cartn_transf_matrix[3][1]   ? 
_atom_sites.Cartn_transf_matrix[3][2]   ? 
_atom_sites.Cartn_transf_matrix[3][3]   ? 
_atom_sites.Cartn_transf_vector[1]      ? 
_atom_sites.Cartn_transf_vector[2]      ? 
_atom_sites.Cartn_transf_vector[3]      ? 
_atom_sites.fract_transf_matrix[1][1]   -0.01203018 
_atom_sites.fract_transf_matrix[1][2]   0.00856419 
_atom_sites.fract_transf_matrix[1][3]   0.03642544 
_atom_sites.fract_transf_matrix[2][1]   -0.00703930 
_atom_sites.fract_transf_matrix[2][2]   -0.02297051 
_atom_sites.fract_transf_matrix[2][3]   0.00307586 
_atom_sites.fract_transf_matrix[3][1]   0.01379425 
_atom_sites.fract_transf_matrix[3][2]   -0.00350679 
_atom_sites.fract_transf_matrix[3][3]   0.00538031 
_atom_sites.fract_transf_vector[1]      0.585810 
_atom_sites.fract_transf_vector[2]      0.519900 
_atom_sites.fract_transf_vector[3]      0.132115 
_atom_sites.solution_primary            ? 
_atom_sites.solution_secondary          ? 
_atom_sites.solution_hydrogens          ? 
_atom_sites.special_details             ? 
# 
loop_
_atom_type.symbol 
_atom_type.scat_dispersion_real 
_atom_type.scat_dispersion_imag 
_atom_type.scat_Cromer_Mann_a1 
_atom_type.scat_Cromer_Mann_a2 
_atom_type.scat_Cromer_Mann_a3 
_atom_type.scat_Cromer_Mann_a4 
_atom_type.scat_Cromer_Mann_b1 
_atom_type.scat_Cromer_Mann_b2 
_atom_type.scat_Cromer_Mann_b3 
_atom_type.scat_Cromer_Mann_b4 
_atom_type.scat_Cromer_Mann_c 
_atom_type.scat_source 
_atom_type.scat_dispersion_source 
C  ? ? 3.54356  2.42580 ? ? 25.62398 1.50364  ? ? 0.0 
;2-Gaussian fit: Grosse-Kunstleve RW, Sauter NK, Adams PD: Newsletter of the IUCr Commission on Crystallographic Computing 2004, 3, 22-31.
;
? 
H  ? ? 0.51345  0.48472 ? ? 24.73122 6.32584  ? ? 0.0 
;2-Gaussian fit: Grosse-Kunstleve RW, Sauter NK, Adams PD: Newsletter of the IUCr Commission on Crystallographic Computing 2004, 3, 22-31.
;
? 
N  ? ? 4.01032  2.96436 ? ? 19.97189 1.75589  ? ? 0.0 
;2-Gaussian fit: Grosse-Kunstleve RW, Sauter NK, Adams PD: Newsletter of the IUCr Commission on Crystallographic Computing 2004, 3, 22-31.
;
? 
O  ? ? 4.49882  3.47563 ? ? 15.80542 1.70748  ? ? 0.0 
;2-Gaussian fit: Grosse-Kunstleve RW, Sauter NK, Adams PD: Newsletter of the IUCr Commission on Crystallographic Computing 2004, 3, 22-31.
;
? 
P  ? ? 9.51135  5.44231 ? ? 1.42069  35.72801 ? ? 0.0 
;2-Gaussian fit: Grosse-Kunstleve RW, Sauter NK, Adams PD: Newsletter of the IUCr Commission on Crystallographic Computing 2004, 3, 22-31.
;
? 
SE ? ? 26.02326 7.89457 ? ? 1.54240  29.12501 ? ? 0.0 
;2-Gaussian fit: Grosse-Kunstleve RW, Sauter NK, Adams PD: Newsletter of the IUCr Commission on Crystallographic Computing 2004, 3, 22-31.
;
? 
# 
loop_
_atom_site.group_PDB 
_atom_site.id 
_atom_site.type_symbol 
_atom_site.label_atom_id 
_atom_site.label_alt_id 
_atom_site.label_comp_id 
_atom_site.label_asym_id 
_atom_site.label_entity_id 
_atom_site.label_seq_id 
_atom_site.pdbx_PDB_ins_code 
_atom_site.Cartn_x 
_atom_site.Cartn_y 
_atom_site.Cartn_z 
_atom_site.occupancy 
_atom_site.B_iso_or_equiv 
_atom_site.pdbx_formal_charge 
_atom_site.auth_seq_id 
_atom_site.auth_comp_id 
_atom_site.auth_asym_id 
_atom_site.auth_atom_id 
_atom_site.pdbx_PDB_model_num 
ATOM   1   O  "O5'"  . DC  A 1 1  ? 9.14110   -15.48881 11.99750  1.000 63.21494 ? 1   DC  A "O5'"  1 
ATOM   2   C  "C5'"  . DC  A 1 1  ? 8.34990   -14.65714 11.17563  1.000 54.98536 ? 1   DC  A "C5'"  1 
ATOM   3   C  "C4'"  . DC  A 1 1  ? 8.53978   -13.21685 11.54772  1.000 55.03264 ? 1   DC  A "C4'"  1 
ATOM   4   O  "O4'"  . DC  A 1 1  ? 9.85051   -12.73176 11.10389  1.000 49.93324 ? 1   DC  A "O4'"  1 
ATOM   5   C  "C3'"  . DC  A 1 1  ? 7.52637   -12.28337 10.91603  1.000 56.24884 ? 1   DC  A "C3'"  1 
ATOM   6   O  "O3'"  . DC  A 1 1  ? 7.16982   -11.31513 11.84321  1.000 57.43163 ? 1   DC  A "O3'"  1 
ATOM   7   C  "C2'"  . DC  A 1 1  ? 8.28939   -11.70461 9.75924   1.000 55.26780 ? 1   DC  A "C2'"  1 
ATOM   8   C  "C1'"  . DC  A 1 1  ? 9.65011   -11.53426 10.38903  1.000 47.13613 ? 1   DC  A "C1'"  1 
ATOM   9   N  N1     . DC  A 1 1  ? 10.74070  -11.31817 9.42349   1.000 50.22552 ? 1   DC  A N1     1 
ATOM   10  C  C2     . DC  A 1 1  ? 11.54874  -10.17183 9.51052   1.000 44.68613 ? 1   DC  A C2     1 
ATOM   11  O  O2     . DC  A 1 1  ? 11.35679  -9.36052  10.41211  1.000 44.03356 ? 1   DC  A O2     1 
ATOM   12  N  N3     . DC  A 1 1  ? 12.51101  -9.99051  8.60311   1.000 47.59464 ? 1   DC  A N3     1 
ATOM   13  C  C4     . DC  A 1 1  ? 12.69912  -10.89362 7.64980   1.000 54.34533 ? 1   DC  A C4     1 
ATOM   14  N  N4     . DC  A 1 1  ? 13.68363  -10.68841 6.76380   1.000 54.55557 ? 1   DC  A N4     1 
ATOM   15  C  C5     . DC  A 1 1  ? 11.88218  -12.05076 7.54617   1.000 58.55924 ? 1   DC  A C5     1 
ATOM   16  C  C6     . DC  A 1 1  ? 10.92568  -12.21164 8.44612   1.000 50.59406 ? 1   DC  A C6     1 
ATOM   17  H  "H5'"  . DC  A 1 1  ? 7.41575   -14.89574 11.28204  1.000 65.99363 ? 1   DC  A "H5'"  1 
ATOM   18  H  "H5''" . DC  A 1 1  ? 8.60503   -14.78555 10.24864  1.000 65.99363 ? 1   DC  A "H5''" 1 
ATOM   19  H  "H4'"  . DC  A 1 1  ? 8.51185   -13.13630 12.51396  1.000 66.05037 ? 1   DC  A "H4'"  1 
ATOM   20  H  "H3'"  . DC  A 1 1  ? 6.74841   -12.76403 10.59252  1.000 67.50981 ? 1   DC  A "H3'"  1 
ATOM   21  H  "H2'"  . DC  A 1 1  ? 8.31518   -12.31260 9.00386   1.000 66.33256 ? 1   DC  A "H2'"  1 
ATOM   22  H  "H2''" . DC  A 1 1  ? 7.91731   -10.85688 9.46975   1.000 66.33256 ? 1   DC  A "H2''" 1 
ATOM   23  H  "H1'"  . DC  A 1 1  ? 9.66187   -10.78111 11.00020  1.000 56.57455 ? 1   DC  A "H1'"  1 
ATOM   24  H  H41    . DC  A 1 1  ? 13.82422  -11.26030 6.13709   1.000 65.47789 ? 1   DC  A H41    1 
ATOM   25  H  H42    . DC  A 1 1  ? 14.17474  -9.98484  6.82202   1.000 65.47789 ? 1   DC  A H42    1 
ATOM   26  H  H5     . DC  A 1 1  ? 12.01499  -12.67410 6.86889   1.000 70.28229 ? 1   DC  A H5     1 
ATOM   27  H  H6     . DC  A 1 1  ? 10.37316  -12.95818 8.39809   1.000 60.72407 ? 1   DC  A H6     1 
ATOM   28  H  "HO5'" . DC  A 1 1  ? 9.97784   -15.48259 11.90148  1.000 75.86913 ? 1   DC  A "HO5'" 1 
ATOM   29  P  P      . DG  A 1 2  ? 5.67534   -10.76625 11.94717  1.000 66.12223 ? 2   DG  A P      1 
ATOM   30  O  OP1    . DG  A 1 2  ? 5.00868   -11.67155 12.90999  1.000 66.50941 ? 2   DG  A OP1    1 
ATOM   31  O  OP2    . DG  A 1 2  ? 5.12182   -10.43451 10.61333  1.000 55.54989 ? 2   DG  A OP2    1 
ATOM   32  O  "O5'"  . DG  A 1 2  ? 5.88414   -9.34610  12.64238  1.000 63.23279 ? 2   DG  A "O5'"  1 
ATOM   33  C  "C5'"  . DG  A 1 2  ? 6.86179   -9.19528  13.69352  1.000 58.05922 ? 2   DG  A "C5'"  1 
ATOM   34  C  "C4'"  . DG  A 1 2  ? 7.38450   -7.78661  13.66735  1.000 54.36268 ? 2   DG  A "C4'"  1 
ATOM   35  O  "O4'"  . DG  A 1 2  ? 8.46627   -7.70125  12.70865  1.000 52.16010 ? 2   DG  A "O4'"  1 
ATOM   36  C  "C3'"  . DG  A 1 2  ? 6.32568   -6.77192  13.25008  1.000 53.50596 ? 2   DG  A "C3'"  1 
ATOM   37  O  "O3'"  . DG  A 1 2  ? 6.27532   -5.68775  14.12273  1.000 57.59362 ? 2   DG  A "O3'"  1 
ATOM   38  C  "C2'"  . DG  A 1 2  ? 6.74163   -6.35148  11.86478  1.000 48.00665 ? 2   DG  A "C2'"  1 
ATOM   39  C  "C1'"  . DG  A 1 2  ? 8.23438   -6.63057  11.84091  1.000 50.99436 ? 2   DG  A "C1'"  1 
ATOM   40  N  N9     . DG  A 1 2  ? 8.71382   -7.02315  10.53059  1.000 45.50053 ? 2   DG  A N9     1 
ATOM   41  C  C8     . DG  A 1 2  ? 8.26087   -8.07504  9.78051   1.000 47.17007 ? 2   DG  A C8     1 
ATOM   42  N  N7     . DG  A 1 2  ? 8.85579   -8.18545  8.62545   1.000 42.95900 ? 2   DG  A N7     1 
ATOM   43  C  C5     . DG  A 1 2  ? 9.73636   -7.11806  8.59669   1.000 40.20239 ? 2   DG  A C5     1 
ATOM   44  C  C6     . DG  A 1 2  ? 10.62236  -6.73030  7.59895   1.000 37.69889 ? 2   DG  A C6     1 
ATOM   45  O  O6     . DG  A 1 2  ? 10.82469  -7.28644  6.51473   1.000 41.24521 ? 2   DG  A O6     1 
ATOM   46  N  N1     . DG  A 1 2  ? 11.32546  -5.58742  7.94437   1.000 34.92640 ? 2   DG  A N1     1 
ATOM   47  C  C2     . DG  A 1 2  ? 11.21202  -4.93082  9.14680   1.000 38.46546 ? 2   DG  A C2     1 
ATOM   48  N  N2     . DG  A 1 2  ? 11.98483  -3.86696  9.30847   1.000 37.54241 ? 2   DG  A N2     1 
ATOM   49  N  N3     . DG  A 1 2  ? 10.37134  -5.28354  10.11118  1.000 39.70704 ? 2   DG  A N3     1 
ATOM   50  C  C4     . DG  A 1 2  ? 9.65046   -6.37531  9.75556   1.000 41.43511 ? 2   DG  A C4     1 
ATOM   51  H  "H5'"  . DG  A 1 2  ? 7.59171   -9.81886  13.55482  1.000 69.68226 ? 2   DG  A "H5'"  1 
ATOM   52  H  "H5''" . DG  A 1 2  ? 6.45034   -9.37680  14.55297  1.000 69.68226 ? 2   DG  A "H5''" 1 
ATOM   53  H  "H4'"  . DG  A 1 2  ? 7.74680   -7.53054  14.52995  1.000 65.24641 ? 2   DG  A "H4'"  1 
ATOM   54  H  "H3'"  . DG  A 1 2  ? 5.46604   -7.22028  13.22036  1.000 64.21835 ? 2   DG  A "H3'"  1 
ATOM   55  H  "H2'"  . DG  A 1 2  ? 6.27904   -6.87154  11.18915  1.000 57.61918 ? 2   DG  A "H2'"  1 
ATOM   56  H  "H2''" . DG  A 1 2  ? 6.56074   -5.40998  11.71731  1.000 57.61918 ? 2   DG  A "H2''" 1 
ATOM   57  H  "H1'"  . DG  A 1 2  ? 8.70912   -5.84695  12.15944  1.000 61.20444 ? 2   DG  A "H1'"  1 
ATOM   58  H  H8     . DG  A 1 2  ? 7.59296   -8.65520  10.06727  1.000 56.61528 ? 2   DG  A H8     1 
ATOM   59  H  H1     . DG  A 1 2  ? 11.87266  -5.26538  7.36432   1.000 41.92288 ? 2   DG  A H1     1 
ATOM   60  H  H21    . DG  A 1 2  ? 11.93995  -3.40932  10.03522  1.000 45.06209 ? 2   DG  A H21    1 
ATOM   61  H  H22    . DG  A 1 2  ? 12.53137  -3.63399  8.68668   1.000 45.06209 ? 2   DG  A H22    1 
ATOM   62  P  P      . DC  A 1 3  ? 5.05199   -4.65926  14.04646  1.000 58.14103 ? 3   DC  A P      1 
ATOM   63  O  OP1    . DC  A 1 3  ? 4.81384   -4.40639  15.48163  1.000 58.95159 ? 3   DC  A OP1    1 
ATOM   64  O  OP2    . DC  A 1 3  ? 3.99375   -5.16307  13.14129  1.000 58.32754 ? 3   DC  A OP2    1 
ATOM   65  O  "O5'"  . DC  A 1 3  ? 5.61673   -3.40980  13.24167  1.000 51.16743 ? 3   DC  A "O5'"  1 
ATOM   66  C  "C5'"  . DC  A 1 3  ? 6.74797   -2.67777  13.71522  1.000 49.21291 ? 3   DC  A "C5'"  1 
ATOM   67  C  "C4'"  . DC  A 1 3  ? 7.34991   -1.88677  12.58755  1.000 46.91993 ? 3   DC  A "C4'"  1 
ATOM   68  O  "O4'"  . DC  A 1 3  ? 7.83404   -2.79084  11.59381  1.000 42.14543 ? 3   DC  A "O4'"  1 
ATOM   69  C  "C3'"  . DC  A 1 3  ? 6.36157   -0.98562  11.86685  1.000 44.69031 ? 3   DC  A "C3'"  1 
ATOM   70  O  "O3'"  . DC  A 1 3  ? 6.39782   0.30156   12.38629  1.000 45.11389 ? 3   DC  A "O3'"  1 
ATOM   71  C  "C2'"  . DC  A 1 3  ? 6.80484   -1.01286  10.41396  1.000 44.60599 ? 3   DC  A "C2'"  1 
ATOM   72  C  "C1'"  . DC  A 1 3  ? 7.83234   -2.12508  10.34373  1.000 41.80691 ? 3   DC  A "C1'"  1 
ATOM   73  N  N1     . DC  A 1 3  ? 7.52673   -3.14345  9.30176   1.000 41.36598 ? 3   DC  A N1     1 
ATOM   74  C  C2     . DC  A 1 3  ? 8.29123   -3.17679  8.16147   1.000 35.80874 ? 3   DC  A C2     1 
ATOM   75  O  O2     . DC  A 1 3  ? 9.15735   -2.32565  8.01982   1.000 40.32830 ? 3   DC  A O2     1 
ATOM   76  N  N3     . DC  A 1 3  ? 8.03417   -4.11696  7.22841   1.000 41.01612 ? 3   DC  A N3     1 
ATOM   77  C  C4     . DC  A 1 3  ? 7.06925   -5.01082  7.43134   1.000 42.19221 ? 3   DC  A C4     1 
ATOM   78  N  N4     . DC  A 1 3  ? 6.85273   -5.92273  6.48388   1.000 43.41096 ? 3   DC  A N4     1 
ATOM   79  C  C5     . DC  A 1 3  ? 6.29114   -5.01372  8.61585   1.000 44.91934 ? 3   DC  A C5     1 
ATOM   80  C  C6     . DC  A 1 3  ? 6.54644   -4.06306  9.51389   1.000 43.20023 ? 3   DC  A C6     1 
ATOM   81  H  "H5'"  . DC  A 1 3  ? 7.40875   -3.29447  14.06730  1.000 59.06669 ? 3   DC  A "H5'"  1 
ATOM   82  H  "H5''" . DC  A 1 3  ? 6.47066   -2.07447  14.42233  1.000 59.06669 ? 3   DC  A "H5''" 1 
ATOM   83  H  "H4'"  . DC  A 1 3  ? 8.09022   -1.35410  12.91786  1.000 56.31511 ? 3   DC  A "H4'"  1 
ATOM   84  H  "H3'"  . DC  A 1 3  ? 5.47408   -1.36924  11.94498  1.000 53.63957 ? 3   DC  A "H3'"  1 
ATOM   85  H  "H2'"  . DC  A 1 3  ? 6.05424   -1.20089  9.82904   1.000 53.53839 ? 3   DC  A "H2'"  1 
ATOM   86  H  "H2''" . DC  A 1 3  ? 7.19908   -0.16408  10.15890  1.000 53.53839 ? 3   DC  A "H2''" 1 
ATOM   87  H  "H1'"  . DC  A 1 3  ? 8.70388   -1.72747  10.19135  1.000 50.17949 ? 3   DC  A "H1'"  1 
ATOM   88  H  H41    . DC  A 1 3  ? 6.23574   -6.51273  6.58789   1.000 52.10435 ? 3   DC  A H41    1 
ATOM   89  H  H42    . DC  A 1 3  ? 7.33002   -5.92118  5.76848   1.000 52.10435 ? 3   DC  A H42    1 
ATOM   90  H  H5     . DC  A 1 3  ? 5.63039   -5.65205  8.76021   1.000 53.91441 ? 3   DC  A H5     1 
ATOM   91  H  H6     . DC  A 1 3  ? 6.04703   -4.02749  10.29761  1.000 51.85147 ? 3   DC  A H6     1 
ATOM   92  P  P      . DG  A 1 4  ? 5.28900   1.35424   11.96001  1.000 52.07667 ? 4   DG  A P      1 
ATOM   93  O  OP1    . DG  A 1 4  ? 5.17794   2.24625   13.13421  1.000 59.44060 ? 4   DG  A OP1    1 
ATOM   94  O  OP2    . DG  A 1 4  ? 4.11446   0.63645   11.42286  1.000 55.65913 ? 4   DG  A OP2    1 
ATOM   95  O  "O5'"  . DG  A 1 4  ? 5.90537   2.07816   10.71159  1.000 43.62087 ? 4   DG  A "O5'"  1 
ATOM   96  C  "C5'"  . DG  A 1 4  ? 7.10332   2.71732   10.82139  1.000 45.76264 ? 4   DG  A "C5'"  1 
ATOM   97  C  "C4'"  . DG  A 1 4  ? 7.56549   3.17289   9.47771   1.000 50.41430 ? 4   DG  A "C4'"  1 
ATOM   98  O  "O4'"  . DG  A 1 4  ? 7.69694   2.03234   8.58768   1.000 50.57629 ? 4   DG  A "O4'"  1 
ATOM   99  C  "C3'"  . DG  A 1 4  ? 6.60101   4.12413   8.81185   1.000 49.04471 ? 4   DG  A "C3'"  1 
ATOM   100 O  "O3'"  . DG  A 1 4  ? 7.28758   5.14668   8.18217   1.000 55.08652 ? 4   DG  A "O3'"  1 
ATOM   101 C  "C2'"  . DG  A 1 4  ? 5.84057   3.22837   7.83269   1.000 49.04701 ? 4   DG  A "C2'"  1 
ATOM   102 C  "C1'"  . DG  A 1 4  ? 6.87799   2.18209   7.45031   1.000 46.31120 ? 4   DG  A "C1'"  1 
ATOM   103 N  N9     . DG  A 1 4  ? 6.31903   0.86537   7.11151   1.000 40.16763 ? 4   DG  A N9     1 
ATOM   104 C  C8     . DG  A 1 4  ? 5.28716   0.23056   7.74162   1.000 36.48007 ? 4   DG  A C8     1 
ATOM   105 N  N7     . DG  A 1 4  ? 5.00784   -0.92292  7.24823   1.000 41.68745 ? 4   DG  A N7     1 
ATOM   106 C  C5     . DG  A 1 4  ? 5.91430   -1.08378  6.21757   1.000 39.75276 ? 4   DG  A C5     1 
ATOM   107 C  C6     . DG  A 1 4  ? 6.07709   -2.15939  5.33827   1.000 37.51582 ? 4   DG  A C6     1 
ATOM   108 O  O6     . DG  A 1 4  ? 5.44181   -3.22379  5.30847   1.000 38.33538 ? 4   DG  A O6     1 
ATOM   109 N  N1     . DG  A 1 4  ? 7.10158   -1.92194  4.42890   1.000 37.75560 ? 4   DG  A N1     1 
ATOM   110 C  C2     . DG  A 1 4  ? 7.87904   -0.79730  4.40736   1.000 38.94801 ? 4   DG  A C2     1 
ATOM   111 N  N2     . DG  A 1 4  ? 8.82745   -0.75796  3.46838   1.000 46.06277 ? 4   DG  A N2     1 
ATOM   112 N  N3     . DG  A 1 4  ? 7.74894   0.22182   5.24639   1.000 39.31361 ? 4   DG  A N3     1 
ATOM   113 C  C4     . DG  A 1 4  ? 6.73576   0.00546   6.11624   1.000 38.91548 ? 4   DG  A C4     1 
ATOM   114 H  "H5'"  . DG  A 1 4  ? 7.75915   2.11113   11.19997  1.000 54.92637 ? 4   DG  A "H5'"  1 
ATOM   115 H  "H5''" . DG  A 1 4  ? 7.00737   3.48458   11.40704  1.000 54.92637 ? 4   DG  A "H5''" 1 
ATOM   116 H  "H4'"  . DG  A 1 4  ? 8.43991   3.58704   9.54673   1.000 60.50836 ? 4   DG  A "H4'"  1 
ATOM   117 H  "H3'"  . DG  A 1 4  ? 5.98256   4.48954   9.46370   1.000 58.86485 ? 4   DG  A "H3'"  1 
ATOM   118 H  "H2'"  . DG  A 1 4  ? 5.07009   2.81959   8.25715   1.000 58.86761 ? 4   DG  A "H2'"  1 
ATOM   119 H  "H2''" . DG  A 1 4  ? 5.54482   3.72913   7.05638   1.000 58.86761 ? 4   DG  A "H2''" 1 
ATOM   120 H  "H1'"  . DG  A 1 4  ? 7.39578   2.50346   6.69565   1.000 55.58464 ? 4   DG  A "H1'"  1 
ATOM   121 H  H8     . DG  A 1 4  ? 4.82850   0.59912   8.46182   1.000 43.78728 ? 4   DG  A H8     1 
ATOM   122 H  H1     . DG  A 1 4  ? 7.25761   -2.52612  3.83710   1.000 45.31792 ? 4   DG  A H1     1 
ATOM   123 H  H21    . DG  A 1 4  ? 9.34787   -0.07568  3.41116   1.000 55.28652 ? 4   DG  A H21    1 
ATOM   124 H  H22    . DG  A 1 4  ? 8.91793   -1.41490  2.92080   1.000 55.28652 ? 4   DG  A H22    1 
ATOM   125 P  P      . DA  A 1 5  ? 6.46707   6.23333   7.33330   1.000 57.65435 ? 5   DA  A P      1 
ATOM   126 O  OP1    . DA  A 1 5  ? 7.03960   7.52240   7.77473   1.000 65.00102 ? 5   DA  A OP1    1 
ATOM   127 O  OP2    . DA  A 1 5  ? 5.00743   5.95777   7.36178   1.000 52.80751 ? 5   DA  A OP2    1 
ATOM   128 O  "O5'"  . DA  A 1 5  ? 6.92689   5.92687   5.84915   1.000 52.23678 ? 5   DA  A "O5'"  1 
ATOM   129 C  "C5'"  . DA  A 1 5  ? 8.26696   5.81802   5.56177   1.000 48.69191 ? 5   DA  A "C5'"  1 
ATOM   130 C  "C4'"  . DA  A 1 5  ? 8.46314   5.39163   4.13962   1.000 47.86137 ? 5   DA  A "C4'"  1 
ATOM   131 O  "O4'"  . DA  A 1 5  ? 7.91391   4.04904   4.00161   1.000 46.95679 ? 5   DA  A "O4'"  1 
ATOM   132 C  "C3'"  . DA  A 1 5  ? 7.75152   6.26419   3.09589   1.000 53.37562 ? 5   DA  A "C3'"  1 
ATOM   133 O  "O3'"  . DA  A 1 5  ? 8.65001   6.54107   1.98806   1.000 53.63300 ? 5   DA  A "O3'"  1 
ATOM   134 C  "C2'"  . DA  A 1 5  ? 6.51322   5.43193   2.69813   1.000 44.54994 ? 5   DA  A "C2'"  1 
ATOM   135 C  "C1'"  . DA  A 1 5  ? 6.95920   3.99559   2.96039   1.000 40.83856 ? 5   DA  A "C1'"  1 
ATOM   136 N  N9     . DA  A 1 5  ? 5.91455   3.06379   3.38771   1.000 37.43661 ? 5   DA  A N9     1 
ATOM   137 C  C8     . DA  A 1 5  ? 5.02793   3.21023   4.40788   1.000 37.64417 ? 5   DA  A C8     1 
ATOM   138 N  N7     . DA  A 1 5  ? 4.25338   2.16193   4.58629   1.000 37.75970 ? 5   DA  A N7     1 
ATOM   139 C  C5     . DA  A 1 5  ? 4.69347   1.27044   3.62729   1.000 36.85151 ? 5   DA  A C5     1 
ATOM   140 C  C6     . DA  A 1 5  ? 4.28388   -0.02588  3.27604   1.000 34.38704 ? 5   DA  A C6     1 
ATOM   141 N  N6     . DA  A 1 5  ? 3.31448   -0.67465  3.88842   1.000 35.17665 ? 5   DA  A N6     1 
ATOM   142 N  N1     . DA  A 1 5  ? 4.92374   -0.63217  2.25685   1.000 39.25225 ? 5   DA  A N1     1 
ATOM   143 C  C2     . DA  A 1 5  ? 5.91004   0.00404   1.65251   1.000 36.87224 ? 5   DA  A C2     1 
ATOM   144 N  N3     . DA  A 1 5  ? 6.37682   1.23945   1.88205   1.000 39.51927 ? 5   DA  A N3     1 
ATOM   145 C  C4     . DA  A 1 5  ? 5.72558   1.80655   2.90205   1.000 33.11517 ? 5   DA  A C4     1 
ATOM   146 H  "H5'"  . DA  A 1 5  ? 8.67017   5.16266   6.15238   1.000 58.44149 ? 5   DA  A "H5'"  1 
ATOM   147 H  "H5''" . DA  A 1 5  ? 8.69656   6.67629   5.70220   1.000 58.44149 ? 5   DA  A "H5''" 1 
ATOM   148 H  "H4'"  . DA  A 1 5  ? 9.40732   5.38016   3.91759   1.000 57.44484 ? 5   DA  A "H4'"  1 
ATOM   149 H  "H3'"  . DA  A 1 5  ? 7.44622   7.09462   3.49348   1.000 64.06194 ? 5   DA  A "H3'"  1 
ATOM   150 H  "H2'"  . DA  A 1 5  ? 5.74537   5.66486   3.24315   1.000 53.47113 ? 5   DA  A "H2'"  1 
ATOM   151 H  "H2''" . DA  A 1 5  ? 6.28877   5.56345   1.76366   1.000 53.47113 ? 5   DA  A "H2''" 1 
ATOM   152 H  "H1'"  . DA  A 1 5  ? 7.35430   3.66696   2.13771   1.000 49.01747 ? 5   DA  A "H1'"  1 
ATOM   153 H  H8     . DA  A 1 5  ? 4.97411   3.97812   4.92975   1.000 45.18421 ? 5   DA  A H8     1 
ATOM   154 H  H61    . DA  A 1 5  ? 3.10169   -1.46859  3.63553   1.000 42.22318 ? 5   DA  A H61    1 
ATOM   155 H  H62    . DA  A 1 5  ? 2.89446   -0.30419  4.54107   1.000 42.22318 ? 5   DA  A H62    1 
ATOM   156 H  H2     . DA  A 1 5  ? 6.33895   -0.46875  0.97619   1.000 44.25789 ? 5   DA  A H2     1 
ATOM   157 P  P      . DA  A 1 6  ? 8.15592   7.39175   0.71651   1.000 59.35583 ? 6   DA  A P      1 
ATOM   158 O  OP1    . DA  A 1 6  ? 9.35256   8.01068   0.11104   1.000 61.22700 ? 6   DA  A OP1    1 
ATOM   159 O  OP2    . DA  A 1 6  ? 7.00642   8.23699   1.13214   1.000 52.61176 ? 6   DA  A OP2    1 
ATOM   160 O  "O5'"  . DA  A 1 6  ? 7.62012   6.25710   -0.28918  1.000 48.12478 ? 6   DA  A "O5'"  1 
ATOM   161 C  "C5'"  . DA  A 1 6  ? 8.53667   5.31585   -0.80864  1.000 47.48097 ? 6   DA  A "C5'"  1 
ATOM   162 C  "C4'"  . DA  A 1 6  ? 7.85410   4.31419   -1.70262  1.000 42.62242 ? 6   DA  A "C4'"  1 
ATOM   163 O  "O4'"  . DA  A 1 6  ? 6.91026   3.52015   -0.93104  1.000 39.85375 ? 6   DA  A "O4'"  1 
ATOM   164 C  "C3'"  . DA  A 1 6  ? 7.08193   4.93080   -2.84961  1.000 44.76957 ? 6   DA  A "C3'"  1 
ATOM   165 O  "O3'"  . DA  A 1 6  ? 7.60301   4.41768   -4.06010  1.000 45.83557 ? 6   DA  A "O3'"  1 
ATOM   166 C  "C2'"  . DA  A 1 6  ? 5.61262   4.53132   -2.59147  1.000 43.18009 ? 6   DA  A "C2'"  1 
ATOM   167 C  "C1'"  . DA  A 1 6  ? 5.72118   3.32359   -1.67909  1.000 39.74594 ? 6   DA  A "C1'"  1 
ATOM   168 N  N9     . DA  A 1 6  ? 4.63498   3.15906   -0.69906  1.000 33.37167 ? 6   DA  A N9     1 
ATOM   169 C  C8     . DA  A 1 6  ? 4.23734   4.07437   0.22509   1.000 36.56024 ? 6   DA  A C8     1 
ATOM   170 N  N7     . DA  A 1 6  ? 3.30639   3.65558   1.02513   1.000 33.94082 ? 6   DA  A N7     1 
ATOM   171 C  C5     . DA  A 1 6  ? 3.07619   2.35483   0.61212   1.000 33.51284 ? 6   DA  A C5     1 
ATOM   172 C  C6     . DA  A 1 6  ? 2.20242   1.35484   1.07928   1.000 33.01149 ? 6   DA  A C6     1 
ATOM   173 N  N6     . DA  A 1 6  ? 1.36798   1.52759   2.08946   1.000 32.83270 ? 6   DA  A N6     1 
ATOM   174 N  N1     . DA  A 1 6  ? 2.21867   0.17368   0.45435   1.000 34.09664 ? 6   DA  A N1     1 
ATOM   175 C  C2     . DA  A 1 6  ? 3.07214   -0.00642  -0.56485  1.000 36.42266 ? 6   DA  A C2     1 
ATOM   176 N  N3     . DA  A 1 6  ? 3.95352   0.85429   -1.08602  1.000 35.67900 ? 6   DA  A N3     1 
ATOM   177 C  C4     . DA  A 1 6  ? 3.90219   2.02773   -0.43866  1.000 34.15863 ? 6   DA  A C4     1 
ATOM   178 H  "H5'"  . DA  A 1 6  ? 8.96034   4.84681   -0.07284  1.000 56.98836 ? 6   DA  A "H5'"  1 
ATOM   179 H  "H5''" . DA  A 1 6  ? 9.21662   5.78369   -1.31825  1.000 56.98836 ? 6   DA  A "H5''" 1 
ATOM   180 H  "H4'"  . DA  A 1 6  ? 8.51164   3.70086   -2.06644  1.000 51.15810 ? 6   DA  A "H4'"  1 
ATOM   181 H  "H3'"  . DA  A 1 6  ? 7.12846   5.89940   -2.82588  1.000 53.73468 ? 6   DA  A "H3'"  1 
ATOM   182 H  "H2'"  . DA  A 1 6  ? 5.12750   5.25132   -2.15886  1.000 51.82731 ? 6   DA  A "H2'"  1 
ATOM   183 H  "H2''" . DA  A 1 6  ? 5.16407   4.30165   -3.42029  1.000 51.82731 ? 6   DA  A "H2''" 1 
ATOM   184 H  "H1'"  . DA  A 1 6  ? 5.76318   2.53152   -2.23744  1.000 47.70633 ? 6   DA  A "H1'"  1 
ATOM   185 H  H8     . DA  A 1 6  ? 4.60209   4.92817   0.27877   1.000 43.88349 ? 6   DA  A H8     1 
ATOM   186 H  H61    . DA  A 1 6  ? 0.84906   0.88650   2.33301   1.000 39.41043 ? 6   DA  A H61    1 
ATOM   187 H  H62    . DA  A 1 6  ? 1.34390   2.28112   2.50327   1.000 39.41043 ? 6   DA  A H62    1 
ATOM   188 H  H2     . DA  A 1 6  ? 3.04762   -0.84588  -0.96436  1.000 43.71839 ? 6   DA  A H2     1 
ATOM   189 P  P      . DT  A 1 7  ? 7.02965   4.90267   -5.46679  1.000 49.66468 ? 7   DT  A P      1 
ATOM   190 O  OP1    . DT  A 1 7  ? 8.08241   4.56670   -6.43975  1.000 50.53805 ? 7   DT  A OP1    1 
ATOM   191 O  OP2    . DT  A 1 7  ? 6.39862   6.25285   -5.34016  1.000 49.28272 ? 7   DT  A OP2    1 
ATOM   192 O  "O5'"  . DT  A 1 7  ? 5.80955   3.88812   -5.70323  1.000 44.18097 ? 7   DT  A "O5'"  1 
ATOM   193 C  "C5'"  . DT  A 1 7  ? 6.04587   2.50557   -5.78808  1.000 39.00746 ? 7   DT  A "C5'"  1 
ATOM   194 C  "C4'"  . DT  A 1 7  ? 4.72541   1.74504   -5.80136  1.000 37.14106 ? 7   DT  A "C4'"  1 
ATOM   195 O  "O4'"  . DT  A 1 7  ? 4.07200   1.90074   -4.54077  1.000 35.48777 ? 7   DT  A "O4'"  1 
ATOM   196 C  "C3'"  . DT  A 1 7  ? 3.70657   2.19002   -6.86696  1.000 39.71508 ? 7   DT  A "C3'"  1 
ATOM   197 O  "O3'"  . DT  A 1 7  ? 3.70366   1.23095   -7.87539  1.000 40.90619 ? 7   DT  A "O3'"  1 
ATOM   198 C  "C2'"  . DT  A 1 7  ? 2.36448   2.28662   -6.10258  1.000 36.21465 ? 7   DT  A "C2'"  1 
ATOM   199 C  "C1'"  . DT  A 1 7  ? 2.69361   1.65763   -4.74276  1.000 35.37359 ? 7   DT  A "C1'"  1 
ATOM   200 N  N1     . DT  A 1 7  ? 1.96838   2.21134   -3.60707  1.000 32.91386 ? 7   DT  A N1     1 
ATOM   201 C  C2     . DT  A 1 7  ? 1.11646   1.40054   -2.91954  1.000 33.74822 ? 7   DT  A C2     1 
ATOM   202 O  O2     . DT  A 1 7  ? 0.92965   0.23266   -3.22476  1.000 34.96692 ? 7   DT  A O2     1 
ATOM   203 N  N3     . DT  A 1 7  ? 0.46913   1.99361   -1.88151  1.000 33.74961 ? 7   DT  A N3     1 
ATOM   204 C  C4     . DT  A 1 7  ? 0.58037   3.31170   -1.47179  1.000 34.13862 ? 7   DT  A C4     1 
ATOM   205 O  O4     . DT  A 1 7  ? -0.02533  3.75351   -0.49142  1.000 34.03518 ? 7   DT  A O4     1 
ATOM   206 C  C5     . DT  A 1 7  ? 1.48255   4.12094   -2.24868  1.000 32.35226 ? 7   DT  A C5     1 
ATOM   207 C  C7     . DT  A 1 7  ? 1.69825   5.57211   -1.88168  1.000 34.49566 ? 7   DT  A C7     1 
ATOM   208 C  C6     . DT  A 1 7  ? 2.11705   3.54657   -3.28114  1.000 33.56435 ? 7   DT  A C6     1 
ATOM   209 H  "H5'"  . DT  A 1 7  ? 6.57356   2.22154   -5.02534  1.000 46.82015 ? 7   DT  A "H5'"  1 
ATOM   210 H  "H5''" . DT  A 1 7  ? 6.53727   2.31208   -6.60170  1.000 46.82015 ? 7   DT  A "H5''" 1 
ATOM   211 H  "H4'"  . DT  A 1 7  ? 4.91289   0.80362   -5.94092  1.000 44.58047 ? 7   DT  A "H4'"  1 
ATOM   212 H  "H3'"  . DT  A 1 7  ? 3.90879   3.07357   -7.21240  1.000 47.66929 ? 7   DT  A "H3'"  1 
ATOM   213 H  "H2'"  . DT  A 1 7  ? 2.08372   3.20974   -6.00287  1.000 43.46878 ? 7   DT  A "H2'"  1 
ATOM   214 H  "H2''" . DT  A 1 7  ? 1.66559   1.79138   -6.55774  1.000 43.46878 ? 7   DT  A "H2''" 1 
ATOM   215 H  "H1'"  . DT  A 1 7  ? 2.50847   0.70645   -4.78621  1.000 42.45950 ? 7   DT  A "H1'"  1 
ATOM   216 H  H3     . DT  A 1 7  ? -0.06786  1.49604   -1.43021  1.000 40.51074 ? 7   DT  A H3     1 
ATOM   217 H  H71    . DT  A 1 7  ? 2.61959   5.69401   -1.60391  1.000 41.40600 ? 7   DT  A H71    1 
ATOM   218 H  H72    . DT  A 1 7  ? 1.51036   6.12501   -2.65621  1.000 41.40600 ? 7   DT  A H72    1 
ATOM   219 H  H73    . DT  A 1 7  ? 1.09993   5.80639   -1.15504  1.000 41.40600 ? 7   DT  A H73    1 
ATOM   220 H  H6     . DT  A 1 7  ? 2.68272   4.07022   -3.80144  1.000 40.28841 ? 7   DT  A H6     1 
ATOM   221 P  P      . DT  A 1 8  ? 2.82339   1.37067   -9.20333  1.000 49.20152 ? 8   DT  A P      1 
ATOM   222 O  OP1    . DT  A 1 8  ? 3.61270   0.58466   -10.18059 1.000 57.94172 ? 8   DT  A OP1    1 
ATOM   223 O  OP2    . DT  A 1 8  ? 2.43694   2.76336   -9.48325  1.000 45.65647 ? 8   DT  A OP2    1 
ATOM   224 O  "O5'"  . DT  A 1 8  ? 1.45850   0.63995   -8.81796  1.000 42.36591 ? 8   DT  A "O5'"  1 
ATOM   225 C  "C5'"  . DT  A 1 8  ? 1.51243   -0.71133  -8.40214  1.000 41.83929 ? 8   DT  A "C5'"  1 
ATOM   226 C  "C4'"  . DT  A 1 8  ? 0.15838   -1.19339  -7.91894  1.000 44.38458 ? 8   DT  A "C4'"  1 
ATOM   227 O  "O4'"  . DT  A 1 8  ? -0.20570  -0.46743  -6.72490  1.000 39.45424 ? 8   DT  A "O4'"  1 
ATOM   228 C  "C3'"  . DT  A 1 8  ? -1.00440  -1.00634  -8.90446  1.000 48.55681 ? 8   DT  A "C3'"  1 
ATOM   229 O  "O3'"  . DT  A 1 8  ? -1.53749  -2.29985  -9.25239  1.000 49.49024 ? 8   DT  A "O3'"  1 
ATOM   230 C  "C2'"  . DT  A 1 8  ? -2.01350  -0.10095  -8.17261  1.000 42.46470 ? 8   DT  A "C2'"  1 
ATOM   231 C  "C1'"  . DT  A 1 8  ? -1.61065  -0.24293  -6.71705  1.000 39.81737 ? 8   DT  A "C1'"  1 
ATOM   232 N  N1     . DT  A 1 8  ? -1.83868  0.93317   -5.82779  1.000 34.24839 ? 8   DT  A N1     1 
ATOM   233 C  C2     . DT  A 1 8  ? -2.57090  0.77034   -4.67230  1.000 35.86853 ? 8   DT  A C2     1 
ATOM   234 O  O2     . DT  A 1 8  ? -3.14988  -0.24760  -4.39603  1.000 36.44472 ? 8   DT  A O2     1 
ATOM   235 N  N3     . DT  A 1 8  ? -2.64580  1.87126   -3.87462  1.000 33.85892 ? 8   DT  A N3     1 
ATOM   236 C  C4     . DT  A 1 8  ? -2.06349  3.10213   -4.10288  1.000 32.63140 ? 8   DT  A C4     1 
ATOM   237 O  O4     . DT  A 1 8  ? -2.15159  4.01750   -3.30859  1.000 31.17973 ? 8   DT  A O4     1 
ATOM   238 C  C5     . DT  A 1 8  ? -1.29155  3.20647   -5.32158  1.000 33.47606 ? 8   DT  A C5     1 
ATOM   239 C  C7     . DT  A 1 8  ? -0.58646  4.49804   -5.66965  1.000 36.03454 ? 8   DT  A C7     1 
ATOM   240 C  C6     . DT  A 1 8  ? -1.20410  2.13322   -6.10443  1.000 32.38974 ? 8   DT  A C6     1 
ATOM   241 H  "H5'"  . DT  A 1 8  ? 2.15594   -0.79663  -7.68135  1.000 50.21835 ? 8   DT  A "H5'"  1 
ATOM   242 H  "H5''" . DT  A 1 8  ? 1.79841   -1.26211  -9.14763  1.000 50.21835 ? 8   DT  A "H5''" 1 
ATOM   243 H  "H4'"  . DT  A 1 8  ? 0.21903   -2.13764  -7.70534  1.000 53.27270 ? 8   DT  A "H4'"  1 
ATOM   244 H  "H3'"  . DT  A 1 8  ? -0.70575  -0.52682  -9.69298  1.000 58.27938 ? 8   DT  A "H3'"  1 
ATOM   245 H  "H2'"  . DT  A 1 8  ? -1.93723  0.81953   -8.46893  1.000 50.96884 ? 8   DT  A "H2'"  1 
ATOM   246 H  "H2''" . DT  A 1 8  ? -2.92376  -0.40422  -8.31525  1.000 50.96884 ? 8   DT  A "H2''" 1 
ATOM   247 H  "H1'"  . DT  A 1 8  ? -2.11054  -0.99450  -6.36189  1.000 47.79204 ? 8   DT  A "H1'"  1 
ATOM   248 H  H3     . DT  A 1 8  ? -3.10466  1.79141   -3.15167  1.000 40.64191 ? 8   DT  A H3     1 
ATOM   249 H  H71    . DT  A 1 8  ? -1.06420  5.23805   -5.26341  1.000 43.25265 ? 8   DT  A H71    1 
ATOM   250 H  H72    . DT  A 1 8  ? 0.32133   4.46383   -5.32959  1.000 43.25265 ? 8   DT  A H72    1 
ATOM   251 H  H73    . DT  A 1 8  ? -0.57473  4.60146   -6.63406  1.000 43.25265 ? 8   DT  A H73    1 
ATOM   252 H  H6     . DT  A 1 8  ? -0.69021  2.19213   -6.87731  1.000 38.87889 ? 8   DT  A H6     1 
ATOM   253 P  P      . DC  A 1 9  ? -2.73509  -2.45903  -10.30091 1.000 50.54745 ? 9   DC  A P      1 
ATOM   254 O  OP1    . DC  A 1 9  ? -2.54438  -3.81005  -10.87187 1.000 59.06274 ? 9   DC  A OP1    1 
ATOM   255 O  OP2    . DC  A 1 9  ? -2.83434  -1.25718  -11.12451 1.000 48.69332 ? 9   DC  A OP2    1 
ATOM   256 O  "O5'"  . DC  A 1 9  ? -4.02191  -2.47587  -9.37512  1.000 47.63098 ? 9   DC  A "O5'"  1 
ATOM   257 C  "C5'"  . DC  A 1 9  ? -4.09397  -3.45832  -8.33330  1.000 44.78944 ? 9   DC  A "C5'"  1 
ATOM   258 C  "C4'"  . DC  A 1 9  ? -5.31731  -3.24256  -7.46951  1.000 46.25200 ? 9   DC  A "C4'"  1 
ATOM   259 O  "O4'"  . DC  A 1 9  ? -5.19497  -1.98691  -6.77051  1.000 43.11650 ? 9   DC  A "O4'"  1 
ATOM   260 C  "C3'"  . DC  A 1 9  ? -6.63710  -3.17574  -8.22588  1.000 44.85193 ? 9   DC  A "C3'"  1 
ATOM   261 O  "O3'"  . DC  A 1 9  ? -7.47747  -4.20762  -7.74157  1.000 46.73831 ? 9   DC  A "O3'"  1 
ATOM   262 C  "C2'"  . DC  A 1 9  ? -7.18737  -1.75353  -7.95653  1.000 42.42898 ? 9   DC  A "C2'"  1 
ATOM   263 C  "C1'"  . DC  A 1 9  ? -6.44319  -1.34462  -6.69523  1.000 42.24567 ? 9   DC  A "C1'"  1 
ATOM   264 N  N1     . DC  A 1 9  ? -6.13525  0.07108   -6.54307  1.000 37.43036 ? 9   DC  A N1     1 
ATOM   265 C  C2     . DC  A 1 9  ? -6.49926  0.73125   -5.36920  1.000 36.46400 ? 9   DC  A C2     1 
ATOM   266 O  O2     . DC  A 1 9  ? -7.17786  0.13070   -4.53519  1.000 37.73697 ? 9   DC  A O2     1 
ATOM   267 N  N3     . DC  A 1 9  ? -6.11739  2.02739   -5.18923  1.000 35.45373 ? 9   DC  A N3     1 
ATOM   268 C  C4     . DC  A 1 9  ? -5.38842  2.62818   -6.11341  1.000 35.75503 ? 9   DC  A C4     1 
ATOM   269 N  N4     . DC  A 1 9  ? -5.03239  3.89673   -5.89686  1.000 34.71346 ? 9   DC  A N4     1 
ATOM   270 C  C5     . DC  A 1 9  ? -4.99930  1.95610   -7.31283  1.000 35.47548 ? 9   DC  A C5     1 
ATOM   271 C  C6     . DC  A 1 9  ? -5.37030  0.68888   -7.46854  1.000 35.93761 ? 9   DC  A C6     1 
ATOM   272 H  "H5'"  . DC  A 1 9  ? -3.29867  -3.39718  -7.78134  1.000 53.75853 ? 9   DC  A "H5'"  1 
ATOM   273 H  "H5''" . DC  A 1 9  ? -4.13553  -4.34230  -8.73047  1.000 53.75853 ? 9   DC  A "H5''" 1 
ATOM   274 H  "H4'"  . DC  A 1 9  ? -5.37376  -3.95643  -6.81520  1.000 55.51359 ? 9   DC  A "H4'"  1 
ATOM   275 H  "H3'"  . DC  A 1 9  ? -6.49350  -3.25027  -9.18229  1.000 53.83351 ? 9   DC  A "H3'"  1 
ATOM   276 H  "H2'"  . DC  A 1 9  ? -6.98919  -1.15376  -8.69266  1.000 50.92597 ? 9   DC  A "H2'"  1 
ATOM   277 H  "H2''" . DC  A 1 9  ? -8.14623  -1.76847  -7.81071  1.000 50.92597 ? 9   DC  A "H2''" 1 
ATOM   278 H  "H1'"  . DC  A 1 9  ? -6.98368  -1.63430  -5.94367  1.000 50.70601 ? 9   DC  A "H1'"  1 
ATOM   279 H  H41    . DC  A 1 9  ? -4.55800  4.31561   -6.47918  1.000 41.66735 ? 9   DC  A H41    1 
ATOM   280 H  H42    . DC  A 1 9  ? -5.27747  4.29490   -5.17506  1.000 41.66735 ? 9   DC  A H42    1 
ATOM   281 H  H5     . DC  A 1 9  ? -4.50096  2.39242   -7.96566  1.000 42.58177 ? 9   DC  A H5     1 
ATOM   282 H  H6     . DC  A 1 9  ? -5.09917  0.22145   -8.22545  1.000 43.13633 ? 9   DC  A H6     1 
ATOM   283 P  P      . DG  A 1 10 ? -8.75813  -4.69164  -8.57684  1.000 55.21893 ? 10  DG  A P      1 
ATOM   284 O  OP1    . DG  A 1 10 ? -8.96605  -6.10549  -8.15895  1.000 54.14791 ? 10  DG  A OP1    1 
ATOM   285 O  OP2    . DG  A 1 10 ? -8.66884  -4.27584  -10.00081 1.000 52.75324 ? 10  DG  A OP2    1 
ATOM   286 O  "O5'"  . DG  A 1 10 ? -9.92258  -3.79227  -7.99799  1.000 52.51947 ? 10  DG  A "O5'"  1 
ATOM   287 C  "C5'"  . DG  A 1 10 ? -10.14559 -3.79298  -6.63481  1.000 48.99831 ? 10  DG  A "C5'"  1 
ATOM   288 C  "C4'"  . DG  A 1 10 ? -11.02543 -2.62855  -6.23357  1.000 51.20857 ? 10  DG  A "C4'"  1 
ATOM   289 O  "O4'"  . DG  A 1 10 ? -10.25910 -1.38134  -6.21062  1.000 44.45159 ? 10  DG  A "O4'"  1 
ATOM   290 C  "C3'"  . DG  A 1 10 ? -12.19885 -2.33941  -7.17179  1.000 49.67282 ? 10  DG  A "C3'"  1 
ATOM   291 O  "O3'"  . DG  A 1 10 ? -13.27056 -1.92000  -6.38663  1.000 53.10818 ? 10  DG  A "O3'"  1 
ATOM   292 C  "C2'"  . DG  A 1 10 ? -11.65503 -1.20212  -8.01741  1.000 45.82315 ? 10  DG  A "C2'"  1 
ATOM   293 C  "C1'"  . DG  A 1 10 ? -11.02238 -0.41599  -6.91053  1.000 40.95292 ? 10  DG  A "C1'"  1 
ATOM   294 N  N9     . DG  A 1 10 ? -10.16205 0.67198   -7.30159  1.000 36.89497 ? 10  DG  A N9     1 
ATOM   295 C  C8     . DG  A 1 10 ? -9.42669  0.78431   -8.44655  1.000 37.94968 ? 10  DG  A C8     1 
ATOM   296 N  N7     . DG  A 1 10 ? -8.71392  1.86475   -8.50144  1.000 35.41425 ? 10  DG  A N7     1 
ATOM   297 C  C5     . DG  A 1 10 ? -9.01297  2.51519   -7.31304  1.000 37.03523 ? 10  DG  A C5     1 
ATOM   298 C  C6     . DG  A 1 10 ? -8.55773  3.74388   -6.81114  1.000 36.26239 ? 10  DG  A C6     1 
ATOM   299 O  O6     . DG  A 1 10 ? -7.79131  4.54237   -7.34010  1.000 37.41748 ? 10  DG  A O6     1 
ATOM   300 N  N1     . DG  A 1 10 ? -9.12659  4.03786   -5.58376  1.000 33.13886 ? 10  DG  A N1     1 
ATOM   301 C  C2     . DG  A 1 10 ? -9.99884  3.22127   -4.90170  1.000 33.82643 ? 10  DG  A C2     1 
ATOM   302 N  N2     . DG  A 1 10 ? -10.40084 3.66003   -3.72888  1.000 36.05958 ? 10  DG  A N2     1 
ATOM   303 N  N3     . DG  A 1 10 ? -10.44682 2.06235   -5.35406  1.000 36.56134 ? 10  DG  A N3     1 
ATOM   304 C  C4     . DG  A 1 10 ? -9.90822  1.77618   -6.56795  1.000 39.08061 ? 10  DG  A C4     1 
ATOM   305 H  "H5'"  . DG  A 1 10 ? -9.29591  -3.72635  -6.17165  1.000 58.80918 ? 10  DG  A "H5'"  1 
ATOM   306 H  "H5''" . DG  A 1 10 ? -10.57880 -4.62323  -6.38200  1.000 58.80918 ? 10  DG  A "H5''" 1 
ATOM   307 H  "H4'"  . DG  A 1 10 ? -11.35694 -2.80803  -5.33982  1.000 61.46149 ? 10  DG  A "H4'"  1 
ATOM   308 H  "H3'"  . DG  A 1 10 ? -12.42755 -3.09844  -7.73081  1.000 59.61858 ? 10  DG  A "H3'"  1 
ATOM   309 H  "H2'"  . DG  A 1 10 ? -11.00836 -1.50457  -8.67410  1.000 54.99898 ? 10  DG  A "H2'"  1 
ATOM   310 H  "H2''" . DG  A 1 10 ? -12.35657 -0.70774  -8.46945  1.000 54.99898 ? 10  DG  A "H2''" 1 
ATOM   311 H  "H1'"  . DG  A 1 10 ? -11.71490 -0.02550  -6.35480  1.000 49.15471 ? 10  DG  A "H1'"  1 
ATOM   312 H  H8     . DG  A 1 10 ? -9.43655  0.14590   -9.12274  1.000 45.55081 ? 10  DG  A H8     1 
ATOM   313 H  H1     . DG  A 1 10 ? -8.91874  4.78872   -5.21960  1.000 39.77783 ? 10  DG  A H1     1 
ATOM   314 H  H21    . DG  A 1 10 ? -10.95180 3.19389   -3.26117  1.000 43.28269 ? 10  DG  A H21    1 
ATOM   315 H  H22    . DG  A 1 10 ? -10.11275 4.41308   -3.42967  1.000 43.28269 ? 10  DG  A H22    1 
ATOM   316 P  P      . DC  A 1 11 ? -14.62894 -2.75894  -6.30764  1.000 60.58492 ? 11  DC  A P      1 
ATOM   317 O  OP1    . DC  A 1 11 ? -14.17705 -4.11006  -5.90121  1.000 59.24824 ? 11  DC  A OP1    1 
ATOM   318 O  OP2    . DC  A 1 11 ? -15.43788 -2.61985  -7.55850  1.000 56.17449 ? 11  DC  A OP2    1 
ATOM   319 O  "O5'"  . DC  A 1 11 ? -15.35275 -2.06920  -5.05737  1.000 55.29069 ? 11  DC  A "O5'"  1 
ATOM   320 C  "C5'"  . DC  A 1 11 ? -14.69037 -2.13831  -3.77003  1.000 54.69650 ? 11  DC  A "C5'"  1 
ATOM   321 C  "C4'"  . DC  A 1 11 ? -14.88622 -0.86937  -2.93673  1.000 54.12890 ? 11  DC  A "C4'"  1 
ATOM   322 O  "O4'"  . DC  A 1 11 ? -14.12526 0.22697   -3.48141  1.000 51.29301 ? 11  DC  A "O4'"  1 
ATOM   323 C  "C3'"  . DC  A 1 11 ? -16.30353 -0.37364  -2.81595  1.000 52.86759 ? 11  DC  A "C3'"  1 
ATOM   324 O  "O3'"  . DC  A 1 11 ? -16.56602 -0.01480  -1.44273  1.000 56.78902 ? 11  DC  A "O3'"  1 
ATOM   325 C  "C2'"  . DC  A 1 11 ? -16.36936 0.83655   -3.75646  1.000 50.85035 ? 11  DC  A "C2'"  1 
ATOM   326 C  "C1'"  . DC  A 1 11 ? -14.94780 1.35663   -3.70297  1.000 50.10700 ? 11  DC  A "C1'"  1 
ATOM   327 N  N1     . DC  A 1 11 ? -14.42610 1.94743   -4.91075  1.000 44.49169 ? 11  DC  A N1     1 
ATOM   328 C  C2     . DC  A 1 11 ? -13.83256 3.19490   -4.84752  1.000 37.21304 ? 11  DC  A C2     1 
ATOM   329 O  O2     . DC  A 1 11 ? -13.88160 3.83207   -3.78358  1.000 39.54442 ? 11  DC  A O2     1 
ATOM   330 N  N3     . DC  A 1 11 ? -13.24772 3.69641   -5.95603  1.000 39.16451 ? 11  DC  A N3     1 
ATOM   331 C  C4     . DC  A 1 11 ? -13.21267 2.98779   -7.06833  1.000 39.34607 ? 11  DC  A C4     1 
ATOM   332 N  N4     . DC  A 1 11 ? -12.62965 3.53365   -8.13073  1.000 41.70161 ? 11  DC  A N4     1 
ATOM   333 C  C5     . DC  A 1 11 ? -13.78381 1.68438   -7.14752  1.000 43.76814 ? 11  DC  A C5     1 
ATOM   334 C  C6     . DC  A 1 11 ? -14.35940 1.19945   -6.04825  1.000 42.36358 ? 11  DC  A C6     1 
ATOM   335 H  "H5'"  . DC  A 1 11 ? -13.74076 -2.27359  -3.91437  1.000 65.64700 ? 11  DC  A "H5'"  1 
ATOM   336 H  "H5''" . DC  A 1 11 ? -15.04555 -2.89396  -3.27632  1.000 65.64700 ? 11  DC  A "H5''" 1 
ATOM   337 H  "H4'"  . DC  A 1 11 ? -14.54791 -1.04901  -2.04557  1.000 64.96588 ? 11  DC  A "H4'"  1 
ATOM   338 H  "H3'"  . DC  A 1 11 ? -16.92409 -1.04850  -3.13274  1.000 63.45230 ? 11  DC  A "H3'"  1 
ATOM   339 H  "H2'"  . DC  A 1 11 ? -16.61638 0.57264   -4.65659  1.000 61.03162 ? 11  DC  A "H2'"  1 
ATOM   340 H  "H2''" . DC  A 1 11 ? -17.00137 1.49947   -3.43706  1.000 61.03162 ? 11  DC  A "H2''" 1 
ATOM   341 H  "H1'"  . DC  A 1 11 ? -14.92273 2.00504   -2.98197  1.000 60.13959 ? 11  DC  A "H1'"  1 
ATOM   342 H  H41    . DC  A 1 11 ? -12.59027 3.09777   -8.87103  1.000 50.05313 ? 11  DC  A H41    1 
ATOM   343 H  H42    . DC  A 1 11 ? -12.29181 4.32274   -8.07783  1.000 50.05313 ? 11  DC  A H42    1 
ATOM   344 H  H5     . DC  A 1 11 ? -13.75576 1.19165   -7.93577  1.000 52.53297 ? 11  DC  A H5     1 
ATOM   345 H  H6     . DC  A 1 11 ? -14.71930 0.34195   -6.05710  1.000 50.84750 ? 11  DC  A H6     1 
ATOM   346 P  P      . DG  A 1 12 ? -18.08448 0.09780   -0.94134  1.000 68.13939 ? 12  DG  A P      1 
ATOM   347 O  OP1    . DG  A 1 12 ? -18.04045 -0.00270  0.53319   1.000 68.26183 ? 12  DG  A OP1    1 
ATOM   348 O  OP2    . DG  A 1 12 ? -18.90711 -0.82172  -1.75293  1.000 61.81861 ? 12  DG  A OP2    1 
ATOM   349 O  "O5'"  . DG  A 1 12 ? -18.55401 1.58335   -1.30553  1.000 58.77092 ? 12  DG  A "O5'"  1 
ATOM   350 C  "C5'"  . DG  A 1 12 ? -18.07489 2.72035   -0.60277  1.000 49.30198 ? 12  DG  A "C5'"  1 
ATOM   351 C  "C4'"  . DG  A 1 12 ? -18.41697 3.98615   -1.37610  1.000 52.60156 ? 12  DG  A "C4'"  1 
ATOM   352 O  "O4'"  . DG  A 1 12 ? -17.57676 4.10556   -2.53074  1.000 49.62381 ? 12  DG  A "O4'"  1 
ATOM   353 C  "C3'"  . DG  A 1 12 ? -19.83035 4.03200   -1.92079  1.000 48.38052 ? 12  DG  A "C3'"  1 
ATOM   354 O  "O3'"  . DG  A 1 12 ? -20.74379 4.63029   -0.96767  1.000 54.28934 ? 12  DG  A "O3'"  1 
ATOM   355 C  "C2'"  . DG  A 1 12 ? -19.72164 4.86773   -3.20736  1.000 47.27797 ? 12  DG  A "C2'"  1 
ATOM   356 C  "C1'"  . DG  A 1 12 ? -18.22984 4.92179   -3.50739  1.000 45.09732 ? 12  DG  A "C1'"  1 
ATOM   357 N  N9     . DG  A 1 12 ? -17.83240 4.47622   -4.85024  1.000 42.29038 ? 12  DG  A N9     1 
ATOM   358 C  C8     . DG  A 1 12 ? -18.02540 3.25214   -5.44793  1.000 46.16251 ? 12  DG  A C8     1 
ATOM   359 N  N7     . DG  A 1 12 ? -17.42129 3.14598   -6.61466  1.000 46.66752 ? 12  DG  A N7     1 
ATOM   360 C  C5     . DG  A 1 12 ? -16.73068 4.33955   -6.74787  1.000 40.22886 ? 12  DG  A C5     1 
ATOM   361 C  C6     . DG  A 1 12 ? -15.88945 4.80373   -7.79536  1.000 38.32711 ? 12  DG  A C6     1 
ATOM   362 O  O6     . DG  A 1 12 ? -15.58809 4.22131   -8.85058  1.000 46.02315 ? 12  DG  A O6     1 
ATOM   363 N  N1     . DG  A 1 12 ? -15.37241 6.06574   -7.51846  1.000 42.55825 ? 12  DG  A N1     1 
ATOM   364 C  C2     . DG  A 1 12 ? -15.63351 6.78330   -6.35833  1.000 39.47073 ? 12  DG  A C2     1 
ATOM   365 N  N2     . DG  A 1 12 ? -15.07922 7.97790   -6.25646  1.000 41.45557 ? 12  DG  A N2     1 
ATOM   366 N  N3     . DG  A 1 12 ? -16.44654 6.37181   -5.39873  1.000 36.60162 ? 12  DG  A N3     1 
ATOM   367 C  C4     . DG  A 1 12 ? -16.93512 5.13966   -5.64943  1.000 42.93618 ? 12  DG  A C4     1 
ATOM   368 H  "H5'"  . DG  A 1 12 ? -17.11278 2.65475   -0.49809  1.000 59.17358 ? 12  DG  A "H5'"  1 
ATOM   369 H  "H5''" . DG  A 1 12 ? -18.48637 2.75579   0.27491   1.000 59.17358 ? 12  DG  A "H5''" 1 
ATOM   370 H  "H4'"  . DG  A 1 12 ? -18.26155 4.74925   -0.79781  1.000 63.13307 ? 12  DG  A "H4'"  1 
ATOM   371 H  "H3'"  . DG  A 1 12 ? -20.10708 3.12822   -2.13873  1.000 58.06782 ? 12  DG  A "H3'"  1 
ATOM   372 H  "HO3'" . DG  A 1 12 ? -21.22539 5.27896   -1.19771  1.000 65.15841 ? 12  DG  A "HO3'" 1 
ATOM   373 H  "H2'"  . DG  A 1 12 ? -20.20383 4.44416   -3.93467  1.000 56.74477 ? 12  DG  A "H2'"  1 
ATOM   374 H  "H2''" . DG  A 1 12 ? -20.07752 5.75951   -3.06958  1.000 56.74477 ? 12  DG  A "H2''" 1 
ATOM   375 H  "H1'"  . DG  A 1 12 ? -17.93973 5.84150   -3.40312  1.000 54.12799 ? 12  DG  A "H1'"  1 
ATOM   376 H  H8     . DG  A 1 12 ? -18.53019 2.56977   -5.06786  1.000 55.40621 ? 12  DG  A H8     1 
ATOM   377 H  H1     . DG  A 1 12 ? -14.85660 6.42547   -8.10508  1.000 51.08110 ? 12  DG  A H1     1 
ATOM   378 H  H21    . DG  A 1 12 ? -15.24894 8.47397   -5.57476  1.000 49.75788 ? 12  DG  A H21    1 
ATOM   379 H  H22    . DG  A 1 12 ? -14.54860 8.25962   -6.87183  1.000 49.75788 ? 12  DG  A H22    1 
ATOM   380 O  "O5'"  . DC  B 1 1  ? -11.45305 11.73665  -13.51697 1.000 80.52570 ? 13  DC  B "O5'"  1 
ATOM   381 C  "C5'"  . DC  B 1 1  ? -12.20581 12.81751  -12.95679 1.000 69.83684 ? 13  DC  B "C5'"  1 
ATOM   382 C  "C4'"  . DC  B 1 1  ? -12.31545 12.66876  -11.45071 1.000 66.40498 ? 13  DC  B "C4'"  1 
ATOM   383 O  "O4'"  . DC  B 1 1  ? -13.03350 11.44341  -11.14984 1.000 59.97720 ? 13  DC  B "O4'"  1 
ATOM   384 C  "C3'"  . DC  B 1 1  ? -10.98327 12.55567  -10.70619 1.000 60.80898 ? 13  DC  B "C3'"  1 
ATOM   385 O  "O3'"  . DC  B 1 1  ? -11.03114 13.26525  -9.45944  1.000 64.02748 ? 13  DC  B "O3'"  1 
ATOM   386 C  "C2'"  . DC  B 1 1  ? -10.85383 11.05711  -10.49809 1.000 61.87163 ? 13  DC  B "C2'"  1 
ATOM   387 C  "C1'"  . DC  B 1 1  ? -12.29993 10.68895  -10.22498 1.000 54.06839 ? 13  DC  B "C1'"  1 
ATOM   388 N  N1     . DC  B 1 1  ? -12.63189 9.24053   -10.41235 1.000 50.52663 ? 13  DC  B N1     1 
ATOM   389 C  C2     . DC  B 1 1  ? -13.22877 8.52187   -9.36973  1.000 44.10011 ? 13  DC  B C2     1 
ATOM   390 O  O2     . DC  B 1 1  ? -13.48094 9.09626   -8.30851  1.000 43.78173 ? 13  DC  B O2     1 
ATOM   391 N  N3     . DC  B 1 1  ? -13.53561 7.22859   -9.55840  1.000 46.28951 ? 13  DC  B N3     1 
ATOM   392 C  C4     . DC  B 1 1  ? -13.26173 6.63791   -10.71081 1.000 48.72537 ? 13  DC  B C4     1 
ATOM   393 N  N4     . DC  B 1 1  ? -13.56068 5.34665   -10.83082 1.000 52.86600 ? 13  DC  B N4     1 
ATOM   394 C  C5     . DC  B 1 1  ? -12.65543 7.34221   -11.78638 1.000 57.20818 ? 13  DC  B C5     1 
ATOM   395 C  C6     . DC  B 1 1  ? -12.36511 8.63404   -11.59530 1.000 56.61252 ? 13  DC  B C6     1 
ATOM   396 H  "H5'"  . DC  B 1 1  ? -13.09519 12.82319  -13.34390 1.000 83.81541 ? 13  DC  B "H5'"  1 
ATOM   397 H  "H5''" . DC  B 1 1  ? -11.76550 13.65641  -13.16480 1.000 83.81541 ? 13  DC  B "H5''" 1 
ATOM   398 H  "H4'"  . DC  B 1 1  ? -12.80496 13.42555  -11.09220 1.000 79.69717 ? 13  DC  B "H4'"  1 
ATOM   399 H  "H3'"  . DC  B 1 1  ? -10.25914 12.89422  -11.25566 1.000 72.98198 ? 13  DC  B "H3'"  1 
ATOM   400 H  "H2'"  . DC  B 1 1  ? -10.51223 10.61193  -11.28931 1.000 74.25716 ? 13  DC  B "H2'"  1 
ATOM   401 H  "H2''" . DC  B 1 1  ? -10.28024 10.84646  -9.74476  1.000 74.25716 ? 13  DC  B "H2''" 1 
ATOM   402 H  "H1'"  . DC  B 1 1  ? -12.53409 10.92830  -9.31461  1.000 64.89326 ? 13  DC  B "H1'"  1 
ATOM   403 H  H41    . DC  B 1 1  ? -13.39532 4.93358   -11.56677 1.000 63.45040 ? 13  DC  B H41    1 
ATOM   404 H  H42    . DC  B 1 1  ? -13.91922 4.92529   -10.17240 1.000 63.45040 ? 13  DC  B H42    1 
ATOM   405 H  H5     . DC  B 1 1  ? -12.46742 6.92029   -12.59356 1.000 68.66101 ? 13  DC  B H5     1 
ATOM   406 H  H6     . DC  B 1 1  ? -11.97484 9.12294   -12.28346 1.000 67.94622 ? 13  DC  B H6     1 
ATOM   407 H  "HO5'" . DC  B 1 1  ? -11.43245 11.61778  -14.34881 1.000 96.64204 ? 13  DC  B "HO5'" 1 
ATOM   408 P  P      . DG  B 1 2  ? -9.74263  14.05760  -8.90204  1.000 73.12592 ? 14  DG  B P      1 
ATOM   409 O  OP1    . DG  B 1 2  ? -9.84212  15.44425  -9.39398  1.000 70.07355 ? 14  DG  B OP1    1 
ATOM   410 O  OP2    . DG  B 1 2  ? -8.53395  13.20931  -9.08369  1.000 60.49592 ? 14  DG  B OP2    1 
ATOM   411 O  "O5'"  . DG  B 1 2  ? -9.93185  14.02859  -7.32362  1.000 58.86481 ? 14  DG  B "O5'"  1 
ATOM   412 C  "C5'"  . DG  B 1 2  ? -11.21753 14.16804  -6.75708  1.000 51.76562 ? 14  DG  B "C5'"  1 
ATOM   413 C  "C4'"  . DG  B 1 2  ? -11.31548 13.36419  -5.47331  1.000 44.71015 ? 14  DG  B "C4'"  1 
ATOM   414 O  "O4'"  . DG  B 1 2  ? -11.63487 11.98239  -5.78692  1.000 41.77975 ? 14  DG  B "O4'"  1 
ATOM   415 C  "C3'"  . DG  B 1 2  ? -10.03352 13.31855  -4.63947  1.000 44.23469 ? 14  DG  B "C3'"  1 
ATOM   416 O  "O3'"  . DG  B 1 2  ? -10.32255 13.62969  -3.32943  1.000 43.12759 ? 14  DG  B "O3'"  1 
ATOM   417 C  "C2'"  . DG  B 1 2  ? -9.51786  11.88560  -4.77605  1.000 43.96844 ? 14  DG  B "C2'"  1 
ATOM   418 C  "C1'"  . DG  B 1 2  ? -10.76744 11.09546  -5.08015  1.000 42.37140 ? 14  DG  B "C1'"  1 
ATOM   419 N  N9     . DG  B 1 2  ? -10.54380 9.92321   -5.89852  1.000 36.96438 ? 14  DG  B N9     1 
ATOM   420 C  C8     . DG  B 1 2  ? -9.85217  9.84708   -7.07124  1.000 40.79669 ? 14  DG  B C8     1 
ATOM   421 N  N7     . DG  B 1 2  ? -9.89260  8.66746   -7.61805  1.000 39.41473 ? 14  DG  B N7     1 
ATOM   422 C  C5     . DG  B 1 2  ? -10.70886 7.93459   -6.76944  1.000 38.41754 ? 14  DG  B C5     1 
ATOM   423 C  C6     . DG  B 1 2  ? -11.10959 6.58722   -6.83601  1.000 35.67423 ? 14  DG  B C6     1 
ATOM   424 O  O6     . DG  B 1 2  ? -10.85998 5.76587   -7.71953  1.000 38.36801 ? 14  DG  B O6     1 
ATOM   425 N  N1     . DG  B 1 2  ? -11.96187 6.25095   -5.78226  1.000 34.90284 ? 14  DG  B N1     1 
ATOM   426 C  C2     . DG  B 1 2  ? -12.33564 7.10998   -4.78092  1.000 31.66133 ? 14  DG  B C2     1 
ATOM   427 N  N2     . DG  B 1 2  ? -13.12529 6.60832   -3.82650  1.000 35.99323 ? 14  DG  B N2     1 
ATOM   428 N  N3     . DG  B 1 2  ? -11.93974 8.36030   -4.69784  1.000 36.16700 ? 14  DG  B N3     1 
ATOM   429 C  C4     . DG  B 1 2  ? -11.12519 8.69837   -5.72108  1.000 37.07949 ? 14  DG  B C4     1 
ATOM   430 H  "H5'"  . DG  B 1 2  ? -11.88336 13.85105  -7.38724  1.000 62.12994 ? 14  DG  B "H5'"  1 
ATOM   431 H  "H5''" . DG  B 1 2  ? -11.38503 15.10390  -6.56474  1.000 62.12994 ? 14  DG  B "H5''" 1 
ATOM   432 H  "H4'"  . DG  B 1 2  ? -12.02881 13.72911  -4.92660  1.000 53.66338 ? 14  DG  B "H4'"  1 
ATOM   433 H  "H3'"  . DG  B 1 2  ? -9.38049  13.92590  -5.02103  1.000 53.09283 ? 14  DG  B "H3'"  1 
ATOM   434 H  "H2'"  . DG  B 1 2  ? -8.87396  11.81303  -5.49786  1.000 52.77332 ? 14  DG  B "H2'"  1 
ATOM   435 H  "H2''" . DG  B 1 2  ? -9.10448  11.58278  -3.95245  1.000 52.77332 ? 14  DG  B "H2''" 1 
ATOM   436 H  "H1'"  . DG  B 1 2  ? -11.18298 10.82207  -4.24739  1.000 50.85688 ? 14  DG  B "H1'"  1 
ATOM   437 H  H8     . DG  B 1 2  ? -9.39655  10.56737  -7.44338  1.000 48.96723 ? 14  DG  B H8     1 
ATOM   438 H  H1     . DG  B 1 2  ? -12.27388 5.44986   -5.75973  1.000 41.89461 ? 14  DG  B H1     1 
ATOM   439 H  H21    . DG  B 1 2  ? -13.36931 7.10265   -3.16645  1.000 43.20307 ? 14  DG  B H21    1 
ATOM   440 H  H22    . DG  B 1 2  ? -13.38940 5.79116   -3.87240  1.000 43.20307 ? 14  DG  B H22    1 
ATOM   441 P  P      . DC  B 1 3  ? -9.15803  13.79087  -2.25095  1.000 44.06357 ? 15  DC  B P      1 
ATOM   442 O  OP1    . DC  B 1 3  ? -9.61005  14.83495  -1.31734  1.000 43.59871 ? 15  DC  B OP1    1 
ATOM   443 O  OP2    . DC  B 1 3  ? -7.87025  13.78938  -2.99678  1.000 48.81593 ? 15  DC  B OP2    1 
ATOM   444 O  "O5'"  . DC  B 1 3  ? -9.20629  12.41568  -1.50979  1.000 35.56229 ? 15  DC  B "O5'"  1 
ATOM   445 C  "C5'"  . DC  B 1 3  ? -10.38603 12.01412  -0.91354  1.000 38.32732 ? 15  DC  B "C5'"  1 
ATOM   446 C  "C4'"  . DC  B 1 3  ? -10.39395 10.53359  -0.68086  1.000 37.49257 ? 15  DC  B "C4'"  1 
ATOM   447 O  "O4'"  . DC  B 1 3  ? -10.22205 9.88023   -1.93871  1.000 35.83948 ? 15  DC  B "O4'"  1 
ATOM   448 C  "C3'"  . DC  B 1 3  ? -9.25807  10.00316  0.19230   1.000 36.78878 ? 15  DC  B "C3'"  1 
ATOM   449 O  "O3'"  . DC  B 1 3  ? -9.67555  9.96408   1.53493   1.000 39.35890 ? 15  DC  B "O3'"  1 
ATOM   450 C  "C2'"  . DC  B 1 3  ? -8.98849  8.60768   -0.35696  1.000 42.88249 ? 15  DC  B "C2'"  1 
ATOM   451 C  "C1'"  . DC  B 1 3  ? -9.74163  8.57259   -1.68362  1.000 34.38608 ? 15  DC  B "C1'"  1 
ATOM   452 N  N1     . DC  B 1 3  ? -8.93264  8.15570   -2.80724  1.000 35.54558 ? 15  DC  B N1     1 
ATOM   453 C  C2     . DC  B 1 3  ? -9.10119  6.89077   -3.33250  1.000 32.17357 ? 15  DC  B C2     1 
ATOM   454 O  O2     . DC  B 1 3  ? -9.88436  6.12883   -2.78923  1.000 35.92937 ? 15  DC  B O2     1 
ATOM   455 N  N3     . DC  B 1 3  ? -8.37653  6.52719   -4.41868  1.000 31.87893 ? 15  DC  B N3     1 
ATOM   456 C  C4     . DC  B 1 3  ? -7.49545  7.37153   -4.93194  1.000 35.68538 ? 15  DC  B C4     1 
ATOM   457 N  N4     . DC  B 1 3  ? -6.80447  6.98746   -5.99600  1.000 39.45274 ? 15  DC  B N4     1 
ATOM   458 C  C5     . DC  B 1 3  ? -7.31971  8.67895   -4.41134  1.000 37.50970 ? 15  DC  B C5     1 
ATOM   459 C  C6     . DC  B 1 3  ? -8.04958  9.02451   -3.35396  1.000 38.12801 ? 15  DC  B C6     1 
ATOM   460 H  "H5'"  . DC  B 1 3  ? -11.13062 12.25064  -1.48847  1.000 46.00399 ? 15  DC  B "H5'"  1 
ATOM   461 H  "H5''" . DC  B 1 3  ? -10.48562 12.47110  -0.06375  1.000 46.00399 ? 15  DC  B "H5''" 1 
ATOM   462 H  "H4'"  . DC  B 1 3  ? -11.24001 10.27849  -0.28084  1.000 45.00228 ? 15  DC  B "H4'"  1 
ATOM   463 H  "H3'"  . DC  B 1 3  ? -8.46637  10.55259  0.08174   1.000 44.15773 ? 15  DC  B "H3'"  1 
ATOM   464 H  "H2'"  . DC  B 1 3  ? -8.03856  8.46817   -0.49503  1.000 51.47019 ? 15  DC  B "H2'"  1 
ATOM   465 H  "H2''" . DC  B 1 3  ? -9.32288  7.92747   0.24836   1.000 51.47019 ? 15  DC  B "H2''" 1 
ATOM   466 H  "H1'"  . DC  B 1 3  ? -10.49971 7.97481   -1.58934  1.000 41.27450 ? 15  DC  B "H1'"  1 
ATOM   467 H  H41    . DC  B 1 3  ? -6.22623  7.51805   -6.34771  1.000 47.35449 ? 15  DC  B H41    1 
ATOM   468 H  H42    . DC  B 1 3  ? -6.93442  6.20767   -6.33461  1.000 47.35449 ? 15  DC  B H42    1 
ATOM   469 H  H5     . DC  B 1 3  ? -6.71611  9.27327   -4.79519  1.000 45.02284 ? 15  DC  B H5     1 
ATOM   470 H  H6     . DC  B 1 3  ? -7.95207  9.87300   -2.98590  1.000 45.76480 ? 15  DC  B H6     1 
ATOM   471 P  P      . DG  B 1 4  ? -8.66855  9.57015   2.72289   1.000 44.23589 ? 16  DG  B P      1 
ATOM   472 O  OP1    . DG  B 1 4  ? -9.22333  10.28442  3.88453   1.000 47.04058 ? 16  DG  B OP1    1 
ATOM   473 O  OP2    . DG  B 1 4  ? -7.26011  9.71984   2.27899   1.000 46.44622 ? 16  DG  B OP2    1 
ATOM   474 O  "O5'"  . DG  B 1 4  ? -8.86396  8.04131   2.90576   1.000 41.27497 ? 16  DG  B "O5'"  1 
ATOM   475 C  "C5'"  . DG  B 1 4  ? -10.12326 7.52947   3.25263   1.000 38.50245 ? 16  DG  B "C5'"  1 
ATOM   476 C  "C4'"  . DG  B 1 4  ? -10.14352 6.03276   3.09971   1.000 42.69696 ? 16  DG  B "C4'"  1 
ATOM   477 O  "O4'"  . DG  B 1 4  ? -9.74891  5.69366   1.74306   1.000 41.15267 ? 16  DG  B "O4'"  1 
ATOM   478 C  "C3'"  . DG  B 1 4  ? -9.20380  5.26250   4.01320   1.000 43.06871 ? 16  DG  B "C3'"  1 
ATOM   479 O  "O3'"  . DG  B 1 4  ? -9.85491  4.07777   4.42643   1.000 48.65805 ? 16  DG  B "O3'"  1 
ATOM   480 C  "C2'"  . DG  B 1 4  ? -7.97410  5.02339   3.13302   1.000 45.79372 ? 16  DG  B "C2'"  1 
ATOM   481 C  "C1'"  . DG  B 1 4  ? -8.60587  4.85818   1.76156   1.000 43.35168 ? 16  DG  B "C1'"  1 
ATOM   482 N  N9     . DG  B 1 4  ? -7.74766  5.22129   0.64308   1.000 36.41194 ? 16  DG  B N9     1 
ATOM   483 C  C8     . DG  B 1 4  ? -6.91788  6.29303   0.52706   1.000 37.05470 ? 16  DG  B C8     1 
ATOM   484 N  N7     . DG  B 1 4  ? -6.26948  6.32334   -0.59618  1.000 36.93215 ? 16  DG  B N7     1 
ATOM   485 C  C5     . DG  B 1 4  ? -6.67974  5.16786   -1.24183  1.000 35.38793 ? 16  DG  B C5     1 
ATOM   486 C  C6     . DG  B 1 4  ? -6.31840  4.64151   -2.49738  1.000 33.35263 ? 16  DG  B C6     1 
ATOM   487 O  O6     . DG  B 1 4  ? -5.57041  5.13106   -3.32884  1.000 31.83491 ? 16  DG  B O6     1 
ATOM   488 N  N1     . DG  B 1 4  ? -6.96964  3.42607   -2.76313  1.000 33.66734 ? 16  DG  B N1     1 
ATOM   489 C  C2     . DG  B 1 4  ? -7.86533  2.83974   -1.92437  1.000 33.38625 ? 16  DG  B C2     1 
ATOM   490 N  N2     . DG  B 1 4  ? -8.41268  1.67410   -2.32007  1.000 33.83254 ? 16  DG  B N2     1 
ATOM   491 N  N3     . DG  B 1 4  ? -8.20283  3.34215   -0.75503  1.000 34.21702 ? 16  DG  B N3     1 
ATOM   492 C  C4     . DG  B 1 4  ? -7.58146  4.49376   -0.48886  1.000 36.15548 ? 16  DG  B C4     1 
ATOM   493 H  "H5'"  . DG  B 1 4  ? -10.79861 7.92033   2.67642   1.000 46.21414 ? 16  DG  B "H5'"  1 
ATOM   494 H  "H5''" . DG  B 1 4  ? -10.32144 7.76091   4.17352   1.000 46.21414 ? 16  DG  B "H5''" 1 
ATOM   495 H  "H4'"  . DG  B 1 4  ? -11.04451 5.71172   3.26108   1.000 51.24755 ? 16  DG  B "H4'"  1 
ATOM   496 H  "H3'"  . DG  B 1 4  ? -8.92703  5.78611   4.78139   1.000 51.69365 ? 16  DG  B "H3'"  1 
ATOM   497 H  "H2'"  . DG  B 1 4  ? -7.36727  5.77976   3.15645   1.000 54.96366 ? 16  DG  B "H2'"  1 
ATOM   498 H  "H2''" . DG  B 1 4  ? -7.49383  4.22473   3.40207   1.000 54.96366 ? 16  DG  B "H2''" 1 
ATOM   499 H  "H1'"  . DG  B 1 4  ? -8.87392  3.93207   1.65493   1.000 52.03321 ? 16  DG  B "H1'"  1 
ATOM   500 H  H8     . DG  B 1 4  ? -6.82458  6.94047   1.18813   1.000 44.47684 ? 16  DG  B H8     1 
ATOM   501 H  H1     . DG  B 1 4  ? -6.79062  3.02699   -3.50359  1.000 40.41201 ? 16  DG  B H1     1 
ATOM   502 H  H21    . DG  B 1 4  ? -8.97460  1.26819   -1.81106  1.000 40.61025 ? 16  DG  B H21    1 
ATOM   503 H  H22    . DG  B 1 4  ? -8.20017  1.33588   -3.08168  1.000 40.61025 ? 16  DG  B H22    1 
ATOM   504 P  P      . DA  B 1 5  ? -9.13106  2.95850   5.30129   1.000 50.71343 ? 17  DA  B P      1 
ATOM   505 O  OP1    . DA  B 1 5  ? -10.09768 2.56496   6.33823   1.000 54.52328 ? 17  DA  B OP1    1 
ATOM   506 O  OP2    . DA  B 1 5  ? -7.74857  3.36704   5.68242   1.000 48.13452 ? 17  DA  B OP2    1 
ATOM   507 O  "O5'"  . DA  B 1 5  ? -9.03960  1.72463   4.30854   1.000 47.45227 ? 17  DA  B "O5'"  1 
ATOM   508 C  "C5'"  . DA  B 1 5  ? -10.16541 1.30722   3.60171   1.000 45.57689 ? 17  DA  B "C5'"  1 
ATOM   509 C  "C4'"  . DA  B 1 5  ? -9.82412  0.13158   2.72702   1.000 45.96140 ? 17  DA  B "C4'"  1 
ATOM   510 O  "O4'"  . DA  B 1 5  ? -8.95527  0.55234   1.64968   1.000 40.14664 ? 17  DA  B "O4'"  1 
ATOM   511 C  "C3'"  . DA  B 1 5  ? -9.10481  -1.00283  3.44802   1.000 46.49731 ? 17  DA  B "C3'"  1 
ATOM   512 O  "O3'"  . DA  B 1 5  ? -9.60394  -2.22478  3.01164   1.000 49.15977 ? 17  DA  B "O3'"  1 
ATOM   513 C  "C2'"  . DA  B 1 5  ? -7.62987  -0.79188  3.05429   1.000 44.21975 ? 17  DA  B "C2'"  1 
ATOM   514 C  "C1'"  . DA  B 1 5  ? -7.73278  -0.15270  1.67676   1.000 38.25586 ? 17  DA  B "C1'"  1 
ATOM   515 N  N9     . DA  B 1 5  ? -6.70591  0.84834   1.37983   1.000 37.57830 ? 17  DA  B N9     1 
ATOM   516 C  C8     . DA  B 1 5  ? -6.36601  1.90093   2.14231   1.000 36.52554 ? 17  DA  B C8     1 
ATOM   517 N  N7     . DA  B 1 5  ? -5.46913  2.68885   1.59417   1.000 35.26449 ? 17  DA  B N7     1 
ATOM   518 C  C5     . DA  B 1 5  ? -5.21839  2.09414   0.37833   1.000 35.40784 ? 17  DA  B C5     1 
ATOM   519 C  C6     . DA  B 1 5  ? -4.37066  2.43594   -0.68064  1.000 32.21847 ? 17  DA  B C6     1 
ATOM   520 N  N6     . DA  B 1 5  ? -3.58203  3.52132   -0.68631  1.000 33.56051 ? 17  DA  B N6     1 
ATOM   521 N  N1     . DA  B 1 5  ? -4.40516  1.66315   -1.76536  1.000 33.50320 ? 17  DA  B N1     1 
ATOM   522 C  C2     . DA  B 1 5  ? -5.19252  0.57119   -1.76410  1.000 36.29369 ? 17  DA  B C2     1 
ATOM   523 N  N3     . DA  B 1 5  ? -6.03440  0.15841   -0.83662  1.000 34.85293 ? 17  DA  B N3     1 
ATOM   524 C  C4     . DA  B 1 5  ? -5.99197  0.97270   0.22325   1.000 35.60464 ? 17  DA  B C4     1 
ATOM   525 H  "H5'"  . DA  B 1 5  ? -10.48796 2.03665   3.04963   1.000 54.70346 ? 17  DA  B "H5'"  1 
ATOM   526 H  "H5''" . DA  B 1 5  ? -10.86202 1.05227   4.22673   1.000 54.70346 ? 17  DA  B "H5''" 1 
ATOM   527 H  "H4'"  . DA  B 1 5  ? -10.63609 -0.21789  2.32768   1.000 55.16488 ? 17  DA  B "H4'"  1 
ATOM   528 H  "H3'"  . DA  B 1 5  ? -9.19900  -0.91725  4.40963   1.000 55.80797 ? 17  DA  B "H3'"  1 
ATOM   529 H  "H2'"  . DA  B 1 5  ? -7.18001  -0.20401  3.68114   1.000 53.07489 ? 17  DA  B "H2'"  1 
ATOM   530 H  "H2''" . DA  B 1 5  ? -7.15311  -1.63571  3.01482   1.000 53.07489 ? 17  DA  B "H2''" 1 
ATOM   531 H  "H1'"  . DA  B 1 5  ? -7.70937  -0.86909  1.02321   1.000 45.91823 ? 17  DA  B "H1'"  1 
ATOM   532 H  H8     . DA  B 1 5  ? -6.73264  2.05765   2.98250   1.000 43.84184 ? 17  DA  B H8     1 
ATOM   533 H  H61    . DA  B 1 5  ? -3.11105  3.70700   -1.38152  1.000 40.28381 ? 17  DA  B H61    1 
ATOM   534 H  H62    . DA  B 1 5  ? -3.54748  4.03135   0.00526   1.000 40.28381 ? 17  DA  B H62    1 
ATOM   535 H  H2     . DA  B 1 5  ? -5.13489  0.03419   -2.52121  1.000 43.56362 ? 17  DA  B H2     1 
ATOM   536 P  P      . DA  B 1 6  ? -8.96366  -3.58944  3.53643   1.000 54.70944 ? 18  DA  B P      1 
ATOM   537 O  OP1    . DA  B 1 6  ? -10.01480 -4.58762  3.30412   1.000 59.63656 ? 18  DA  B OP1    1 
ATOM   538 O  OP2    . DA  B 1 6  ? -8.31991  -3.37047  4.85420   1.000 59.85392 ? 18  DA  B OP2    1 
ATOM   539 O  "O5'"  . DA  B 1 6  ? -7.78413  -3.88824  2.48946   1.000 51.13167 ? 18  DA  B "O5'"  1 
ATOM   540 C  "C5'"  . DA  B 1 6  ? -8.09784  -4.17092  1.11904   1.000 49.10114 ? 18  DA  B "C5'"  1 
ATOM   541 C  "C4'"  . DA  B 1 6  ? -6.84079  -4.39268  0.28185   1.000 44.90397 ? 18  DA  B "C4'"  1 
ATOM   542 O  "O4'"  . DA  B 1 6  ? -6.07931  -3.16906  0.19143   1.000 43.28568 ? 18  DA  B "O4'"  1 
ATOM   543 C  "C3'"  . DA  B 1 6  ? -5.88177  -5.45518  0.81633   1.000 46.24450 ? 18  DA  B "C3'"  1 
ATOM   544 O  "O3'"  . DA  B 1 6  ? -5.71797  -6.44708  -0.14797  1.000 51.02638 ? 18  DA  B "O3'"  1 
ATOM   545 C  "C2'"  . DA  B 1 6  ? -4.57957  -4.70544  1.12604   1.000 42.56636 ? 18  DA  B "C2'"  1 
ATOM   546 C  "C1'"  . DA  B 1 6  ? -4.69438  -3.46141  0.26930   1.000 40.10606 ? 18  DA  B "C1'"  1 
ATOM   547 N  N9     . DA  B 1 6  ? -4.05209  -2.28363  0.79510   1.000 38.19952 ? 18  DA  B N9     1 
ATOM   548 C  C8     . DA  B 1 6  ? -4.27260  -1.70265  2.00351   1.000 36.37342 ? 18  DA  B C8     1 
ATOM   549 N  N7     . DA  B 1 6  ? -3.59455  -0.61168  2.19616   1.000 35.75950 ? 18  DA  B N7     1 
ATOM   550 C  C5     . DA  B 1 6  ? -2.91234  -0.43942  1.01931   1.000 35.13425 ? 18  DA  B C5     1 
ATOM   551 C  C6     . DA  B 1 6  ? -2.00846  0.54097   0.59796   1.000 33.73426 ? 18  DA  B C6     1 
ATOM   552 N  N6     . DA  B 1 6  ? -1.66666  1.57942   1.34214   1.000 33.72413 ? 18  DA  B N6     1 
ATOM   553 N  N1     . DA  B 1 6  ? -1.48578  0.41452   -0.61969  1.000 31.88941 ? 18  DA  B N1     1 
ATOM   554 C  C2     . DA  B 1 6  ? -1.82637  -0.63865  -1.35653  1.000 32.75661 ? 18  DA  B C2     1 
ATOM   555 N  N3     . DA  B 1 6  ? -2.68183  -1.61086  -1.07850  1.000 34.61644 ? 18  DA  B N3     1 
ATOM   556 C  C4     . DA  B 1 6  ? -3.20131  -1.44178  0.13262   1.000 36.33768 ? 18  DA  B C4     1 
ATOM   557 H  "H5'"  . DA  B 1 6  ? -8.59579  -3.42523  0.74908   1.000 58.93256 ? 18  DA  B "H5'"  1 
ATOM   558 H  "H5''" . DA  B 1 6  ? -8.64807  -4.96878  1.07945   1.000 58.93256 ? 18  DA  B "H5''" 1 
ATOM   559 H  "H4'"  . DA  B 1 6  ? -7.10804  -4.64361  -0.61621  1.000 53.89596 ? 18  DA  B "H4'"  1 
ATOM   560 H  "H3'"  . DA  B 1 6  ? -6.21958  -5.81973  1.64932   1.000 55.50460 ? 18  DA  B "H3'"  1 
ATOM   561 H  "H2'"  . DA  B 1 6  ? -4.52003  -4.47921  2.06740   1.000 51.09083 ? 18  DA  B "H2'"  1 
ATOM   562 H  "H2''" . DA  B 1 6  ? -3.80367  -5.23214  0.87813   1.000 51.09083 ? 18  DA  B "H2''" 1 
ATOM   563 H  "H1'"  . DA  B 1 6  ? -4.32032  -3.66467  -0.60228  1.000 48.13847 ? 18  DA  B "H1'"  1 
ATOM   564 H  H8     . DA  B 1 6  ? -4.85663  -2.05461  2.63593   1.000 43.65930 ? 18  DA  B H8     1 
ATOM   565 H  H61    . DA  B 1 6  ? -1.11293  2.16285   1.03786   1.000 40.48015 ? 18  DA  B H61    1 
ATOM   566 H  H62    . DA  B 1 6  ? -1.99814  1.67127   2.13037   1.000 40.48015 ? 18  DA  B H62    1 
ATOM   567 H  H2     . DA  B 1 6  ? -1.40476  -0.70142  -2.18309  1.000 39.31912 ? 18  DA  B H2     1 
ATOM   568 P  P      . DT  B 1 7  ? -4.75427  -7.70031  0.11967   1.000 57.57245 ? 19  DT  B P      1 
ATOM   569 O  OP1    . DT  B 1 7  ? -5.29962  -8.82095  -0.66807  1.000 62.71276 ? 19  DT  B OP1    1 
ATOM   570 O  OP2    . DT  B 1 7  ? -4.48341  -7.77445  1.57317   1.000 54.10189 ? 19  DT  B OP2    1 
ATOM   571 O  "O5'"  . DT  B 1 7  ? -3.35988  -7.25334  -0.49498  1.000 49.74710 ? 19  DT  B "O5'"  1 
ATOM   572 C  "C5'"  . DT  B 1 7  ? -3.30566  -6.89421  -1.86190  1.000 46.99130 ? 19  DT  B "C5'"  1 
ATOM   573 C  "C4'"  . DT  B 1 7  ? -1.96378  -6.30816  -2.19350  1.000 45.26849 ? 19  DT  B "C4'"  1 
ATOM   574 O  "O4'"  . DT  B 1 7  ? -1.77513  -5.09993  -1.44534  1.000 41.56169 ? 19  DT  B "O4'"  1 
ATOM   575 C  "C3'"  . DT  B 1 7  ? -0.76184  -7.19922  -1.85243  1.000 43.30331 ? 19  DT  B "C3'"  1 
ATOM   576 O  "O3'"  . DT  B 1 7  ? -0.23858  -7.67714  -3.03731  1.000 50.41153 ? 19  DT  B "O3'"  1 
ATOM   577 C  "C2'"  . DT  B 1 7  ? 0.21472   -6.27844  -1.09641  1.000 46.90951 ? 19  DT  B "C2'"  1 
ATOM   578 C  "C1'"  . DT  B 1 7  ? -0.39386  -4.88851  -1.29388  1.000 40.95330 ? 19  DT  B "C1'"  1 
ATOM   579 N  N1     . DT  B 1 7  ? -0.23749  -3.96019  -0.18093  1.000 37.84469 ? 19  DT  B N1     1 
ATOM   580 C  C2     . DT  B 1 7  ? 0.50994   -2.83024  -0.35792  1.000 34.82450 ? 19  DT  B C2     1 
ATOM   581 O  O2     . DT  B 1 7  ? 1.13656   -2.61315  -1.36472  1.000 35.88138 ? 19  DT  B O2     1 
ATOM   582 N  N3     . DT  B 1 7  ? 0.53036   -1.98460  0.71111   1.000 37.51973 ? 19  DT  B N3     1 
ATOM   583 C  C4     . DT  B 1 7  ? -0.11747  -2.15701  1.91178   1.000 35.23285 ? 19  DT  B C4     1 
ATOM   584 O  O4     . DT  B 1 7  ? -0.03102  -1.35139  2.81616   1.000 34.24315 ? 19  DT  B O4     1 
ATOM   585 C  C5     . DT  B 1 7  ? -0.90713  -3.35087  2.01984   1.000 37.11849 ? 19  DT  B C5     1 
ATOM   586 C  C7     . DT  B 1 7  ? -1.67301  -3.62767  3.26842   1.000 39.92813 ? 19  DT  B C7     1 
ATOM   587 C  C6     . DT  B 1 7  ? -0.95263  -4.17473  0.97303   1.000 39.27134 ? 19  DT  B C6     1 
ATOM   588 H  "H5'"  . DT  B 1 7  ? -3.99767  -6.24129  -2.05088  1.000 56.40076 ? 19  DT  B "H5'"  1 
ATOM   589 H  "H5''" . DT  B 1 7  ? -3.45684  -7.68161  -2.40784  1.000 56.40076 ? 19  DT  B "H5''" 1 
ATOM   590 H  "H4'"  . DT  B 1 7  ? -1.93606  -6.09896  -3.14026  1.000 54.33339 ? 19  DT  B "H4'"  1 
ATOM   591 H  "H3'"  . DT  B 1 7  ? -1.01760  -7.91514  -1.24999  1.000 51.97517 ? 19  DT  B "H3'"  1 
ATOM   592 H  "H2'"  . DT  B 1 7  ? 0.25816   -6.51116  -0.15574  1.000 56.30261 ? 19  DT  B "H2'"  1 
ATOM   593 H  "H2''" . DT  B 1 7  ? 1.10632   -6.32727  -1.47531  1.000 56.30261 ? 19  DT  B "H2''" 1 
ATOM   594 H  "H1'"  . DT  B 1 7  ? 0.00795   -4.49888  -2.08612  1.000 49.15516 ? 19  DT  B "H1'"  1 
ATOM   595 H  H3     . DT  B 1 7  ? 0.99766   -1.26771  0.62562   1.000 45.03488 ? 19  DT  B H3     1 
ATOM   596 H  H71    . DT  B 1 7  ? -2.59791  -3.80781  3.03820   1.000 47.92496 ? 19  DT  B H71    1 
ATOM   597 H  H72    . DT  B 1 7  ? -1.28624  -4.39890  3.71173   1.000 47.92496 ? 19  DT  B H72    1 
ATOM   598 H  H73    . DT  B 1 7  ? -1.62162  -2.85222  3.84889   1.000 47.92496 ? 19  DT  B H73    1 
ATOM   599 H  H6     . DT  B 1 7  ? -1.49323  -4.92962  1.02590   1.000 47.13680 ? 19  DT  B H6     1 
ATOM   600 P  P      . DT  B 1 8  ? 1.00819   -8.66599  -3.06493  1.000 50.99093 ? 20  DT  B P      1 
ATOM   601 O  OP1    . DT  B 1 8  ? 0.93554   -9.26362  -4.42095  1.000 55.35955 ? 20  DT  B OP1    1 
ATOM   602 O  OP2    . DT  B 1 8  ? 1.06825   -9.49496  -1.83015  1.000 52.98951 ? 20  DT  B OP2    1 
ATOM   603 O  "O5'"  . DT  B 1 8  ? 2.24532   -7.66502  -3.09098  1.000 48.78391 ? 20  DT  B "O5'"  1 
ATOM   604 C  "C5'"  . DT  B 1 8  ? 2.33426   -6.74253  -4.15123  1.000 50.26168 ? 20  DT  B "C5'"  1 
ATOM   605 C  "C4'"  . DT  B 1 8  ? 3.51050   -5.83236  -3.96102  1.000 47.51745 ? 20  DT  B "C4'"  1 
ATOM   606 O  "O4'"  . DT  B 1 8  ? 3.29915   -4.99109  -2.81300  1.000 43.53682 ? 20  DT  B "O4'"  1 
ATOM   607 C  "C3'"  . DT  B 1 8  ? 4.83066   -6.56134  -3.73944  1.000 45.77519 ? 20  DT  B "C3'"  1 
ATOM   608 O  "O3'"  . DT  B 1 8  ? 5.71705   -6.20592  -4.78086  1.000 53.51676 ? 20  DT  B "O3'"  1 
ATOM   609 C  "C2'"  . DT  B 1 8  ? 5.30631   -6.10408  -2.35305  1.000 46.68893 ? 20  DT  B "C2'"  1 
ATOM   610 C  "C1'"  . DT  B 1 8  ? 4.53637   -4.81593  -2.13053  1.000 46.34370 ? 20  DT  B "C1'"  1 
ATOM   611 N  N1     . DT  B 1 8  ? 4.19270   -4.48867  -0.72866  1.000 39.65857 ? 20  DT  B N1     1 
ATOM   612 C  C2     . DT  B 1 8  ? 4.57032   -3.27029  -0.20589  1.000 37.04212 ? 20  DT  B C2     1 
ATOM   613 O  O2     . DT  B 1 8  ? 5.27927   -2.49762  -0.79184  1.000 40.86779 ? 20  DT  B O2     1 
ATOM   614 N  N3     . DT  B 1 8  ? 4.13837   -3.03085  1.06687   1.000 36.50810 ? 20  DT  B N3     1 
ATOM   615 C  C4     . DT  B 1 8  ? 3.36305   -3.85164  1.83531   1.000 35.51824 ? 20  DT  B C4     1 
ATOM   616 O  O4     . DT  B 1 8  ? 3.00177   -3.54411  2.94567   1.000 36.48830 ? 20  DT  B O4     1 
ATOM   617 C  C5     . DT  B 1 8  ? 2.97909   -5.09966  1.22485   1.000 38.92388 ? 20  DT  B C5     1 
ATOM   618 C  C7     . DT  B 1 8  ? 2.12488   -6.05734  1.98100   1.000 40.85746 ? 20  DT  B C7     1 
ATOM   619 C  C6     . DT  B 1 8  ? 3.39567   -5.35228  -0.01685  1.000 37.84065 ? 20  DT  B C6     1 
ATOM   620 H  "H5'"  . DT  B 1 8  ? 1.52177   -6.21374  -4.18524  1.000 60.32521 ? 20  DT  B "H5'"  1 
ATOM   621 H  "H5''" . DT  B 1 8  ? 2.43308   -7.22378  -4.98761  1.000 60.32521 ? 20  DT  B "H5''" 1 
ATOM   622 H  "H4'"  . DT  B 1 8  ? 3.60114   -5.24929  -4.73091  1.000 57.03214 ? 20  DT  B "H4'"  1 
ATOM   623 H  "H3'"  . DT  B 1 8  ? 4.69483   -7.52095  -3.69941  1.000 54.94143 ? 20  DT  B "H3'"  1 
ATOM   624 H  "H2'"  . DT  B 1 8  ? 5.09041   -6.76251  -1.67426  1.000 56.03792 ? 20  DT  B "H2'"  1 
ATOM   625 H  "H2''" . DT  B 1 8  ? 6.26323   -5.94545  -2.34611  1.000 56.03792 ? 20  DT  B "H2''" 1 
ATOM   626 H  "H1'"  . DT  B 1 8  ? 5.06745   -4.09192  -2.49749  1.000 55.62364 ? 20  DT  B "H1'"  1 
ATOM   627 H  H3     . DT  B 1 8  ? 4.37960   -2.28554  1.42173   1.000 43.82092 ? 20  DT  B H3     1 
ATOM   628 H  H71    . DT  B 1 8  ? 2.31494   -5.97016  2.92819   1.000 49.04015 ? 20  DT  B H71    1 
ATOM   629 H  H72    . DT  B 1 8  ? 1.19245   -5.85152  1.81041   1.000 49.04015 ? 20  DT  B H72    1 
ATOM   630 H  H73    . DT  B 1 8  ? 2.32394   -6.95950  1.68535   1.000 49.04015 ? 20  DT  B H73    1 
ATOM   631 H  H6     . DT  B 1 8  ? 3.13477   -6.14918  -0.41906  1.000 45.41998 ? 20  DT  B H6     1 
ATOM   632 P  P      . DC  B 1 9  ? 7.14163   -6.91033  -4.96089  1.000 56.29556 ? 21  DC  B P      1 
ATOM   633 O  OP1    . DC  B 1 9  ? 7.44092   -6.67388  -6.39792  1.000 54.25839 ? 21  DC  B OP1    1 
ATOM   634 O  OP2    . DC  B 1 9  ? 7.15216   -8.30314  -4.45552  1.000 58.47662 ? 21  DC  B OP2    1 
ATOM   635 O  "O5'"  . DC  B 1 9  ? 8.09064   -5.99251  -4.06736  1.000 49.11508 ? 21  DC  B "O5'"  1 
ATOM   636 C  "C5'"  . DC  B 1 9  ? 8.16113   -4.62225  -4.38117  1.000 52.71613 ? 21  DC  B "C5'"  1 
ATOM   637 C  "C4'"  . DC  B 1 9  ? 8.95860   -3.81482  -3.37113  1.000 45.81744 ? 21  DC  B "C4'"  1 
ATOM   638 O  "O4'"  . DC  B 1 9  ? 8.22974   -3.70641  -2.14096  1.000 43.49027 ? 21  DC  B "O4'"  1 
ATOM   639 C  "C3'"  . DC  B 1 9  ? 10.32777  -4.38920  -3.01036  1.000 47.47882 ? 21  DC  B "C3'"  1 
ATOM   640 O  "O3'"  . DC  B 1 9  ? 11.33818  -3.48092  -3.39538  1.000 51.27147 ? 21  DC  B "O3'"  1 
ATOM   641 C  "C2'"  . DC  B 1 9  ? 10.27982  -4.60375  -1.48598  1.000 45.43986 ? 21  DC  B "C2'"  1 
ATOM   642 C  "C1'"  . DC  B 1 9  ? 9.13490   -3.71254  -1.05828  1.000 50.12636 ? 21  DC  B "C1'"  1 
ATOM   643 N  N1     . DC  B 1 9  ? 8.37847   -4.14980  0.12614   1.000 44.88013 ? 21  DC  B N1     1 
ATOM   644 C  C2     . DC  B 1 9  ? 8.20254   -3.26665  1.19080   1.000 40.69020 ? 21  DC  B C2     1 
ATOM   645 O  O2     . DC  B 1 9  ? 8.75495   -2.15852  1.16029   1.000 40.85136 ? 21  DC  B O2     1 
ATOM   646 N  N3     . DC  B 1 9  ? 7.44232   -3.64901  2.22734   1.000 40.38145 ? 21  DC  B N3     1 
ATOM   647 C  C4     . DC  B 1 9  ? 6.86853   -4.84388  2.22277   1.000 42.28027 ? 21  DC  B C4     1 
ATOM   648 N  N4     . DC  B 1 9  ? 6.13314   -5.17171  3.26631   1.000 45.92740 ? 21  DC  B N4     1 
ATOM   649 C  C5     . DC  B 1 9  ? 7.01015   -5.74992  1.13930   1.000 45.59348 ? 21  DC  B C5     1 
ATOM   650 C  C6     . DC  B 1 9  ? 7.76379   -5.36430  0.11890   1.000 47.10666 ? 21  DC  B C6     1 
ATOM   651 H  "H5'"  . DC  B 1 9  ? 7.25951   -4.26653  -4.41946  1.000 63.27056 ? 21  DC  B "H5'"  1 
ATOM   652 H  "H5''" . DC  B 1 9  ? 8.57623   -4.52502  -5.25245  1.000 63.27056 ? 21  DC  B "H5''" 1 
ATOM   653 H  "H4'"  . DC  B 1 9  ? 9.08625   -2.91963  -3.72219  1.000 54.99213 ? 21  DC  B "H4'"  1 
ATOM   654 H  "H3'"  . DC  B 1 9  ? 10.44537  -5.25177  -3.43819  1.000 56.98578 ? 21  DC  B "H3'"  1 
ATOM   655 H  "H2'"  . DC  B 1 9  ? 10.10330  -5.53210  -1.26709  1.000 54.53903 ? 21  DC  B "H2'"  1 
ATOM   656 H  "H2''" . DC  B 1 9  ? 11.11153  -4.33305  -1.06661  1.000 54.53903 ? 21  DC  B "H2''" 1 
ATOM   657 H  "H1'"  . DC  B 1 9  ? 9.49934   -2.83082  -0.88320  1.000 60.16283 ? 21  DC  B "H1'"  1 
ATOM   658 H  H41    . DC  B 1 9  ? 5.74654   -5.93935  3.29583   1.000 55.12408 ? 21  DC  B H41    1 
ATOM   659 H  H42    . DC  B 1 9  ? 6.03990   -4.61796  3.91768   1.000 55.12408 ? 21  DC  B H42    1 
ATOM   660 H  H5     . DC  B 1 9  ? 6.59133   -6.58025  1.14495   1.000 54.72338 ? 21  DC  B H5     1 
ATOM   661 H  H6     . DC  B 1 9  ? 7.87380   -5.93046  -0.61066  1.000 56.53919 ? 21  DC  B H6     1 
ATOM   662 P  P      . DG  B 1 10 ? 12.84854  -3.99947  -3.57821  1.000 54.27476 ? 22  DG  B P      1 
ATOM   663 O  OP1    . DG  B 1 10 ? 13.49717  -3.12168  -4.55897  1.000 58.31673 ? 22  DG  B OP1    1 
ATOM   664 O  OP2    . DG  B 1 10 ? 12.85145  -5.46844  -3.74600  1.000 57.31512 ? 22  DG  B OP2    1 
ATOM   665 O  "O5'"  . DG  B 1 10 ? 13.51413  -3.68492  -2.16892  1.000 48.38468 ? 22  DG  B "O5'"  1 
ATOM   666 C  "C5'"  . DG  B 1 10 ? 13.50999  -2.33830  -1.67234  1.000 53.09402 ? 22  DG  B "C5'"  1 
ATOM   667 C  "C4'"  . DG  B 1 10 ? 13.89912  -2.32639  -0.21012  1.000 53.10039 ? 22  DG  B "C4'"  1 
ATOM   668 O  "O4'"  . DG  B 1 10 ? 12.77155  -2.79217  0.59318   1.000 47.55817 ? 22  DG  B "O4'"  1 
ATOM   669 C  "C3'"  . DG  B 1 10 ? 15.04519  -3.28547  0.15055   1.000 49.82669 ? 22  DG  B "C3'"  1 
ATOM   670 O  "O3'"  . DG  B 1 10 ? 15.82806  -2.80503  1.20860   1.000 53.39814 ? 22  DG  B "O3'"  1 
ATOM   671 C  "C2'"  . DG  B 1 10 ? 14.29736  -4.50734  0.59232   1.000 50.78162 ? 22  DG  B "C2'"  1 
ATOM   672 C  "C1'"  . DG  B 1 10 ? 13.27822  -3.80713  1.44841   1.000 51.33089 ? 22  DG  B "C1'"  1 
ATOM   673 N  N9     . DG  B 1 10 ? 12.22934  -4.64485  1.93160   1.000 47.35236 ? 22  DG  B N9     1 
ATOM   674 C  C8     . DG  B 1 10 ? 11.78639  -5.82861  1.39905   1.000 47.64242 ? 22  DG  B C8     1 
ATOM   675 N  N7     . DG  B 1 10 ? 10.81345  -6.35522  2.07603   1.000 47.21202 ? 22  DG  B N7     1 
ATOM   676 C  C5     . DG  B 1 10 ? 10.59523  -5.44733  3.11511   1.000 43.23750 ? 22  DG  B C5     1 
ATOM   677 C  C6     . DG  B 1 10 ? 9.65036   -5.46500  4.15410   1.000 42.08795 ? 22  DG  B C6     1 
ATOM   678 O  O6     . DG  B 1 10 ? 8.79381   -6.32702  4.39492   1.000 42.30497 ? 22  DG  B O6     1 
ATOM   679 N  N1     . DG  B 1 10 ? 9.77735   -4.34493  4.97524   1.000 38.13747 ? 22  DG  B N1     1 
ATOM   680 C  C2     . DG  B 1 10 ? 10.70826  -3.33917  4.79455   1.000 40.20526 ? 22  DG  B C2     1 
ATOM   681 N  N2     . DG  B 1 10 ? 10.69654  -2.34105  5.66634   1.000 39.57849 ? 22  DG  B N2     1 
ATOM   682 N  N3     . DG  B 1 10 ? 11.57764  -3.31230  3.82118   1.000 40.18267 ? 22  DG  B N3     1 
ATOM   683 C  C4     . DG  B 1 10 ? 11.46100  -4.39313  3.02530   1.000 45.82909 ? 22  DG  B C4     1 
ATOM   684 H  "H5'"  . DG  B 1 10 ? 12.62308  -1.95891  -1.77402  1.000 63.72402 ? 22  DG  B "H5'"  1 
ATOM   685 H  "H5''" . DG  B 1 10 ? 14.14174  -1.80475  -2.17941  1.000 63.72402 ? 22  DG  B "H5''" 1 
ATOM   686 H  "H4'"  . DG  B 1 10 ? 14.13170  -1.42067  0.04772   1.000 63.73167 ? 22  DG  B "H4'"  1 
ATOM   687 H  "H3'"  . DG  B 1 10 ? 15.59234  -3.43521  -0.63629  1.000 59.80323 ? 22  DG  B "H3'"  1 
ATOM   688 H  "H2'"  . DG  B 1 10 ? 13.89500  -4.98597  -0.14924  1.000 60.94914 ? 22  DG  B "H2'"  1 
ATOM   689 H  "H2''" . DG  B 1 10 ? 14.85212  -5.12012  1.09991   1.000 60.94914 ? 22  DG  B "H2''" 1 
ATOM   690 H  "H1'"  . DG  B 1 10 ? 13.68512  -3.40843  2.23350   1.000 61.60827 ? 22  DG  B "H1'"  1 
ATOM   691 H  H8     . DG  B 1 10 ? 12.14606  -6.21347  0.63263   1.000 57.18210 ? 22  DG  B H8     1 
ATOM   692 H  H1     . DG  B 1 10 ? 9.23809   -4.27499  5.64150   1.000 45.77616 ? 22  DG  B H1     1 
ATOM   693 H  H21    . DG  B 1 10 ? 11.25486  -1.69207  5.58452   1.000 47.50538 ? 22  DG  B H21    1 
ATOM   694 H  H22    . DG  B 1 10 ? 10.13061  -2.34234  6.31390   1.000 47.50538 ? 22  DG  B H22    1 
ATOM   695 P  P      . DC  B 1 11 ? 17.42592  -2.75142  1.11794   1.000 66.29113 ? 23  DC  B P      1 
ATOM   696 O  OP1    . DC  B 1 11 ? 17.85197  -1.78373  0.07919   1.000 61.46876 ? 23  DC  B OP1    1 
ATOM   697 O  OP2    . DC  B 1 11 ? 17.86339  -4.16666  1.07215   1.000 60.85222 ? 23  DC  B OP2    1 
ATOM   698 O  "O5'"  . DC  B 1 11 ? 17.81705  -2.09624  2.52353   1.000 54.04515 ? 23  DC  B "O5'"  1 
ATOM   699 C  "C5'"  . DC  B 1 11 ? 17.34990  -0.79118  2.82900   1.000 52.70200 ? 23  DC  B "C5'"  1 
ATOM   700 C  "C4'"  . DC  B 1 11 ? 16.99582  -0.67938  4.28971   1.000 52.70028 ? 23  DC  B "C4'"  1 
ATOM   701 O  "O4'"  . DC  B 1 11 ? 15.73455  -1.38988  4.53683   1.000 50.62705 ? 23  DC  B "O4'"  1 
ATOM   702 C  "C3'"  . DC  B 1 11 ? 18.05061  -1.31364  5.18715   1.000 51.50842 ? 23  DC  B "C3'"  1 
ATOM   703 O  "O3'"  . DC  B 1 11 ? 18.59011  -0.40893  6.09852   1.000 54.58176 ? 23  DC  B "O3'"  1 
ATOM   704 C  "C2'"  . DC  B 1 11 ? 17.35628  -2.45701  5.88599   1.000 51.11542 ? 23  DC  B "C2'"  1 
ATOM   705 C  "C1'"  . DC  B 1 11 ? 15.87213  -2.22382  5.66999   1.000 47.51003 ? 23  DC  B "C1'"  1 
ATOM   706 N  N1     . DC  B 1 11 ? 15.13576  -3.52251  5.43385   1.000 44.71067 ? 23  DC  B N1     1 
ATOM   707 C  C2     . DC  B 1 11 ? 14.07063  -3.88652  6.26107   1.000 39.26113 ? 23  DC  B C2     1 
ATOM   708 O  O2     . DC  B 1 11 ? 13.72549  -3.12913  7.15453   1.000 42.49091 ? 23  DC  B O2     1 
ATOM   709 N  N3     . DC  B 1 11 ? 13.44782  -5.05982  6.04919   1.000 40.59575 ? 23  DC  B N3     1 
ATOM   710 C  C4     . DC  B 1 11 ? 13.86244  -5.87214  5.08283   1.000 43.80429 ? 23  DC  B C4     1 
ATOM   711 N  N4     . DC  B 1 11 ? 13.22252  -7.02868  4.92202   1.000 42.82740 ? 23  DC  B N4     1 
ATOM   712 C  C5     . DC  B 1 11 ? 14.95291  -5.53078  4.22991   1.000 45.24330 ? 23  DC  B C5     1 
ATOM   713 C  C6     . DC  B 1 11 ? 15.55629  -4.36249  4.44267   1.000 46.52822 ? 23  DC  B C6     1 
ATOM   714 H  "H5'"  . DC  B 1 11 ? 16.56426  -0.59891  2.29356   1.000 63.25359 ? 23  DC  B "H5'"  1 
ATOM   715 H  "H5''" . DC  B 1 11 ? 18.04219  -0.14562  2.61712   1.000 63.25359 ? 23  DC  B "H5''" 1 
ATOM   716 H  "H4'"  . DC  B 1 11 ? 16.85689  0.24446   4.55071   1.000 63.25153 ? 23  DC  B "H4'"  1 
ATOM   717 H  "H3'"  . DC  B 1 11 ? 18.74384  -1.66120  4.60446   1.000 61.82130 ? 23  DC  B "H3'"  1 
ATOM   718 H  "H2'"  . DC  B 1 11 ? 17.62730  -3.30583  5.50265   1.000 61.34970 ? 23  DC  B "H2'"  1 
ATOM   719 H  "H2''" . DC  B 1 11 ? 17.56719  -2.45636  6.83278   1.000 61.34970 ? 23  DC  B "H2''" 1 
ATOM   720 H  "H1'"  . DC  B 1 11 ? 15.48893  -1.74979  6.42455   1.000 57.02324 ? 23  DC  B "H1'"  1 
ATOM   721 H  H41    . DC  B 1 11 ? 13.46898  -7.57426  4.30460   1.000 51.40408 ? 23  DC  B H41    1 
ATOM   722 H  H42    . DC  B 1 11 ? 12.56275  -7.23009  5.43557   1.000 51.40408 ? 23  DC  B H42    1 
ATOM   723 H  H5     . DC  B 1 11 ? 15.23215  -6.10190  3.55113   1.000 54.30316 ? 23  DC  B H5     1 
ATOM   724 H  H6     . DC  B 1 11 ? 16.27551  -4.11486  3.90761   1.000 55.84506 ? 23  DC  B H6     1 
ATOM   725 P  P      . DG  B 1 12 ? 19.91114  -0.83080  6.90186   1.000 62.19587 ? 24  DG  B P      1 
ATOM   726 O  OP1    . DG  B 1 12 ? 20.70810  0.35475   7.27890   1.000 62.61952 ? 24  DG  B OP1    1 
ATOM   727 O  OP2    . DG  B 1 12 ? 20.49416  -2.01475  6.22476   1.000 54.01471 ? 24  DG  B OP2    1 
ATOM   728 O  "O5'"  . DG  B 1 12 ? 19.32755  -1.43613  8.23979   1.000 50.41924 ? 24  DG  B "O5'"  1 
ATOM   729 C  "C5'"  . DG  B 1 12 ? 18.61842  -0.59325  9.10853   1.000 42.77277 ? 24  DG  B "C5'"  1 
ATOM   730 C  "C4'"  . DG  B 1 12 ? 17.82938  -1.42087  10.08529  1.000 44.62327 ? 24  DG  B "C4'"  1 
ATOM   731 O  "O4'"  . DG  B 1 12 ? 16.84762  -2.17703  9.34110   1.000 39.72688 ? 24  DG  B "O4'"  1 
ATOM   732 C  "C3'"  . DG  B 1 12 ? 18.63565  -2.47535  10.79823  1.000 44.44240 ? 24  DG  B "C3'"  1 
ATOM   733 O  "O3'"  . DG  B 1 12 ? 19.25330  -1.95907  11.98047  1.000 45.74064 ? 24  DG  B "O3'"  1 
ATOM   734 C  "C2'"  . DG  B 1 12 ? 17.60095  -3.54889  11.11691  1.000 42.34820 ? 24  DG  B "C2'"  1 
ATOM   735 C  "C1'"  . DG  B 1 12 ? 16.50968  -3.32182  10.08735  1.000 38.18014 ? 24  DG  B "C1'"  1 
ATOM   736 N  N9     . DG  B 1 12 ? 16.40760  -4.43100  9.17148   1.000 38.04427 ? 24  DG  B N9     1 
ATOM   737 C  C8     . DG  B 1 12 ? 17.26349  -4.72521  8.15581   1.000 45.86969 ? 24  DG  B C8     1 
ATOM   738 N  N7     . DG  B 1 12 ? 16.96185  -5.82177  7.52970   1.000 42.13583 ? 24  DG  B N7     1 
ATOM   739 C  C5     . DG  B 1 12 ? 15.88559  -6.32188  8.23699   1.000 42.07489 ? 24  DG  B C5     1 
ATOM   740 C  C6     . DG  B 1 12 ? 15.14835  -7.48335  8.02437   1.000 39.42744 ? 24  DG  B C6     1 
ATOM   741 O  O6     . DG  B 1 12 ? 15.33558  -8.33291  7.14928   1.000 43.13287 ? 24  DG  B O6     1 
ATOM   742 N  N1     . DG  B 1 12 ? 14.15155  -7.63729  8.97517   1.000 38.23380 ? 24  DG  B N1     1 
ATOM   743 C  C2     . DG  B 1 12 ? 13.89260  -6.75827  9.97782   1.000 38.71406 ? 24  DG  B C2     1 
ATOM   744 N  N2     . DG  B 1 12 ? 12.88234  -7.06126  10.79836  1.000 38.78141 ? 24  DG  B N2     1 
ATOM   745 N  N3     . DG  B 1 12 ? 14.56183  -5.63498  10.16311  1.000 37.92564 ? 24  DG  B N3     1 
ATOM   746 C  C4     . DG  B 1 12 ? 15.54623  -5.49332  9.26250   1.000 38.02300 ? 24  DG  B C4     1 
ATOM   747 H  "H5'"  . DG  B 1 12 ? 18.01469  -0.03310  8.59603   1.000 51.33852 ? 24  DG  B "H5'"  1 
ATOM   748 H  "H5''" . DG  B 1 12 ? 19.24091  -0.02738  9.59142   1.000 51.33852 ? 24  DG  B "H5''" 1 
ATOM   749 H  "H4'"  . DG  B 1 12 ? 17.39889  -0.84100  10.73286  1.000 53.55912 ? 24  DG  B "H4'"  1 
ATOM   750 H  "H3'"  . DG  B 1 12 ? 19.31333  -2.82233  10.19720  1.000 53.34208 ? 24  DG  B "H3'"  1 
ATOM   751 H  "HO3'" . DG  B 1 12 ? 20.09022  -1.96132  12.05233  1.000 54.89996 ? 24  DG  B "HO3'" 1 
ATOM   752 H  "H2'"  . DG  B 1 12 ? 17.98277  -4.43614  11.02799  1.000 50.82904 ? 24  DG  B "H2'"  1 
ATOM   753 H  "H2''" . DG  B 1 12 ? 17.25623  -3.44222  12.01729  1.000 50.82904 ? 24  DG  B "H2''" 1 
ATOM   754 H  "H1'"  . DG  B 1 12 ? 15.66763  -3.15113  10.53761  1.000 45.82736 ? 24  DG  B "H1'"  1 
ATOM   755 H  H8     . DG  B 1 12 ? 17.99277  -4.19326  7.93205   1.000 55.05483 ? 24  DG  B H8     1 
ATOM   756 H  H1     . DG  B 1 12 ? 13.66055  -8.34168  8.92665   1.000 45.89176 ? 24  DG  B H1     1 
ATOM   757 H  H21    . DG  B 1 12 ? 12.67383  -6.52700  11.43921  1.000 46.54890 ? 24  DG  B H21    1 
ATOM   758 H  H22    . DG  B 1 12 ? 12.44069  -7.79053  10.68559  1.000 46.54890 ? 24  DG  B H22    1 
HETATM 759 C  C1     . Y5U C 2 .  ? -8.89068  -3.00104  -2.69630  1.000 54.43721 ? 101 Y5U A C1     1 
HETATM 760 C  C2     . Y5U C 2 .  ? -7.63746  -3.58333  -3.26106  1.000 51.85372 ? 101 Y5U A C2     1 
HETATM 761 C  C3     . Y5U C 2 .  ? -7.65408  -4.89733  -3.75581  1.000 51.34891 ? 101 Y5U A C3     1 
HETATM 762 C  C4     . Y5U C 2 .  ? -6.53600  -5.48678  -4.29090  1.000 55.34828 ? 101 Y5U A C4     1 
HETATM 763 C  C5     . Y5U C 2 .  ? -5.34552  -4.75975  -4.30706  1.000 46.60255 ? 101 Y5U A C5     1 
HETATM 764 C  C6     . Y5U C 2 .  ? -3.28139  -4.02416  -4.54715  1.000 45.77906 ? 101 Y5U A C6     1 
HETATM 765 C  C7     . Y5U C 2 .  ? -1.87258  -3.95855  -4.90282  1.000 46.80442 ? 101 Y5U A C7     1 
HETATM 766 C  C8     . Y5U C 2 .  ? -1.14385  -4.75067  -5.80166  1.000 48.87886 ? 101 Y5U A C8     1 
HETATM 767 C  C9     . Y5U C 2 .  ? 0.22341   -4.43629  -5.93008  1.000 45.47070 ? 101 Y5U A C9     1 
HETATM 768 C  C10    . Y5U C 2 .  ? 0.67955   -3.39874  -5.12609  1.000 41.71249 ? 101 Y5U A C10    1 
HETATM 769 C  C11    . Y5U C 2 .  ? 2.03041   -2.88118  -5.01588  1.000 45.18343 ? 101 Y5U A C11    1 
HETATM 770 C  C12    . Y5U C 2 .  ? 4.14067   -2.49612  -5.44562  1.000 46.55168 ? 101 Y5U A C12    1 
HETATM 771 C  C13    . Y5U C 2 .  ? 5.42005   -2.43008  -5.99069  1.000 49.68659 ? 101 Y5U A C13    1 
HETATM 772 C  C14    . Y5U C 2 .  ? 6.37994   -1.74001  -5.29819  1.000 52.35160 ? 101 Y5U A C14    1 
HETATM 773 C  C15    . Y5U C 2 .  ? 6.10627   -1.13567  -4.06815  1.000 45.50117 ? 101 Y5U A C15    1 
HETATM 774 C  C16    . Y5U C 2 .  ? 7.21483   -0.42507  -3.38327  1.000 49.69326 ? 101 Y5U A C16    1 
HETATM 775 C  C17    . Y5U C 2 .  ? 4.82858   -1.19384  -3.52230  1.000 46.22764 ? 101 Y5U A C17    1 
HETATM 776 C  C18    . Y5U C 2 .  ? 3.85551   -1.87497  -4.22536  1.000 37.44945 ? 101 Y5U A C18    1 
HETATM 777 C  C19    . Y5U C 2 .  ? -5.31239  -3.45836  -3.79984  1.000 46.77566 ? 101 Y5U A C19    1 
HETATM 778 C  C20    . Y5U C 2 .  ? -6.44804  -2.85615  -3.27183  1.000 51.17707 ? 101 Y5U A C20    1 
HETATM 779 SE SE1    . Y5U C 2 .  ? -0.72385  -2.72432  -4.09985  1.000 53.27200 ? 101 Y5U A SE1    1 
HETATM 780 N  N1     . Y5U C 2 .  ? -9.78098  -3.70009  -2.06828  1.000 53.20825 ? 101 Y5U A N1     1 
HETATM 781 N  N2     . Y5U C 2 .  ? -9.14531  -1.68637  -2.90340  1.000 48.26509 ? 101 Y5U A N2     1 
HETATM 782 N  N3     . Y5U C 2 .  ? -4.09469  -5.11702  -4.78745  1.000 49.11390 ? 101 Y5U A N3     1 
HETATM 783 N  N4     . Y5U C 2 .  ? 3.01334   -3.13573  -5.93465  1.000 44.16837 ? 101 Y5U A N4     1 
HETATM 784 N  N5     . Y5U C 2 .  ? 8.24174   -0.00461  -4.03830  1.000 48.53118 ? 101 Y5U A N5     1 
HETATM 785 N  N6     . Y5U C 2 .  ? 7.16235   -0.33242  -2.04465  1.000 44.81777 ? 101 Y5U A N6     1 
HETATM 786 N  N7     . Y5U C 2 .  ? 2.53685   -2.15538  -3.97261  1.000 41.33584 ? 101 Y5U A N7     1 
HETATM 787 N  N8     . Y5U C 2 .  ? -4.01269  -3.02652  -3.96904  1.000 44.94996 ? 101 Y5U A N8     1 
HETATM 788 H  H4     . Y5U C 2 .  ? -8.45397  -5.39370  -3.72189  1.000 61.62989 ? 101 Y5U A H4     1 
HETATM 789 H  H5     . Y5U C 2 .  ? -6.56921  -6.35942  -4.63876  1.000 66.42913 ? 101 Y5U A H5     1 
HETATM 790 H  H6     . Y5U C 2 .  ? -1.55325  -5.44958  -6.28649  1.000 58.66583 ? 101 Y5U A H6     1 
HETATM 791 H  H7     . Y5U C 2 .  ? 0.79979   -4.89463  -6.52072  1.000 54.57604 ? 101 Y5U A H7     1 
HETATM 792 H  H8     . Y5U C 2 .  ? 5.61707   -2.84733  -6.80963  1.000 59.63510 ? 101 Y5U A H8     1 
HETATM 793 H  H9     . Y5U C 2 .  ? 7.24503   -1.67431  -5.66517  1.000 62.83312 ? 101 Y5U A H9     1 
HETATM 794 H  H13    . Y5U C 2 .  ? 4.64032   -0.78243  -2.70406  1.000 55.48437 ? 101 Y5U A H13    1 
HETATM 795 H  H16    . Y5U C 2 .  ? -6.42109  -1.98587  -2.93110  1.000 61.42368 ? 101 Y5U A H16    1 
HETATM 796 H  H1     . Y5U C 2 .  ? -9.58037  -4.48987  -1.95284  1.000 63.86110 ? 101 Y5U A H1     1 
HETATM 797 H  H2     . Y5U C 2 .  ? -9.90386  -1.33159  -2.61098  1.000 57.92931 ? 101 Y5U A H2     1 
HETATM 798 H  H3     . Y5U C 2 .  ? -8.55290  -1.18336  -3.33096  1.000 57.92931 ? 101 Y5U A H3     1 
HETATM 799 H  H10    . Y5U C 2 .  ? 8.83863   0.31854   -3.57286  1.000 58.24862 ? 101 Y5U A H10    1 
HETATM 800 H  H12    . Y5U C 2 .  ? 6.44801   -0.62663  -1.60884  1.000 53.79252 ? 101 Y5U A H12    1 
HETATM 801 H  H11    . Y5U C 2 .  ? 7.84212   0.02280   -1.59913  1.000 53.79252 ? 101 Y5U A H11    1 
HETATM 802 H  H14    . Y5U C 2 .  ? 2.07939   -1.91536  -3.26267  1.000 49.61421 ? 101 Y5U A H14    1 
HETATM 803 H  H15    . Y5U C 2 .  ? -3.69273  -2.23993  -3.74590  1.000 53.95115 ? 101 Y5U A H15    1 
HETATM 804 O  O      . HOH D 3 .  ? -0.29779  5.72993   0.93998   1.000 41.42187 ? 201 HOH A O      1 
HETATM 805 O  O      . HOH D 3 .  ? -1.59693  6.60029   -2.91653  1.000 36.51003 ? 202 HOH A O      1 
HETATM 806 O  O      . HOH D 3 .  ? 3.18788   -4.43801  10.65274  1.000 60.97031 ? 203 HOH A O      1 
HETATM 807 O  O      . HOH D 3 .  ? 2.28467   5.40212   2.86443   1.000 49.39813 ? 204 HOH A O      1 
HETATM 808 O  O      . HOH D 3 .  ? -19.68538 0.22254   -4.18081  1.000 63.45591 ? 205 HOH A O      1 
HETATM 809 O  O      . HOH D 3 .  ? 9.41800   -9.49097  5.44130   1.000 53.73789 ? 206 HOH A O      1 
HETATM 810 O  O      . HOH D 3 .  ? -11.26407 0.35497   -3.24652  1.000 42.88205 ? 207 HOH A O      1 
HETATM 811 O  O      . HOH D 3 .  ? 4.58979   7.26949   -0.09408  1.000 49.56339 ? 208 HOH A O      1 
HETATM 812 O  O      . HOH D 3 .  ? -3.41236  5.30374   -8.04815  1.000 38.56289 ? 209 HOH A O      1 
HETATM 813 O  O      . HOH D 3 .  ? 6.76760   1.80115   15.74330  1.000 62.15084 ? 210 HOH A O      1 
HETATM 814 O  O      . HOH D 3 .  ? 3.05587   6.23945   -5.35129  1.000 45.15561 ? 211 HOH A O      1 
HETATM 815 O  O      . HOH D 3 .  ? 3.78490   -1.38591  16.73598  1.000 63.94547 ? 212 HOH A O      1 
HETATM 816 O  O      . HOH D 3 .  ? 11.61069  -16.29926 9.72676   1.000 53.85484 ? 213 HOH A O      1 
HETATM 817 O  O      . HOH D 3 .  ? 6.89013   -0.15973  -9.09774  1.000 54.84758 ? 214 HOH A O      1 
HETATM 818 O  O      . HOH D 3 .  ? 4.47698   8.28610   -2.95196  1.000 46.87251 ? 215 HOH A O      1 
HETATM 819 O  O      . HOH D 3 .  ? -9.43744  3.63256   -11.86996 1.000 57.42890 ? 216 HOH A O      1 
HETATM 820 O  O      . HOH D 3 .  ? -1.77510  3.39234   -9.29850  1.000 45.91351 ? 217 HOH A O      1 
HETATM 821 O  O      . HOH D 3 .  ? 0.67817   7.90488   -4.24777  1.000 51.86498 ? 218 HOH A O      1 
HETATM 822 O  O      . HOH E 3 .  ? -0.72684  -1.00891  5.00581   1.000 53.50108 ? 101 HOH B O      1 
HETATM 823 O  O      . HOH E 3 .  ? 15.90826  -3.47228  -4.61043  1.000 63.99784 ? 102 HOH B O      1 
HETATM 824 O  O      . HOH E 3 .  ? -4.37678  7.89825   -0.61753  1.000 46.59664 ? 103 HOH B O      1 
HETATM 825 O  O      . HOH E 3 .  ? -11.06726 16.64852  -2.40457  1.000 55.48912 ? 104 HOH B O      1 
HETATM 826 O  O      . HOH E 3 .  ? -8.21771  7.34341   -9.45270  1.000 55.69527 ? 105 HOH B O      1 
HETATM 827 O  O      . HOH E 3 .  ? -2.12048  2.60867   3.95347   1.000 48.15389 ? 106 HOH B O      1 
HETATM 828 O  O      . HOH E 3 .  ? -9.41662  5.71896   -10.25784 1.000 47.65114 ? 107 HOH B O      1 
HETATM 829 O  O      . HOH E 3 .  ? 5.14014   -7.94149  3.47780   1.000 48.58678 ? 108 HOH B O      1 
HETATM 830 O  O      . HOH E 3 .  ? -3.13709  5.35286   1.60492   1.000 51.39741 ? 109 HOH B O      1 
HETATM 831 O  O      . HOH E 3 .  ? -5.06875  9.05518   -7.26688  1.000 53.10366 ? 110 HOH B O      1 
HETATM 832 O  O      . HOH E 3 .  ? -3.88162  4.41131   3.45340   1.000 47.41337 ? 111 HOH B O      1 
HETATM 833 O  O      . HOH E 3 .  ? 14.02541  -8.92068  2.68160   1.000 48.50136 ? 112 HOH B O      1 
HETATM 834 O  O      . HOH E 3 .  ? -5.15627  -3.69101  4.50724   1.000 45.99678 ? 113 HOH B O      1 
HETATM 835 O  O      . HOH E 3 .  ? -4.13695  -2.17867  5.99447   1.000 62.80965 ? 114 HOH B O      1 
# 
loop_
_atom_site_anisotrop.id 
_atom_site_anisotrop.type_symbol 
_atom_site_anisotrop.pdbx_label_atom_id 
_atom_site_anisotrop.pdbx_label_alt_id 
_atom_site_anisotrop.pdbx_label_comp_id 
_atom_site_anisotrop.pdbx_label_asym_id 
_atom_site_anisotrop.pdbx_label_seq_id 
_atom_site_anisotrop.pdbx_PDB_ins_code 
_atom_site_anisotrop.U[1][1] 
_atom_site_anisotrop.U[2][2] 
_atom_site_anisotrop.U[3][3] 
_atom_site_anisotrop.U[1][2] 
_atom_site_anisotrop.U[1][3] 
_atom_site_anisotrop.U[2][3] 
_atom_site_anisotrop.pdbx_auth_seq_id 
_atom_site_anisotrop.pdbx_auth_comp_id 
_atom_site_anisotrop.pdbx_auth_asym_id 
_atom_site_anisotrop.pdbx_auth_atom_id 
1   O  "O5'" . DC  A 1  ? 0.94485 0.66272 0.79431 0.25648  0.08898  0.04376  1   DC  A "O5'" 
2   C  "C5'" . DC  A 1  ? 0.82494 0.56205 0.70221 0.23279  0.08538  0.04210  1   DC  A "C5'" 
3   C  "C4'" . DC  A 1  ? 0.81498 0.58665 0.68936 0.22693  0.08873  0.04574  1   DC  A "C4'" 
4   O  "O4'" . DC  A 1  ? 0.74234 0.55349 0.60142 0.23428  0.07764  0.03230  1   DC  A "O4'" 
5   C  "C3'" . DC  A 1  ? 0.81671 0.60218 0.71832 0.20310  0.08794  0.04806  1   DC  A "C3'" 
6   O  "O3'" . DC  A 1  ? 0.83175 0.62114 0.72926 0.20174  0.09717  0.06070  1   DC  A "O3'" 
7   C  "C2'" . DC  A 1  ? 0.79165 0.61586 0.69241 0.19818  0.07390  0.03195  1   DC  A "C2'" 
8   C  "C1'" . DC  A 1  ? 0.69081 0.53441 0.56573 0.21547  0.07195  0.02972  1   DC  A "C1'" 
9   N  N1    . DC  A 1  ? 0.71733 0.60226 0.58875 0.21853  0.06040  0.01755  1   DC  A N1    
10  C  C2    . DC  A 1  ? 0.63418 0.55900 0.50469 0.21393  0.05467  0.01933  1   DC  A C2    
11  O  O2    . DC  A 1  ? 0.62881 0.54779 0.49648 0.20905  0.05633  0.02763  1   DC  A O2    
12  N  N3    . DC  A 1  ? 0.65574 0.62397 0.52868 0.21612  0.04649  0.01312  1   DC  A N3    
13  C  C4    . DC  A 1  ? 0.74123 0.71306 0.61059 0.22719  0.04423  0.00325  1   DC  A C4    
14  N  N4    . DC  A 1  ? 0.72739 0.74811 0.59737 0.23353  0.03852  -0.00018 1   DC  A N4    
15  C  C5    . DC  A 1  ? 0.81149 0.73668 0.67682 0.23338  0.04646  -0.00239 1   DC  A C5    
16  C  C6    . DC  A 1  ? 0.72282 0.60677 0.59275 0.22640  0.05437  0.00617  1   DC  A C6    
29  P  P     . DG  A 2  ? 0.93587 0.71793 0.85855 0.18586  0.10676  0.07475  2   DG  A P     
30  O  OP1   . DG  A 2  ? 0.95046 0.69957 0.87703 0.19499  0.12302  0.09376  2   DG  A OP1   
31  O  OP2   . DG  A 2  ? 0.78804 0.58573 0.73687 0.16509  0.09660  0.06507  2   DG  A OP2   
32  O  "O5'" . DG  A 2  ? 0.90002 0.69900 0.80355 0.18956  0.10708  0.07822  2   DG  A "O5'" 
33  C  "C5'" . DG  A 2  ? 0.84648 0.64286 0.71665 0.21033  0.10661  0.07870  2   DG  A "C5'" 
34  C  "C4'" . DG  A 2  ? 0.79572 0.61542 0.65440 0.20569  0.09300  0.07190  2   DG  A "C4'" 
35  O  "O4'" . DG  A 2  ? 0.75611 0.60594 0.61979 0.19772  0.07772  0.05755  2   DG  A "O4'" 
36  C  "C3'" . DG  A 2  ? 0.77771 0.60313 0.65214 0.18886  0.09301  0.07577  2   DG  A "C3'" 
37  O  "O3'" . DG  A 2  ? 0.83907 0.65877 0.69044 0.19791  0.08957  0.08011  2   DG  A "O3'" 
38  C  "C2'" . DG  A 2  ? 0.69242 0.54741 0.58420 0.16896  0.07859  0.06272  2   DG  A "C2'" 
39  C  "C1'" . DG  A 2  ? 0.72887 0.60121 0.60747 0.17764  0.06830  0.05381  2   DG  A "C1'" 
40  N  N9    . DG  A 2  ? 0.64563 0.54332 0.53986 0.16862  0.06171  0.04369  2   DG  A N9    
41  C  C8    . DG  A 2  ? 0.66545 0.55394 0.57286 0.16761  0.06613  0.03920  2   DG  A C8    
42  N  N7    . DG  A 2  ? 0.60118 0.51659 0.51447 0.16435  0.05744  0.02905  2   DG  A N7    
43  C  C5    . DG  A 2  ? 0.55648 0.50517 0.46585 0.15975  0.04881  0.03004  2   DG  A C5    
44  C  C6    . DG  A 2  ? 0.50859 0.49973 0.42407 0.15546  0.04000  0.02608  2   DG  A C6    
45  O  O6    . DG  A 2  ? 0.54663 0.55431 0.46618 0.15939  0.03869  0.01880  2   DG  A O6    
46  N  N1    . DG  A 2  ? 0.46531 0.48043 0.38132 0.14763  0.03115  0.03251  2   DG  A N1    
47  C  C2    . DG  A 2  ? 0.52050 0.51503 0.42598 0.14750  0.02804  0.03817  2   DG  A C2    
48  N  N2    . DG  A 2  ? 0.50025 0.51761 0.40858 0.13884  0.01396  0.04268  2   DG  A N2    
49  N  N3    . DG  A 2  ? 0.55394 0.50780 0.44694 0.15640  0.03728  0.04050  2   DG  A N3    
50  C  C4    . DG  A 2  ? 0.58010 0.51559 0.47866 0.16066  0.04895  0.03792  2   DG  A C4    
62  P  P     . DC  A 3  ? 0.84457 0.66209 0.70244 0.18957  0.09243  0.08708  3   DC  A P     
63  O  OP1   . DC  A 3  ? 0.87325 0.66780 0.69885 0.21595  0.10039  0.09801  3   DC  A OP1   
64  O  OP2   . DC  A 3  ? 0.83323 0.65579 0.72718 0.17257  0.10205  0.09085  3   DC  A OP2   
65  O  "O5'" . DC  A 3  ? 0.74896 0.58772 0.60744 0.17203  0.07028  0.07496  3   DC  A "O5'" 
66  C  "C5'" . DC  A 3  ? 0.73106 0.57256 0.56625 0.17785  0.05158  0.06864  3   DC  A "C5'" 
67  C  "C4'" . DC  A 3  ? 0.68711 0.55684 0.53880 0.15438  0.03357  0.06076  3   DC  A "C4'" 
68  O  "O4'" . DC  A 3  ? 0.61089 0.50525 0.48518 0.14551  0.03747  0.05592  3   DC  A "O4'" 
69  C  "C3'" . DC  A 3  ? 0.65452 0.52594 0.51758 0.13807  0.03187  0.06215  3   DC  A "C3'" 
70  O  "O3'" . DC  A 3  ? 0.67159 0.52933 0.51319 0.13979  0.01558  0.06237  3   DC  A "O3'" 
71  C  "C2'" . DC  A 3  ? 0.63363 0.53806 0.52314 0.11667  0.02607  0.05654  3   DC  A "C2'" 
72  C  "C1'" . DC  A 3  ? 0.59170 0.51140 0.48537 0.12404  0.02888  0.05275  3   DC  A "C1'" 
73  N  N1    . DC  A 3  ? 0.57551 0.50660 0.48960 0.11953  0.03888  0.04849  3   DC  A N1    
74  C  C2    . DC  A 3  ? 0.48979 0.45458 0.41621 0.11099  0.03194  0.04334  3   DC  A C2    
75  O  O2    . DC  A 3  ? 0.53921 0.52746 0.46564 0.10360  0.01952  0.04563  3   DC  A O2    
76  N  N3    . DC  A 3  ? 0.54996 0.52028 0.48819 0.11188  0.03779  0.03702  3   DC  A N3    
77  C  C4    . DC  A 3  ? 0.57272 0.51462 0.51576 0.11688  0.04798  0.03633  3   DC  A C4    
78  N  N4    . DC  A 3  ? 0.58432 0.52701 0.53810 0.11783  0.04827  0.02818  3   DC  A N4    
79  C  C5    . DC  A 3  ? 0.61936 0.53092 0.55645 0.12259  0.05733  0.04525  3   DC  A C5    
80  C  C6    . DC  A 3  ? 0.60445 0.51250 0.52446 0.12582  0.05348  0.05081  3   DC  A C6    
92  P  P     . DG  A 4  ? 0.76226 0.61216 0.60426 0.13036  0.01302  0.06445  4   DG  A P     
93  O  OP1   . DG  A 4  ? 0.87840 0.69708 0.68299 0.14924  0.00148  0.06563  4   DG  A OP1   
94  O  OP2   . DG  A 4  ? 0.79841 0.65327 0.66310 0.12708  0.03419  0.06855  4   DG  A OP2   
95  O  "O5'" . DG  A 4  ? 0.64003 0.51621 0.50116 0.10394  -0.00365 0.06029  4   DG  A "O5'" 
96  C  "C5'" . DG  A 4  ? 0.66626 0.54989 0.52263 0.09720  -0.02540 0.05892  4   DG  A "C5'" 
97  C  "C4'" . DG  A 4  ? 0.70558 0.62215 0.58778 0.07205  -0.03360 0.06026  4   DG  A "C4'" 
98  O  "O4'" . DG  A 4  ? 0.69013 0.63628 0.59526 0.06943  -0.01704 0.05846  4   DG  A "O4'" 
99  C  "C3'" . DG  A 4  ? 0.69079 0.59920 0.57348 0.06013  -0.03667 0.06166  4   DG  A "C3'" 
100 O  "O3'" . DG  A 4  ? 0.75977 0.68227 0.65099 0.04032  -0.05629 0.06612  4   DG  A "O3'" 
101 C  "C2'" . DG  A 4  ? 0.67785 0.60403 0.58168 0.05717  -0.01583 0.05944  4   DG  A "C2'" 
102 C  "C1'" . DG  A 4  ? 0.62802 0.58399 0.54760 0.05762  -0.01052 0.05784  4   DG  A "C1'" 
103 N  N9    . DG  A 4  ? 0.54570 0.50402 0.47647 0.06563  0.00804  0.05312  4   DG  A N9    
104 C  C8    . DG  A 4  ? 0.50842 0.44150 0.43616 0.07718  0.02182  0.05324  4   DG  A C8    
105 N  N7    . DG  A 4  ? 0.56768 0.50542 0.51084 0.07961  0.03273  0.04948  4   DG  A N7    
106 C  C5    . DG  A 4  ? 0.53041 0.49799 0.48202 0.07318  0.02644  0.04460  4   DG  A C5    
107 C  C6    . DG  A 4  ? 0.49399 0.47459 0.45684 0.07664  0.03061  0.03732  4   DG  A C6    
108 O  O6    . DG  A 4  ? 0.50740 0.47129 0.47787 0.08298  0.03827  0.03311  4   DG  A O6    
109 N  N1    . DG  A 4  ? 0.48460 0.50045 0.44950 0.07322  0.02350  0.03623  4   DG  A N1    
110 C  C2    . DG  A 4  ? 0.49311 0.53030 0.45643 0.06336  0.01371  0.04416  4   DG  A C2    
111 N  N2    . DG  A 4  ? 0.56763 0.64454 0.53801 0.06179  0.01055  0.04664  4   DG  A N2    
112 N  N3    . DG  A 4  ? 0.50606 0.52644 0.46125 0.05672  0.00621  0.05037  4   DG  A N3    
113 C  C4    . DG  A 4  ? 0.51584 0.50043 0.46234 0.06415  0.01324  0.04875  4   DG  A C4    
125 P  P     . DA  A 5  ? 0.79442 0.71039 0.68579 0.02590  -0.06233 0.06862  5   DA  A P     
126 O  OP1   . DA  A 5  ? 0.89856 0.79449 0.77668 0.01725  -0.09098 0.07288  5   DA  A OP1   
127 O  OP2   . DA  A 5  ? 0.74157 0.63989 0.62500 0.03745  -0.04550 0.06414  5   DA  A OP2   
128 O  "O5'" . DA  A 5  ? 0.70055 0.66217 0.62205 0.00922  -0.05517 0.07288  5   DA  A "O5'" 
129 C  "C5'" . DA  A 5  ? 0.63840 0.63406 0.57761 0.00019  -0.06194 0.08000  5   DA  A "C5'" 
130 C  "C4'" . DA  A 5  ? 0.60643 0.64469 0.56740 -0.00691 -0.04983 0.08358  5   DA  A "C4'" 
131 O  "O4'" . DA  A 5  ? 0.59463 0.63402 0.55549 0.00927  -0.02989 0.07245  5   DA  A "O4'" 
132 C  "C3'" . DA  A 5  ? 0.67568 0.71426 0.63807 -0.01949 -0.05171 0.08759  5   DA  A "C3'" 
133 O  "O3'" . DA  A 5  ? 0.65720 0.74077 0.63984 -0.03217 -0.05309 0.10113  5   DA  A "O3'" 
134 C  "C2'" . DA  A 5  ? 0.56850 0.59720 0.52700 -0.00708 -0.03395 0.07478  5   DA  A "C2'" 
135 C  "C1'" . DA  A 5  ? 0.51508 0.55697 0.47965 0.00736  -0.02141 0.06817  5   DA  A "C1'" 
136 N  N9    . DA  A 5  ? 0.48172 0.49875 0.44196 0.02084  -0.00881 0.05734  5   DA  A N9    
137 C  C8    . DA  A 5  ? 0.50011 0.48198 0.44820 0.02752  -0.00693 0.05557  5   DA  A C8    
138 N  N7    . DA  A 5  ? 0.50317 0.47442 0.45710 0.03789  0.00672  0.04989  5   DA  A N7    
139 C  C5    . DA  A 5  ? 0.47908 0.47467 0.44643 0.03844  0.01085  0.04464  5   DA  A C5    
140 C  C6    . DA  A 5  ? 0.44488 0.43841 0.42326 0.04664  0.01985  0.03661  5   DA  A C6    
141 N  N6    . DA  A 5  ? 0.46100 0.43000 0.44555 0.05230  0.02835  0.03574  5   DA  A N6    
142 N  N1    . DA  A 5  ? 0.49692 0.51458 0.47991 0.04989  0.01864  0.03083  5   DA  A N1    
143 C  C2    . DA  A 5  ? 0.45743 0.50595 0.43760 0.04522  0.01280  0.03612  5   DA  A C2    
144 N  N3    . DA  A 5  ? 0.48932 0.54621 0.46603 0.03345  0.00500  0.04699  5   DA  A N3    
145 C  C4    . DA  A 5  ? 0.42120 0.44681 0.39021 0.03051  0.00276  0.04912  5   DA  A C4    
157 P  P     . DA  A 6  ? 0.72568 0.81877 0.71081 -0.04401 -0.05353 0.10891  6   DA  A P     
158 O  OP1   . DA  A 6  ? 0.72887 0.86243 0.73504 -0.05993 -0.06093 0.13061  6   DA  A OP1   
159 O  OP2   . DA  A 6  ? 0.66282 0.70848 0.62771 -0.04633 -0.06233 0.10276  6   DA  A OP2   
160 O  "O5'" . DA  A 6  ? 0.57634 0.68955 0.56263 -0.02835 -0.03346 0.09757  6   DA  A "O5'" 
161 C  "C5'" . DA  A 6  ? 0.55033 0.70566 0.54807 -0.01850 -0.02347 0.09977  6   DA  A "C5'" 
162 C  "C4'" . DA  A 6  ? 0.48913 0.64920 0.48112 -0.00141 -0.01061 0.08512  6   DA  A "C4'" 
163 O  "O4'" . DA  A 6  ? 0.46932 0.59094 0.45401 0.00800  -0.00699 0.06763  6   DA  A "O4'" 
164 C  "C3'" . DA  A 6  ? 0.51769 0.67886 0.50449 -0.00449 -0.01052 0.08559  6   DA  A "C3'" 
165 O  "O3'" . DA  A 6  ? 0.51752 0.71898 0.50504 0.00859  -0.00246 0.08806  6   DA  A "O3'" 
166 C  "C2'" . DA  A 6  ? 0.51392 0.63415 0.49258 0.00160  -0.00924 0.06639  6   DA  A "C2'" 
167 C  "C1'" . DA  A 6  ? 0.47378 0.58157 0.45482 0.01273  -0.00390 0.05603  6   DA  A "C1'" 
168 N  N9    . DA  A 6  ? 0.40721 0.47461 0.38615 0.01319  -0.00323 0.04748  6   DA  A N9    
169 C  C8    . DA  A 6  ? 0.45857 0.50018 0.43038 0.00512  -0.00892 0.05277  6   DA  A C8    
170 N  N7    . DA  A 6  ? 0.43500 0.44873 0.40587 0.01166  -0.00392 0.04635  6   DA  A N7    
171 C  C5    . DA  A 6  ? 0.42401 0.44321 0.40611 0.02105  0.00415  0.03655  6   DA  A C5    
172 C  C6    . DA  A 6  ? 0.42096 0.42037 0.41296 0.02866  0.01167  0.02978  6   DA  A C6    
173 N  N6    . DA  A 6  ? 0.42655 0.40242 0.41852 0.03014  0.01624  0.03381  6   DA  A N6    
174 N  N1    . DA  A 6  ? 0.42960 0.43443 0.43148 0.03593  0.01360  0.02020  6   DA  A N1    
175 C  C2    . DA  A 6  ? 0.45219 0.48258 0.44912 0.04001  0.00987  0.01653  6   DA  A C2    
176 N  N3    . DA  A 6  ? 0.43667 0.49389 0.42507 0.03551  0.00644  0.02463  6   DA  A N3    
177 C  C4    . DA  A 6  ? 0.42158 0.47084 0.40545 0.02365  0.00322  0.03517  6   DA  A C4    
189 P  P     . DT  A 7  ? 0.56536 0.77764 0.54402 0.01225  -0.00090 0.08944  7   DT  A P     
190 O  OP1   . DT  A 7  ? 0.55871 0.82306 0.53844 0.02617  0.00756  0.10125  7   DT  A OP1   
191 O  OP2   . DT  A 7  ? 0.56932 0.75751 0.54569 -0.00720 -0.00981 0.09760  7   DT  A OP2   
192 O  "O5'" . DT  A 7  ? 0.50913 0.69156 0.47798 0.02859  0.00004  0.06234  7   DT  A "O5'" 
193 C  "C5'" . DT  A 7  ? 0.44293 0.62990 0.40928 0.04854  0.00411  0.04826  7   DT  A "C5'" 
194 C  "C4'" . DT  A 7  ? 0.43248 0.58143 0.39730 0.05559  -0.00023 0.02530  7   DT  A "C4'" 
195 O  "O4'" . DT  A 7  ? 0.41942 0.53474 0.39421 0.04161  -0.00133 0.02413  7   DT  A "O4'" 
196 C  "C3'" . DT  A 7  ? 0.46971 0.61178 0.42750 0.05811  -0.00581 0.01759  7   DT  A "C3'" 
197 O  "O3'" . DT  A 7  ? 0.48603 0.63554 0.43267 0.08150  -0.00869 0.00272  7   DT  A "O3'" 
198 C  "C2'" . DT  A 7  ? 0.43479 0.53710 0.40410 0.04632  -0.01028 0.00847  7   DT  A "C2'" 
199 C  "C1'" . DT  A 7  ? 0.42558 0.51356 0.40489 0.04251  -0.00565 0.00993  7   DT  A "C1'" 
200 N  N1    . DT  A 7  ? 0.40075 0.46238 0.38745 0.02910  -0.00499 0.01448  7   DT  A N1    
201 C  C2    . DT  A 7  ? 0.41532 0.45177 0.41519 0.03107  -0.00314 0.00626  7   DT  A C2    
202 O  O2    . DT  A 7  ? 0.42997 0.46089 0.43772 0.04054  -0.00463 -0.00544 7   DT  A O2    
203 N  N3    . DT  A 7  ? 0.42076 0.43773 0.42384 0.02303  -0.00046 0.01320  7   DT  A N3    
204 C  C4    . DT  A 7  ? 0.43088 0.44493 0.42130 0.01441  -0.00286 0.02420  7   DT  A C4    
205 O  O4    . DT  A 7  ? 0.43710 0.43076 0.42533 0.01282  -0.00119 0.02877  7   DT  A O4    
206 C  C5    . DT  A 7  ? 0.40473 0.44071 0.38381 0.00917  -0.00806 0.03155  7   DT  A C5    
207 C  C7    . DT  A 7  ? 0.43862 0.46720 0.40487 -0.00243 -0.01529 0.04438  7   DT  A C7    
208 C  C6    . DT  A 7  ? 0.41136 0.47298 0.39096 0.01631  -0.00720 0.02800  7   DT  A C6    
221 P  P     . DT  A 8  ? 0.59663 0.74246 0.53033 0.09398  -0.01719 -0.00993 8   DT  A P     
222 O  OP1   . DT  A 8  ? 0.70592 0.87632 0.61928 0.12295  -0.01688 -0.01557 8   DT  A OP1   
223 O  OP2   . DT  A 8  ? 0.55103 0.70115 0.48256 0.07967  -0.01662 0.00297  8   DT  A OP2   
224 O  "O5'" . DT  A 8  ? 0.51901 0.62254 0.46816 0.09070  -0.02809 -0.03118 8   DT  A "O5'" 
225 C  "C5'" . DT  A 8  ? 0.51600 0.60163 0.47207 0.09965  -0.03201 -0.04441 8   DT  A "C5'" 
226 C  "C4'" . DT  A 8  ? 0.55229 0.60133 0.53280 0.08950  -0.04109 -0.05670 8   DT  A "C4'" 
227 O  "O4'" . DT  A 8  ? 0.48672 0.52825 0.48410 0.06760  -0.03156 -0.04215 8   DT  A "O4'" 
228 C  "C3'" . DT  A 8  ? 0.60777 0.64668 0.59047 0.09325  -0.05558 -0.07086 8   DT  A "C3'" 
229 O  "O3'" . DT  A 8  ? 0.62506 0.63861 0.61674 0.10465  -0.07267 -0.09184 8   DT  A "O3'" 
230 C  "C2'" . DT  A 8  ? 0.52660 0.55629 0.53058 0.07112  -0.05141 -0.06142 8   DT  A "C2'" 
231 C  "C1'" . DT  A 8  ? 0.49102 0.51448 0.50737 0.05865  -0.03828 -0.04779 8   DT  A "C1'" 
232 N  N1    . DT  A 8  ? 0.41946 0.44337 0.43845 0.04272  -0.02856 -0.03126 8   DT  A N1    
233 C  C2    . DT  A 8  ? 0.43881 0.44497 0.47906 0.03339  -0.02326 -0.02594 8   DT  A C2    
234 O  O2    . DT  A 8  ? 0.44331 0.43507 0.50635 0.03392  -0.02578 -0.03203 8   DT  A O2    
235 N  N3    . DT  A 8  ? 0.41607 0.42095 0.44947 0.02467  -0.01601 -0.01206 8   DT  A N3    
236 C  C4    . DT  A 8  ? 0.40462 0.41999 0.41523 0.02086  -0.01616 -0.00316 8   DT  A C4    
237 O  O4    . DT  A 8  ? 0.39170 0.39844 0.39454 0.01436  -0.01341 0.00752  8   DT  A O4    
238 C  C5    . DT  A 8  ? 0.41345 0.44974 0.40874 0.02692  -0.02048 -0.00593 8   DT  A C5    
239 C  C7    . DT  A 8  ? 0.44762 0.49832 0.42320 0.02081  -0.02063 0.00804  8   DT  A C7    
240 C  C6    . DT  A 8  ? 0.39695 0.43837 0.39534 0.03924  -0.02502 -0.01947 8   DT  A C6    
253 P  P     . DC  A 9  ? 0.64183 0.63953 0.63922 0.11190  -0.09500 -0.11200 9   DC  A P     
254 O  OP1   . DC  A 9  ? 0.75963 0.73679 0.74770 0.13318  -0.11381 -0.13293 9   DC  A OP1   
255 O  OP2   . DC  A 9  ? 0.61788 0.63691 0.59532 0.11568  -0.09258 -0.10772 9   DC  A OP2   
256 O  "O5'" . DC  A 9  ? 0.59643 0.57474 0.63860 0.08736  -0.09652 -0.10807 9   DC  A "O5'" 
257 C  "C5'" . DC  A 9  ? 0.55821 0.51645 0.62713 0.07775  -0.09427 -0.10459 9   DC  A "C5'" 
258 C  "C4'" . DC  A 9  ? 0.56514 0.51587 0.67635 0.05607  -0.09047 -0.09411 9   DC  A "C4'" 
259 O  "O4'" . DC  A 9  ? 0.52190 0.49110 0.62522 0.04609  -0.07018 -0.07510 9   DC  A "O4'" 
260 C  "C3'" . DC  A 9  ? 0.54118 0.48648 0.67650 0.05330  -0.11008 -0.10622 9   DC  A "C3'" 
261 O  "O3'" . DC  A 9  ? 0.55671 0.48113 0.73801 0.04192  -0.12052 -0.10683 9   DC  A "O3'" 
262 C  "C2'" . DC  A 9  ? 0.50361 0.46898 0.63952 0.04345  -0.09668 -0.09240 9   DC  A "C2'" 
263 C  "C1'" . DC  A 9  ? 0.50219 0.47389 0.62907 0.03587  -0.07195 -0.07141 9   DC  A "C1'" 
264 N  N1    . DC  A 9  ? 0.44450 0.43223 0.54545 0.03385  -0.05923 -0.05948 9   DC  A N1    
265 C  C2    . DC  A 9  ? 0.42912 0.41744 0.53890 0.02381  -0.04445 -0.04204 9   DC  A C2    
266 O  O2    . DC  A 9  ? 0.43702 0.41783 0.57899 0.01754  -0.03989 -0.03528 9   DC  A O2    
267 N  N3    . DC  A 9  ? 0.42311 0.41901 0.50498 0.02265  -0.03664 -0.03202 9   DC  A N3    
268 C  C4    . DC  A 9  ? 0.43351 0.43940 0.48563 0.02795  -0.04093 -0.03553 9   DC  A C4    
269 N  N4    . DC  A 9  ? 0.42694 0.43642 0.45559 0.02399  -0.03560 -0.02362 9   DC  A N4    
270 C  C5    . DC  A 9  ? 0.43088 0.44234 0.47469 0.03941  -0.05193 -0.05045 9   DC  A C5    
271 C  C6    . DC  A 9  ? 0.43308 0.43349 0.49890 0.04349  -0.06151 -0.06344 9   DC  A C6    
283 P  P     . DG  A 10 ? 0.65674 0.56796 0.87336 0.03941  -0.15066 -0.12364 10  DG  A P     
284 O  OP1   . DG  A 10 ? 0.64118 0.52337 0.89283 0.03205  -0.16401 -0.12539 10  DG  A OP1   
285 O  OP2   . DG  A 10 ? 0.63588 0.55098 0.81752 0.05887  -0.16860 -0.14507 10  DG  A OP2   
286 O  "O5'" . DG  A 10 ? 0.60375 0.53559 0.85616 0.02209  -0.13901 -0.10638 10  DG  A "O5'" 
287 C  "C5'" . DG  A 10 ? 0.54803 0.48562 0.82806 0.00738  -0.11660 -0.08170 10  DG  A "C5'" 
288 C  "C4'" . DG  A 10 ? 0.56337 0.52566 0.85666 0.00052  -0.10294 -0.06678 10  DG  A "C4'" 
289 O  "O4'" . DG  A 10 ? 0.49071 0.46529 0.73296 0.00903  -0.08687 -0.06295 10  DG  A "O4'" 
290 C  "C3'" . DG  A 10 ? 0.53293 0.50400 0.85041 -0.00027 -0.12416 -0.07888 10  DG  A "C3'" 
291 O  "O3'" . DG  A 10 ? 0.55650 0.54746 0.91390 -0.01106 -0.11182 -0.05880 10  DG  A "O3'" 
292 C  "C2'" . DG  A 10 ? 0.49981 0.47928 0.76198 0.01430  -0.12364 -0.08978 10  DG  A "C2'" 
293 C  "C1'" . DG  A 10 ? 0.44311 0.43127 0.68164 0.01189  -0.09430 -0.06851 10  DG  A "C1'" 
294 N  N9    . DG  A 10 ? 0.40751 0.40152 0.59281 0.02131  -0.08698 -0.06974 10  DG  A N9    
295 C  C8    . DG  A 10 ? 0.43350 0.42633 0.58209 0.03397  -0.09760 -0.08489 10  DG  A C8    
296 N  N7    . DG  A 10 ? 0.41146 0.41293 0.52118 0.03754  -0.08619 -0.07693 10  DG  A N7    
297 C  C5    . DG  A 10 ? 0.42851 0.43217 0.54650 0.02761  -0.06995 -0.05857 10  DG  A C5    
298 C  C6    . DG  A 10 ? 0.42791 0.43410 0.51579 0.02611  -0.05729 -0.04461 10  DG  A C6    
299 O  O6    . DG  A 10 ? 0.45320 0.46268 0.50580 0.02965  -0.05705 -0.04303 10  DG  A O6    
300 N  N1    . DG  A 10 ? 0.38422 0.38808 0.48683 0.02080  -0.04546 -0.03026 10  DG  A N1    
301 C  C2    . DG  A 10 ? 0.37837 0.38343 0.52345 0.01662  -0.04207 -0.02570 10  DG  A C2    
302 N  N2    . DG  A 10 ? 0.40502 0.41083 0.55425 0.01663  -0.02773 -0.00915 10  DG  A N2    
303 N  N3    . DG  A 10 ? 0.40128 0.40591 0.58198 0.01371  -0.05333 -0.03561 10  DG  A N3    
304 C  C4    . DG  A 10 ? 0.44033 0.44144 0.60312 0.01972  -0.06871 -0.05372 10  DG  A C4    
316 P  P     . DC  A 11 ? 0.62404 0.62037 1.05755 -0.02623 -0.12724 -0.05287 11  DC  A P     
317 O  OP1   . DC  A 11 ? 0.60854 0.58004 1.06259 -0.03399 -0.13177 -0.05030 11  DC  A OP1   
318 O  OP2   . DC  A 11 ? 0.56228 0.56230 1.00979 -0.02335 -0.15717 -0.07416 11  DC  A OP2   
319 O  "O5'" . DC  A 11 ? 0.53900 0.56469 0.99710 -0.03149 -0.09783 -0.02142 11  DC  A "O5'" 
320 C  "C5'" . DC  A 11 ? 0.53733 0.55997 0.98093 -0.03093 -0.06923 0.00008  11  DC  A "C5'" 
321 C  "C4'" . DC  A 11 ? 0.53115 0.57496 0.95053 -0.02153 -0.04331 0.01821  11  DC  A "C4'" 
322 O  "O4'" . DC  A 11 ? 0.51867 0.55590 0.87433 -0.00969 -0.04452 0.00312  11  DC  A "O4'" 
323 C  "C3'" . DC  A 11 ? 0.49080 0.56630 0.95163 -0.02246 -0.04081 0.03155  11  DC  A "C3'" 
324 O  "O3'" . DC  A 11 ? 0.53396 0.62602 0.99775 -0.01576 -0.01114 0.06091  11  DC  A "O3'" 
325 C  "C2'" . DC  A 11 ? 0.47781 0.55705 0.89723 -0.01153 -0.05165 0.01277  11  DC  A "C2'" 
326 C  "C1'" . DC  A 11 ? 0.49915 0.55535 0.84933 -0.00299 -0.04410 0.00457  11  DC  A "C1'" 
327 N  N1    . DC  A 11 ? 0.44557 0.49178 0.75313 0.00330  -0.06044 -0.01851 11  DC  A N1    
328 C  C2    . DC  A 11 ? 0.37335 0.41524 0.62534 0.01294  -0.05173 -0.01772 11  DC  A C2    
329 O  O2    . DC  A 11 ? 0.40629 0.45102 0.64520 0.01768  -0.03351 -0.00035 11  DC  A O2    
330 N  N3    . DC  A 11 ? 0.41367 0.44745 0.62696 0.01830  -0.06452 -0.03487 11  DC  A N3    
331 C  C4    . DC  A 11 ? 0.41420 0.44395 0.63683 0.01842  -0.08439 -0.05391 11  DC  A C4    
332 N  N4    . DC  A 11 ? 0.45963 0.48444 0.64040 0.02754  -0.09388 -0.06765 11  DC  A N4    
333 C  C5    . DC  A 11 ? 0.45310 0.48198 0.72791 0.01040  -0.09691 -0.05882 11  DC  A C5    
334 C  C6    . DC  A 11 ? 0.41817 0.45505 0.73640 0.00087  -0.08446 -0.03978 11  DC  A C6    
346 P  P     . DG  A 12 ? 0.64413 0.77690 1.16796 -0.01636 -0.00109 0.08632  12  DG  A P     
347 O  OP1   . DG  A 12 ? 0.64225 0.78392 1.16747 -0.00818 0.03009  0.11738  12  DG  A OP1   
348 O  OP2   . DG  A 12 ? 0.53804 0.67990 1.13088 -0.03488 -0.02582 0.08059  12  DG  A OP2   
349 O  "O5'" . DG  A 12 ? 0.53237 0.68075 1.01991 0.00024  -0.00142 0.07892  12  DG  A "O5'" 
350 C  "C5'" . DG  A 12 ? 0.43590 0.57724 0.86011 0.02000  0.01669  0.08428  12  DG  A "C5'" 
351 C  "C4'" . DG  A 12 ? 0.48831 0.63305 0.87726 0.03151  0.00526  0.06874  12  DG  A "C4'" 
352 O  "O4'" . DG  A 12 ? 0.47115 0.58942 0.82491 0.02568  -0.01570 0.04070  12  DG  A "O4'" 
353 C  "C3'" . DG  A 12 ? 0.40531 0.58551 0.84742 0.03010  -0.00468 0.07107  12  DG  A "C3'" 
354 O  "O3'" . DG  A 12 ? 0.46613 0.67824 0.91837 0.04738  0.01656  0.09659  12  DG  A "O3'" 
355 C  "C2'" . DG  A 12 ? 0.40874 0.57586 0.81174 0.03449  -0.02717 0.04297  12  DG  A "C2'" 
356 C  "C1'" . DG  A 12 ? 0.41362 0.54111 0.75876 0.03192  -0.03136 0.02657  12  DG  A "C1'" 
357 N  N9    . DG  A 12 ? 0.38359 0.49639 0.72685 0.02315  -0.05630 0.00073  12  DG  A N9    
358 C  C8    . DG  A 12 ? 0.41670 0.52954 0.80773 0.00958  -0.07401 -0.00901 12  DG  A C8    
359 N  N7    . DG  A 12 ? 0.43879 0.53214 0.80223 0.01070  -0.09435 -0.03387 12  DG  A N7    
360 C  C5    . DG  A 12 ? 0.38270 0.46515 0.68067 0.02259  -0.08671 -0.03714 12  DG  A C5    
361 C  C6    . DG  A 12 ? 0.38160 0.44671 0.62795 0.02973  -0.09790 -0.05544 12  DG  A C6    
362 O  O6    . DG  A 12 ? 0.48300 0.53910 0.72657 0.03097  -0.11684 -0.07475 12  DG  A O6    
363 N  N1    . DG  A 12 ? 0.45540 0.51290 0.64873 0.03769  -0.08563 -0.04820 12  DG  A N1    
364 C  C2    . DG  A 12 ? 0.41775 0.47882 0.60314 0.04136  -0.06760 -0.02928 12  DG  A C2    
365 N  N2    . DG  A 12 ? 0.46587 0.51191 0.59734 0.04883  -0.06300 -0.02609 12  DG  A N2    
366 N  N3    . DG  A 12 ? 0.36148 0.43994 0.58926 0.03972  -0.05633 -0.01371 12  DG  A N3    
367 C  C4    . DG  A 12 ? 0.41870 0.50905 0.70363 0.02883  -0.06521 -0.01700 12  DG  A C4    
380 O  "O5'" . DC  B 1  ? 1.05634 1.06107 0.94220 0.08772  -0.11327 -0.06362 13  DC  B "O5'" 
381 C  "C5'" . DC  B 1  ? 0.92863 0.92026 0.80459 0.08679  -0.11352 -0.05675 13  DC  B "C5'" 
382 C  "C4'" . DC  B 1  ? 0.87938 0.86613 0.77757 0.07522  -0.10395 -0.04771 13  DC  B "C4'" 
383 O  "O4'" . DC  B 1  ? 0.77646 0.77959 0.72282 0.07437  -0.10512 -0.05880 13  DC  B "O4'" 
384 C  "C3'" . DC  B 1  ? 0.81300 0.79317 0.70429 0.06167  -0.09292 -0.03307 13  DC  B "C3'" 
385 O  "O3'" . DC  B 1  ? 0.86285 0.82497 0.74493 0.05665  -0.08796 -0.02066 13  DC  B "O3'" 
386 C  "C2'" . DC  B 1  ? 0.80834 0.80433 0.73818 0.05811  -0.08948 -0.04170 13  DC  B "C2'" 
387 C  "C1'" . DC  B 1  ? 0.69561 0.69910 0.65964 0.06284  -0.09409 -0.05118 13  DC  B "C1'" 
388 N  N1    . DC  B 1  ? 0.63163 0.64904 0.63912 0.06146  -0.09904 -0.06400 13  DC  B N1    
389 C  C2    . DC  B 1  ? 0.53394 0.55784 0.58383 0.05454  -0.09271 -0.05946 13  DC  B C2    
390 O  O2    . DC  B 1  ? 0.53188 0.55240 0.57923 0.05328  -0.08156 -0.04560 13  DC  B O2    
391 N  N3    . DC  B 1  ? 0.54512 0.57730 0.63637 0.05109  -0.10005 -0.06948 13  DC  B N3    
392 C  C4    . DC  B 1  ? 0.57768 0.60894 0.66472 0.05695  -0.11503 -0.08652 13  DC  B C4    
393 N  N4    . DC  B 1  ? 0.61637 0.64911 0.74318 0.05352  -0.12596 -0.09710 13  DC  B N4    
394 C  C5    . DC  B 1  ? 0.70210 0.72927 0.74227 0.06823  -0.12012 -0.09222 13  DC  B C5    
395 C  C6    . DC  B 1  ? 0.70834 0.73019 0.71249 0.06865  -0.11078 -0.07902 13  DC  B C6    
408 P  P     . DG  B 2  ? 0.99473 0.93660 0.84712 0.04511  -0.08535 -0.00264 14  DG  B P     
409 O  OP1   . DG  B 2  ? 0.97585 0.89672 0.78991 0.04834  -0.09465 0.00407  14  DG  B OP1   
410 O  OP2   . DG  B 2  ? 0.82555 0.78302 0.69001 0.03591  -0.07894 0.00070  14  DG  B OP2   
411 O  "O5'" . DG  B 2  ? 0.81609 0.74476 0.67574 0.04381  -0.07970 0.00296  14  DG  B "O5'" 
412 C  "C5'" . DG  B 2  ? 0.72406 0.65142 0.59138 0.05620  -0.07901 -0.00129 14  DG  B "C5'" 
413 C  "C4'" . DG  B 2  ? 0.62433 0.55735 0.51711 0.05630  -0.06741 0.00260  14  DG  B "C4'" 
414 O  "O4'" . DG  B 2  ? 0.56259 0.52354 0.50132 0.05288  -0.06167 -0.00549 14  DG  B "O4'" 
415 C  "C3'" . DG  B 2  ? 0.62748 0.54549 0.50775 0.04659  -0.06393 0.01247  14  DG  B "C3'" 
416 O  "O3'" . DG  B 2  ? 0.62258 0.52447 0.49161 0.05622  -0.06017 0.01915  14  DG  B "O3'" 
417 C  "C2'" . DG  B 2  ? 0.60437 0.54555 0.52068 0.03786  -0.05527 0.00863  14  DG  B "C2'" 
418 C  "C1'" . DG  B 2  ? 0.56456 0.52732 0.51804 0.04423  -0.05256 -0.00058 14  DG  B "C1'" 
419 N  N9    . DG  B 2  ? 0.48040 0.46151 0.46256 0.03843  -0.05378 -0.01067 14  DG  B N9    
420 C  C8    . DG  B 2  ? 0.53133 0.51719 0.50157 0.03610  -0.06085 -0.01759 14  DG  B C8    
421 N  N7    . DG  B 2  ? 0.50034 0.49968 0.49757 0.03613  -0.06334 -0.02869 14  DG  B N7    
422 C  C5    . DG  B 2  ? 0.47388 0.47760 0.50820 0.03479  -0.05814 -0.02765 14  DG  B C5    
423 C  C6    . DG  B 2  ? 0.42200 0.43499 0.49847 0.03215  -0.06063 -0.03547 14  DG  B C6    
424 O  O6    . DG  B 2  ? 0.45231 0.46817 0.53733 0.03320  -0.07080 -0.04888 14  DG  B O6    
425 N  N1    . DG  B 2  ? 0.39934 0.41746 0.50933 0.03011  -0.05179 -0.02563 14  DG  B N1    
426 C  C2    . DG  B 2  ? 0.36330 0.37867 0.46101 0.03490  -0.04083 -0.01140 14  DG  B C2    
427 N  N2    . DG  B 2  ? 0.40291 0.42877 0.53590 0.03573  -0.03020 0.00004  14  DG  B N2    
428 N  N3    . DG  B 2  ? 0.43984 0.44162 0.49273 0.03990  -0.04098 -0.00735 14  DG  B N3    
429 C  C4    . DG  B 2  ? 0.46235 0.45842 0.48809 0.03726  -0.05027 -0.01541 14  DG  B C4    
441 P  P     . DC  B 3  ? 0.64864 0.52780 0.49777 0.05128  -0.06080 0.02832  15  DC  B P     
442 O  OP1   . DC  B 3  ? 0.66523 0.51360 0.47772 0.06774  -0.06752 0.03247  15  DC  B OP1   
443 O  OP2   . DC  B 3  ? 0.70898 0.59028 0.55553 0.03315  -0.06665 0.03068  15  DC  B OP2   
444 O  "O5'" . DC  B 3  ? 0.52200 0.42173 0.40747 0.05217  -0.04450 0.02916  15  DC  B "O5'" 
445 C  "C5'" . DC  B 3  ? 0.54618 0.45851 0.45158 0.06629  -0.03358 0.03081  15  DC  B "C5'" 
446 C  "C4'" . DC  B 3  ? 0.51266 0.44892 0.46296 0.06047  -0.01984 0.03176  15  DC  B "C4'" 
447 O  "O4'" . DC  B 3  ? 0.47780 0.43137 0.45257 0.04725  -0.02469 0.02146  15  DC  B "O4'" 
448 C  "C3'" . DC  B 3  ? 0.50891 0.43508 0.45380 0.05626  -0.01415 0.03736  15  DC  B "C3'" 
449 O  "O3'" . DC  B 3  ? 0.54556 0.46514 0.48474 0.07266  -0.00318 0.04761  15  DC  B "O3'" 
450 C  "C2'" . DC  B 3  ? 0.56539 0.51314 0.55079 0.04395  -0.00857 0.03231  15  DC  B "C2'" 
451 C  "C1'" . DC  B 3  ? 0.44608 0.41008 0.45036 0.03995  -0.01641 0.02174  15  DC  B "C1'" 
452 N  N1    . DC  B 3  ? 0.45796 0.42834 0.46427 0.02951  -0.02416 0.01190  15  DC  B N1    
453 C  C2    . DC  B 3  ? 0.39856 0.38357 0.44032 0.02542  -0.02412 0.00364  15  DC  B C2    
454 O  O2    . DC  B 3  ? 0.43247 0.42445 0.50823 0.02650  -0.01746 0.00698  15  DC  B O2    
455 N  N3    . DC  B 3  ? 0.39457 0.38508 0.43160 0.02175  -0.03209 -0.00655 15  DC  B N3    
456 C  C4    . DC  B 3  ? 0.45498 0.44235 0.45855 0.02027  -0.03650 -0.00470 15  DC  B C4    
457 N  N4    . DC  B 3  ? 0.50089 0.49874 0.49939 0.02062  -0.04169 -0.01209 15  DC  B N4    
458 C  C5    . DC  B 3  ? 0.49315 0.46573 0.46632 0.01983  -0.03719 0.00583  15  DC  B C5    
459 C  C6    . DC  B 3  ? 0.50462 0.46624 0.47783 0.02537  -0.03244 0.01204  15  DC  B C6    
471 P  P     . DG  B 4  ? 0.61712 0.52142 0.54222 0.07605  0.00254  0.05439  16  DG  B P     
472 O  OP1   . DG  B 4  ? 0.66875 0.55578 0.56280 0.10070  0.00571  0.06262  16  DG  B OP1   
473 O  OP2   . DG  B 4  ? 0.65345 0.54732 0.56398 0.05994  -0.00965 0.04917  16  DG  B OP2   
474 O  "O5'" . DG  B 4  ? 0.55634 0.48399 0.52793 0.07144  0.01901  0.05844  16  DG  B "O5'" 
475 C  "C5'" . DG  B 4  ? 0.50377 0.45130 0.50786 0.08071  0.03321  0.06765  16  DG  B "C5'" 
476 C  "C4'" . DG  B 4  ? 0.53463 0.50004 0.58762 0.06854  0.04236  0.06968  16  DG  B "C4'" 
477 O  "O4'" . DG  B 4  ? 0.50850 0.47934 0.57578 0.05049  0.02881  0.05394  16  DG  B "O4'" 
478 C  "C3'" . DG  B 4  ? 0.54478 0.49918 0.59245 0.07006  0.05138  0.07588  16  DG  B "C3'" 
479 O  "O3'" . DG  B 4  ? 0.59545 0.56548 0.68785 0.06954  0.06646  0.08804  16  DG  B "O3'" 
480 C  "C2'" . DG  B 4  ? 0.58378 0.53218 0.62399 0.05373  0.03815  0.06114  16  DG  B "C2'" 
481 C  "C1'" . DG  B 4  ? 0.53824 0.50276 0.60617 0.04219  0.02877  0.05015  16  DG  B "C1'" 
482 N  N9    . DG  B 4  ? 0.45709 0.41964 0.50676 0.03258  0.01415  0.03654  16  DG  B N9    
483 C  C8    . DG  B 4  ? 0.48204 0.43300 0.49286 0.03189  0.00551  0.03522  16  DG  B C8    
484 N  N7    . DG  B 4  ? 0.47945 0.43749 0.48632 0.02302  -0.00403 0.02639  16  DG  B N7    
485 C  C5    . DG  B 4  ? 0.44427 0.41562 0.48469 0.02026  -0.00328 0.01829  16  DG  B C5    
486 C  C6    . DG  B 4  ? 0.41280 0.39466 0.45979 0.01651  -0.01202 0.00592  16  DG  B C6    
487 O  O6    . DG  B 4  ? 0.39897 0.38603 0.42459 0.01503  -0.01883 0.00234  16  DG  B O6    
488 N  N1    . DG  B 4  ? 0.40349 0.38954 0.48617 0.01613  -0.01336 -0.00135 16  DG  B N1    
489 C  C2    . DG  B 4  ? 0.39001 0.37448 0.50404 0.01586  -0.00538 0.00644  16  DG  B C2    
490 N  N2    . DG  B 4  ? 0.38253 0.36895 0.53400 0.01224  -0.01120 -0.00022 16  DG  B N2    
491 N  N3    . DG  B 4  ? 0.40346 0.38410 0.51253 0.02027  0.00680  0.02118  16  DG  B N3    
492 C  C4    . DG  B 4  ? 0.44400 0.41664 0.51310 0.02379  0.00632  0.02453  16  DG  B C4    
504 P  P     . DA  B 5  ? 0.62205 0.58381 0.72102 0.07076  0.07838  0.09668  17  DA  B P     
505 O  OP1   . DA  B 5  ? 0.65873 0.63271 0.78019 0.08462  0.09915  0.11983  17  DA  B OP1   
506 O  OP2   . DA  B 5  ? 0.61221 0.55184 0.66485 0.07468  0.07169  0.08941  17  DA  B OP2   
507 O  "O5'" . DA  B 5  ? 0.56392 0.53296 0.70608 0.05033  0.07118  0.08723  17  DA  B "O5'" 
508 C  "C5'" . DA  B 5  ? 0.51839 0.50546 0.70786 0.04061  0.06774  0.08767  17  DA  B "C5'" 
509 C  "C4'" . DA  B 5  ? 0.51512 0.49796 0.73325 0.02484  0.05556  0.07498  17  DA  B "C4'" 
510 O  "O4'" . DA  B 5  ? 0.45367 0.42997 0.64175 0.02068  0.03853  0.05306  17  DA  B "O4'" 
511 C  "C3'" . DA  B 5  ? 0.52507 0.49366 0.74794 0.02494  0.06413  0.08204  17  DA  B "C3'" 
512 O  "O3'" . DA  B 5  ? 0.54275 0.51087 0.81424 0.01250  0.05753  0.08199  17  DA  B "O3'" 
513 C  "C2'" . DA  B 5  ? 0.51545 0.47055 0.69415 0.02618  0.05451  0.06473  17  DA  B "C2'" 
514 C  "C1'" . DA  B 5  ? 0.43923 0.40234 0.61196 0.01972  0.03667  0.04643  17  DA  B "C1'" 
515 N  N9    . DA  B 5  ? 0.44666 0.40747 0.57367 0.02292  0.03087  0.03796  17  DA  B N9    
516 C  C8    . DA  B 5  ? 0.44628 0.40190 0.53964 0.03040  0.03624  0.04566  17  DA  B C8    
517 N  N7    . DA  B 5  ? 0.44082 0.39562 0.50345 0.02802  0.02621  0.03771  17  DA  B N7    
518 C  C5    . DA  B 5  ? 0.43563 0.39918 0.51053 0.02139  0.01654  0.02451  17  DA  B C5    
519 C  C6    . DA  B 5  ? 0.39868 0.37039 0.45508 0.01849  0.00607  0.01480  17  DA  B C6    
520 N  N6    . DA  B 5  ? 0.42523 0.39805 0.45186 0.01695  0.00272  0.01888  17  DA  B N6    
521 N  N1    . DA  B 5  ? 0.40819 0.38671 0.47807 0.01821  -0.00218 0.00203  17  DA  B N1    
522 C  C2    . DA  B 5  ? 0.43449 0.40747 0.53704 0.01763  -0.00332 -0.00201 17  DA  B C2    
523 N  N3    . DA  B 5  ? 0.40958 0.37613 0.53854 0.01584  0.00553  0.00850  17  DA  B N3    
524 C  C4    . DA  B 5  ? 0.42550 0.38981 0.53750 0.01915  0.01728  0.02238  17  DA  B C4    
536 P  P     . DA  B 6  ? 0.61600 0.56464 0.89807 0.01057  0.06183  0.08738  18  DA  B P     
537 O  OP1   . DA  B 6  ? 0.65692 0.60824 1.00075 -0.00309 0.05640  0.09618  18  DA  B OP1   
538 O  OP2   . DA  B 6  ? 0.69439 0.63646 0.94334 0.02543  0.08185  0.10219  18  DA  B OP2   
539 O  "O5'" . DA  B 6  ? 0.58495 0.51894 0.83888 0.00875  0.04220  0.06006  18  DA  B "O5'" 
540 C  "C5'" . DA  B 6  ? 0.55359 0.48736 0.82467 0.00042  0.01927  0.04022  18  DA  B "C5'" 
541 C  "C4'" . DA  B 6  ? 0.51601 0.43955 0.75059 0.00632  0.00570  0.01805  18  DA  B "C4'" 
542 O  "O4'" . DA  B 6  ? 0.50601 0.44201 0.69664 0.01313  0.01033  0.01456  18  DA  B "O4'" 
543 C  "C3'" . DA  B 6  ? 0.54291 0.44701 0.76716 0.01177  0.00930  0.01901  18  DA  B "C3'" 
544 O  "O3'" . DA  B 6  ? 0.60642 0.49438 0.83799 0.01202  -0.01172 0.00064  18  DA  B "O3'" 
545 C  "C2'" . DA  B 6  ? 0.51011 0.42197 0.68525 0.02221  0.01813  0.01742  18  DA  B "C2'" 
546 C  "C1'" . DA  B 6  ? 0.47826 0.40870 0.63689 0.02087  0.01124  0.00886  18  DA  B "C1'" 
547 N  N9    . DA  B 6  ? 0.46182 0.40226 0.58733 0.02464  0.02070  0.01604  18  DA  B N9    
548 C  C8    . DA  B 6  ? 0.44143 0.37989 0.56071 0.02736  0.03498  0.03237  18  DA  B C8    
549 N  N7    . DA  B 6  ? 0.44300 0.38621 0.52950 0.03032  0.03521  0.03360  18  DA  B N7    
550 C  C5    . DA  B 6  ? 0.43550 0.38931 0.51013 0.02751  0.02302  0.02028  18  DA  B C5    
551 C  C6    . DA  B 6  ? 0.42328 0.38827 0.47020 0.02645  0.01739  0.01854  18  DA  B C6    
552 N  N6    . DA  B 6  ? 0.43139 0.39290 0.45707 0.02640  0.01929  0.02779  18  DA  B N6    
553 N  N1    . DA  B 6  ? 0.39687 0.37583 0.43894 0.02649  0.00844  0.00809  18  DA  B N1    
554 C  C2    . DA  B 6  ? 0.40312 0.37991 0.46158 0.02988  0.00262  -0.00363 18  DA  B C2    
555 N  N3    . DA  B 6  ? 0.42268 0.38426 0.50833 0.02917  0.00282  -0.00554 18  DA  B N3    
556 C  C4    . DA  B 6  ? 0.44419 0.39708 0.53939 0.02647  0.01466  0.00864  18  DA  B C4    
568 P  P     . DT  B 7  ? 0.70186 0.56481 0.92083 0.02033  -0.01451 -0.00376 19  DT  B P     
569 O  OP1   . DT  B 7  ? 0.76578 0.60430 1.01272 0.01619  -0.03900 -0.01694 19  DT  B OP1   
570 O  OP2   . DT  B 7  ? 0.65976 0.51994 0.87592 0.02216  0.00877  0.01823  19  DT  B OP2   
571 O  "O5'" . DT  B 7  ? 0.61576 0.49081 0.78359 0.03535  -0.01716 -0.01938 19  DT  B "O5'" 
572 C  "C5'" . DT  B 7  ? 0.58207 0.46734 0.73605 0.04041  -0.03404 -0.03854 19  DT  B "C5'" 
573 C  "C4'" . DT  B 7  ? 0.56784 0.47408 0.67808 0.05345  -0.02908 -0.04335 19  DT  B "C4'" 
574 O  "O4'" . DT  B 7  ? 0.51751 0.44332 0.61833 0.04696  -0.01187 -0.02750 19  DT  B "O4'" 
575 C  "C3'" . DT  B 7  ? 0.55301 0.45083 0.64150 0.06746  -0.02669 -0.04585 19  DT  B "C3'" 
576 O  "O3'" . DT  B 7  ? 0.64992 0.54827 0.71723 0.08404  -0.04279 -0.06494 19  DT  B "O3'" 
577 C  "C2'" . DT  B 7  ? 0.59805 0.52021 0.66409 0.06818  -0.00878 -0.03218 19  DT  B "C2'" 
578 C  "C1'" . DT  B 7  ? 0.51524 0.45576 0.58503 0.05643  -0.00557 -0.02592 19  DT  B "C1'" 
579 N  N1    . DT  B 7  ? 0.47537 0.42290 0.53965 0.04976  0.00899  -0.00911 19  DT  B N1    
580 C  C2    . DT  B 7  ? 0.43680 0.40689 0.47948 0.04877  0.01058  -0.00500 19  DT  B C2    
581 O  O2    . DT  B 7  ? 0.44825 0.43773 0.47734 0.05358  0.00418  -0.01164 19  DT  B O2    
582 N  N3    . DT  B 7  ? 0.47350 0.44180 0.51028 0.04353  0.01918  0.00850  19  DT  B N3    
583 C  C4    . DT  B 7  ? 0.44754 0.39712 0.49402 0.04313  0.02883  0.01855  19  DT  B C4    
584 O  O4    . DT  B 7  ? 0.44024 0.38694 0.47392 0.04332  0.03428  0.02876  19  DT  B O4    
585 C  C5    . DT  B 7  ? 0.46850 0.40107 0.54076 0.04380  0.03069  0.01727  19  DT  B C5    
586 C  C7    . DT  B 7  ? 0.50424 0.42124 0.59161 0.04446  0.04404  0.03273  19  DT  B C7    
587 C  C6    . DT  B 7  ? 0.49318 0.42382 0.57513 0.04502  0.01922  0.00335  19  DT  B C6    
600 P  P     . DT  B 8  ? 0.66881 0.56080 0.70782 0.10560  -0.04538 -0.07287 20  DT  B P     
601 O  OP1   . DT  B 8  ? 0.73243 0.61388 0.75710 0.12316  -0.06836 -0.09549 20  DT  B OP1   
602 O  OP2   . DT  B 8  ? 0.69870 0.56514 0.74951 0.10193  -0.03735 -0.06282 20  DT  B OP2   
603 O  "O5'" . DT  B 8  ? 0.63570 0.57121 0.64666 0.11238  -0.03087 -0.06427 20  DT  B "O5'" 
604 C  "C5'" . DT  B 8  ? 0.64887 0.61356 0.64730 0.11538  -0.03374 -0.06737 20  DT  B "C5'" 
605 C  "C4'" . DT  B 8  ? 0.60636 0.61115 0.58794 0.11655  -0.01962 -0.05311 20  DT  B "C4'" 
606 O  "O4'" . DT  B 8  ? 0.55105 0.55621 0.54695 0.09613  -0.00758 -0.03635 20  DT  B "O4'" 
607 C  "C3'" . DT  B 8  ? 0.58672 0.60368 0.54884 0.13555  -0.01565 -0.05304 20  DT  B "C3'" 
608 O  "O3'" . DT  B 8  ? 0.67865 0.73545 0.61929 0.15218  -0.01537 -0.05289 20  DT  B "O3'" 
609 C  "C2'" . DT  B 8  ? 0.59382 0.61632 0.56383 0.12207  -0.00172 -0.03567 20  DT  B "C2'" 
610 C  "C1'" . DT  B 8  ? 0.58353 0.60927 0.56805 0.09959  0.00196  -0.02523 20  DT  B "C1'" 
611 N  N1    . DT  B 8  ? 0.50092 0.50898 0.49695 0.08562  0.01043  -0.01343 20  DT  B N1    
612 C  C2    . DT  B 8  ? 0.46320 0.48799 0.45624 0.07447  0.01522  0.00022  20  DT  B C2    
613 O  O2    . DT  B 8  ? 0.50389 0.55927 0.48963 0.07274  0.01357  0.00557  20  DT  B O2    
614 N  N3    . DT  B 8  ? 0.46193 0.46526 0.45995 0.06722  0.02120  0.00867  20  DT  B N3    
615 C  C4    . DT  B 8  ? 0.45604 0.42885 0.46464 0.06916  0.02623  0.00839  20  DT  B C4    
616 O  O4    . DT  B 8  ? 0.47292 0.43103 0.48244 0.06627  0.03337  0.01825  20  DT  B O4    
617 C  C5    . DT  B 8  ? 0.50099 0.45889 0.51906 0.07622  0.02123  -0.00332 20  DT  B C5    
618 C  C7    . DT  B 8  ? 0.53040 0.45538 0.56662 0.07549  0.02547  -0.00027 20  DT  B C7    
619 C  C6    . DT  B 8  ? 0.48488 0.45814 0.49475 0.08438  0.01184  -0.01537 20  DT  B C6    
632 P  P     . DC  B 9  ? 0.71315 0.79591 0.62992 0.17951  -0.01222 -0.05347 21  DC  B P     
633 O  OP1   . DC  B 9  ? 0.68391 0.79773 0.57993 0.20007  -0.01597 -0.05767 21  DC  B OP1   
634 O  OP2   . DC  B 9  ? 0.75557 0.80018 0.66610 0.19295  -0.01906 -0.06638 21  DC  B OP2   
635 O  "O5'" . DC  B 9  ? 0.60687 0.72587 0.53340 0.16473  0.00267  -0.03045 21  DC  B "O5'" 
636 C  "C5'" . DC  B 9  ? 0.63901 0.78993 0.57404 0.14834  0.00766  -0.01487 21  DC  B "C5'" 
637 C  "C4'" . DC  B 9  ? 0.53998 0.71320 0.48768 0.13140  0.01552  0.00510  21  DC  B "C4'" 
638 O  "O4'" . DC  B 9  ? 0.51980 0.65348 0.47915 0.11362  0.01536  0.00492  21  DC  B "O4'" 
639 C  "C3'" . DC  B 9  ? 0.55319 0.75587 0.49493 0.14759  0.02025  0.01075  21  DC  B "C3'" 
640 O  "O3'" . DC  B 9  ? 0.58013 0.83843 0.52952 0.14345  0.02505  0.03109  21  DC  B "O3'" 
641 C  "C2'" . DC  B 9  ? 0.53514 0.70694 0.48443 0.13692  0.02120  0.01175  21  DC  B "C2'" 
642 C  "C1'" . DC  B 9  ? 0.60032 0.74249 0.56175 0.11214  0.01927  0.01445  21  DC  B "C1'" 
643 N  N1    . DC  B 9  ? 0.54817 0.64418 0.51290 0.10678  0.02037  0.00979  21  DC  B N1    
644 C  C2    . DC  B 9  ? 0.49695 0.58154 0.46755 0.09065  0.02128  0.02031  21  DC  B C2    
645 O  O2    . DC  B 9  ? 0.48941 0.59923 0.46352 0.07913  0.01805  0.03216  21  DC  B O2    
646 N  N3    . DC  B 9  ? 0.50574 0.55129 0.47728 0.08956  0.02478  0.01843  21  DC  B N3    
647 C  C4    . DC  B 9  ? 0.53830 0.55715 0.51100 0.09929  0.02702  0.00879  21  DC  B C4    
648 N  N4    . DC  B 9  ? 0.59432 0.57935 0.57137 0.09754  0.03268  0.01199  21  DC  B N4    
649 C  C5    . DC  B 9  ? 0.57985 0.60407 0.54843 0.11266  0.02233  -0.00363 21  DC  B C5    
650 C  C6    . DC  B 9  ? 0.58845 0.65118 0.55020 0.11811  0.01926  -0.00377 21  DC  B C6    
662 P  P     . DG  B 10 ? 0.60225 0.91307 0.54687 0.16647  0.03094  0.04000  22  DG  B P     
663 O  OP1   . DG  B 10 ? 0.63110 1.00089 0.58378 0.16581  0.03650  0.06076  22  DG  B OP1   
664 O  OP2   . DG  B 10 ? 0.65608 0.94521 0.57643 0.19740  0.02898  0.01934  22  DG  B OP2   
665 O  "O5'" . DG  B 10 ? 0.52114 0.83418 0.48307 0.15009  0.03028  0.05128  22  DG  B "O5'" 
666 C  "C5'" . DG  B 10 ? 0.57165 0.89049 0.55520 0.11943  0.02634  0.06830  22  DG  B "C5'" 
667 C  "C4'" . DG  B 10 ? 0.57528 0.87663 0.56568 0.11070  0.02140  0.07009  22  DG  B "C4'" 
668 O  "O4'" . DG  B 10 ? 0.53031 0.76828 0.50842 0.10928  0.02012  0.05340  22  DG  B "O4'" 
669 C  "C3'" . DG  B 10 ? 0.52641 0.85408 0.51270 0.13318  0.02442  0.06932  22  DG  B "C3'" 
670 O  "O3'" . DG  B 10 ? 0.56285 0.90186 0.56418 0.12168  0.01753  0.08041  22  DG  B "O3'" 
671 C  "C2'" . DG  B 10 ? 0.56413 0.83752 0.52780 0.14956  0.02621  0.04716  22  DG  B "C2'" 
672 C  "C1'" . DG  B 10 ? 0.58506 0.81156 0.55372 0.12604  0.02176  0.04628  22  DG  B "C1'" 
673 N  N9    . DG  B 10 ? 0.55745 0.72832 0.51341 0.13202  0.02397  0.03093  22  DG  B N9    
674 C  C8    . DG  B 10 ? 0.57239 0.72226 0.51554 0.15011  0.02613  0.01595  22  DG  B C8    
675 N  N7    . DG  B 10 ? 0.58454 0.68396 0.52534 0.14775  0.02706  0.00834  22  DG  B N7    
676 C  C5    . DG  B 10 ? 0.53540 0.62381 0.48362 0.13056  0.02751  0.01849  22  DG  B C5    
677 C  C6    . DG  B 10 ? 0.53534 0.58013 0.48368 0.12413  0.03078  0.01918  22  DG  B C6    
678 O  O6    . DG  B 10 ? 0.55032 0.55862 0.49845 0.12881  0.03500  0.01343  22  DG  B O6    
679 N  N1    . DG  B 10 ? 0.48448 0.53073 0.43385 0.11218  0.02781  0.02937  22  DG  B N1    
680 C  C2    . DG  B 10 ? 0.49674 0.57947 0.45141 0.10315  0.01970  0.03806  22  DG  B C2    
681 N  N2    . DG  B 10 ? 0.49312 0.56466 0.44603 0.09282  0.01260  0.04533  22  DG  B N2    
682 N  N3    . DG  B 10 ? 0.47937 0.60639 0.44100 0.10516  0.01785  0.04081  22  DG  B N3    
683 C  C4    . DG  B 10 ? 0.55231 0.68079 0.50820 0.12088  0.02335  0.03053  22  DG  B C4    
695 P  P     . DC  B 11 ? 0.69621 1.10539 0.71716 0.12872  0.01723  0.09848  23  DC  B P     
696 O  OP1   . DC  B 11 ? 0.60868 1.07320 0.65365 0.11538  0.01884  0.12138  23  DC  B OP1   
697 O  OP2   . DC  B 11 ? 0.63277 1.04684 0.63249 0.16275  0.02481  0.08531  23  DC  B OP2   
698 O  "O5'" . DC  B 11 ? 0.54136 0.93560 0.57651 0.11002  0.00264  0.10438  23  DC  B "O5'" 
699 C  "C5'" . DC  B 11 ? 0.52688 0.90046 0.57510 0.08009  -0.00962 0.11294  23  DC  B "C5'" 
700 C  "C4'" . DC  B 11 ? 0.54942 0.86827 0.58470 0.07616  -0.02111 0.10248  23  DC  B "C4'" 
701 O  "O4'" . DC  B 11 ? 0.55203 0.81301 0.55855 0.08761  -0.01130 0.08319  23  DC  B "O4'" 
702 C  "C3'" . DC  B 11 ? 0.52919 0.86310 0.56481 0.09166  -0.02593 0.10099  23  DC  B "C3'" 
703 O  "O3'" . DC  B 11 ? 0.56404 0.89573 0.61409 0.07564  -0.04689 0.10923  23  DC  B "O3'" 
704 C  "C2'" . DC  B 11 ? 0.55296 0.83407 0.55511 0.11405  -0.01648 0.08049  23  DC  B "C2'" 
705 C  "C1'" . DC  B 11 ? 0.52799 0.76035 0.51683 0.10513  -0.01082 0.07254  23  DC  B "C1'" 
706 N  N1    . DC  B 11 ? 0.50914 0.71252 0.47715 0.12528  0.00422  0.05730  23  DC  B N1    
707 C  C2    . DC  B 11 ? 0.46548 0.61058 0.41569 0.12893  0.00838  0.04778  23  DC  B C2    
708 O  O2    . DC  B 11 ? 0.51636 0.63523 0.46286 0.11946  0.00124  0.05075  23  DC  B O2    
709 N  N3    . DC  B 11 ? 0.49520 0.61428 0.43297 0.14383  0.01916  0.03682  23  DC  B N3    
710 C  C4    . DC  B 11 ? 0.52826 0.67161 0.46448 0.15792  0.02330  0.03158  23  DC  B C4    
711 N  N4    . DC  B 11 ? 0.53150 0.64098 0.45477 0.17191  0.02921  0.01970  23  DC  B N4    
712 C  C5    . DC  B 11 ? 0.52240 0.72620 0.47045 0.15956  0.02072  0.03974  23  DC  B C5    
713 C  C6    . DC  B 11 ? 0.52222 0.75673 0.48890 0.14176  0.01246  0.05418  23  DC  B C6    
725 P  P     . DG  B 12 ? 0.64698 1.00916 0.70702 0.08812  -0.05680 0.11188  24  DG  B P     
726 O  OP1   . DG  B 12 ? 0.63372 1.01904 0.72650 0.06378  -0.08241 0.12831  24  DG  B OP1   
727 O  OP2   . DG  B 12 ? 0.52973 0.93498 0.58760 0.11336  -0.03867 0.11054  24  DG  B OP2   
728 O  "O5'" . DG  B 12 ? 0.53280 0.82806 0.55485 0.10628  -0.05805 0.09180  24  DG  B "O5'" 
729 C  "C5'" . DG  B 12 ? 0.45858 0.69984 0.46675 0.09499  -0.07255 0.08744  24  DG  B "C5'" 
730 C  "C4'" . DG  B 12 ? 0.51480 0.69732 0.48336 0.11828  -0.06263 0.07085  24  DG  B "C4'" 
731 O  "O4'" . DG  B 12 ? 0.46121 0.62934 0.41889 0.12464  -0.03937 0.06464  24  DG  B "O4'" 
732 C  "C3'" . DG  B 12 ? 0.51446 0.70359 0.47058 0.14440  -0.06024 0.06439  24  DG  B "C3'" 
733 O  "O3'" . DG  B 12 ? 0.53674 0.71331 0.48788 0.14723  -0.08333 0.06353  24  DG  B "O3'" 
734 C  "C2'" . DG  B 12 ? 0.51541 0.65514 0.43849 0.16480  -0.03920 0.05241  24  DG  B "C2'" 
735 C  "C1'" . DG  B 12 ? 0.46285 0.59505 0.39277 0.14942  -0.02726 0.05355  24  DG  B "C1'" 
736 N  N9    . DG  B 12 ? 0.45649 0.60292 0.38610 0.16088  -0.00997 0.04893  24  DG  B N9    
737 C  C8    . DG  B 12 ? 0.53206 0.73266 0.47812 0.16392  -0.00763 0.05293  24  DG  B C8    
738 N  N7    . DG  B 12 ? 0.49067 0.68536 0.42493 0.18012  0.00583  0.04446  24  DG  B N7    
739 C  C5    . DG  B 12 ? 0.51698 0.65085 0.43082 0.18528  0.01257  0.03606  24  DG  B C5    
740 C  C6    . DG  B 12 ? 0.49999 0.59921 0.39886 0.19882  0.02398  0.02641  24  DG  B C6    
741 O  O6    . DG  B 12 ? 0.54415 0.65551 0.43919 0.21192  0.02805  0.01985  24  DG  B O6    
742 N  N1    . DG  B 12 ? 0.50673 0.55230 0.39368 0.19847  0.02929  0.02559  24  DG  B N1    
743 C  C2    . DG  B 12 ? 0.51997 0.54763 0.40335 0.19065  0.02472  0.03154  24  DG  B C2    
744 N  N2    . DG  B 12 ? 0.54113 0.52098 0.41141 0.19561  0.03384  0.03270  24  DG  B N2    
745 N  N3    . DG  B 12 ? 0.49824 0.55230 0.39046 0.17949  0.01082  0.03715  24  DG  B N3    
746 C  C4    . DG  B 12 ? 0.47587 0.58277 0.38605 0.17535  0.00517  0.03978  24  DG  B C4    
759 C  C1    . Y5U C .  ? 0.61849 0.57063 0.87924 -0.00184 -0.03702 -0.01606 101 Y5U A C1    
760 C  C2    . Y5U C .  ? 0.60107 0.53984 0.82930 0.00720  -0.04574 -0.03190 101 Y5U A C2    
761 C  C3    . Y5U C .  ? 0.59570 0.51322 0.84210 0.00778  -0.06438 -0.04487 101 Y5U A C3    
762 C  C4    . Y5U C .  ? 0.66129 0.56678 0.87491 0.02094  -0.07298 -0.05999 101 Y5U A C4    
763 C  C5    . Y5U C .  ? 0.56057 0.48159 0.72853 0.03123  -0.06056 -0.05908 101 Y5U A C5    
764 C  C6    . Y5U C .  ? 0.56379 0.50871 0.66690 0.04841  -0.04767 -0.05915 101 Y5U A C6    
765 C  C7    . Y5U C .  ? 0.58378 0.54408 0.65050 0.06244  -0.04407 -0.06150 101 Y5U A C7    
766 C  C8    . Y5U C .  ? 0.61753 0.57699 0.66265 0.08214  -0.05551 -0.07684 101 Y5U A C8    
767 C  C9    . Y5U C .  ? 0.57571 0.56149 0.59047 0.09376  -0.04576 -0.07111 101 Y5U A C9    
768 C  C10   . Y5U C .  ? 0.52234 0.52713 0.53542 0.08092  -0.02932 -0.05190 101 Y5U A C10   
769 C  C11   . Y5U C .  ? 0.56291 0.59793 0.55592 0.08534  -0.01898 -0.04002 101 Y5U A C11   
770 C  C12   . Y5U C .  ? 0.57142 0.66081 0.53653 0.10044  -0.00908 -0.02610 101 Y5U A C12   
771 C  C13   . Y5U C .  ? 0.60325 0.73217 0.55245 0.11474  -0.00408 -0.01829 101 Y5U A C13   
772 C  C14   . Y5U C .  ? 0.62672 0.78131 0.58110 0.10363  0.00480  0.00126  101 Y5U A C14   
773 C  C15   . Y5U C .  ? 0.54157 0.67747 0.50980 0.08184  0.00689  0.01013  101 Y5U A C15   
774 C  C16   . Y5U C .  ? 0.58469 0.74598 0.55745 0.07170  0.01098  0.02907  101 Y5U A C16   
775 C  C17   . Y5U C .  ? 0.56077 0.65703 0.53864 0.07181  0.00392  0.00214  101 Y5U A C17   
776 C  C18   . Y5U C .  ? 0.45566 0.53203 0.43521 0.07982  -0.00309 -0.01449 101 Y5U A C18   
777 C  C19   . Y5U C .  ? 0.56029 0.50149 0.71548 0.02651  -0.04349 -0.04491 101 Y5U A C19   
778 C  C20   . Y5U C .  ? 0.60533 0.55243 0.78673 0.01587  -0.03674 -0.03261 101 Y5U A C20   
779 SE SE1   . Y5U C .  ? 0.66451 0.65152 0.70806 0.05754  -0.02367 -0.04108 101 Y5U A SE1   
780 N  N1    . Y5U C .  ? 0.58779 0.53767 0.89621 -0.01126 -0.03399 -0.00229 101 Y5U A N1    
781 N  N2    . Y5U C .  ? 0.54142 0.51013 0.78230 0.00092  -0.03286 -0.01486 101 Y5U A N2    
782 N  N3    . Y5U C .  ? 0.60445 0.52545 0.73621 0.04695  -0.06371 -0.06952 101 Y5U A N3    
783 N  N4    . Y5U C .  ? 0.54919 0.60916 0.51985 0.10489  -0.02072 -0.04386 101 Y5U A N4    
784 N  N5    . Y5U C .  ? 0.55558 0.76120 0.52718 0.07510  0.01365  0.04266  101 Y5U A N5    
785 N  N6    . Y5U C .  ? 0.52864 0.66675 0.50747 0.06136  0.01117  0.03222  101 Y5U A N6    
786 N  N7    . Y5U C .  ? 0.51071 0.55429 0.50558 0.07278  -0.00766 -0.02302 101 Y5U A N7    
787 N  N8    . Y5U C .  ? 0.54638 0.49947 0.66205 0.03578  -0.03750 -0.04567 101 Y5U A N8    
804 O  O     . HOH D .  ? 0.55127 0.51291 0.50966 0.00878  -0.00918 0.04281  201 HOH A O     
805 O  O     . HOH D .  ? 0.47492 0.47248 0.43982 0.00129  -0.02110 0.02850  202 HOH A O     
806 O  O     . HOH D .  ? 0.83955 0.69614 0.78090 0.13077  0.08691  0.07593  203 HOH A O     
807 O  O     . HOH D .  ? 0.65864 0.61739 0.60087 0.01117  -0.01446 0.05423  204 HOH A O     
808 O  O     . HOH D .  ? 0.56166 0.70942 1.13996 -0.02981 -0.07469 0.03190  205 HOH A O     
809 O  O     . HOH D .  ? 0.72265 0.67469 0.64446 0.17183  0.04092  0.00107  206 HOH A O     
810 O  O     . HOH D .  ? 0.45645 0.45883 0.71405 0.00055  -0.03293 -0.00724 207 HOH A O     
811 O  O     . HOH D .  ? 0.63156 0.66446 0.58716 -0.02619 -0.03683 0.07809  208 HOH A O     
812 O  O     . HOH D .  ? 0.48422 0.52471 0.45629 0.03324  -0.04123 -0.01818 209 HOH A O     
813 O  O     . HOH D .  ? 0.94682 0.72597 0.68866 0.19946  -0.01353 0.06219  210 HOH A O     
814 O  O     . HOH D .  ? 0.55027 0.65683 0.50862 -0.00027 -0.01645 0.05821  211 HOH A O     
815 O  O     . HOH D .  ? 0.96547 0.73447 0.72970 0.24041  0.08167  0.10133  212 HOH A O     
816 O  O     . HOH D .  ? 0.82050 0.59157 0.63417 0.28807  0.05571  -0.00157 213 HOH A O     
817 O  O     . HOH D .  ? 0.64090 0.88577 0.55728 0.13472  0.00743  0.01764  214 HOH A O     
818 O  O     . HOH D .  ? 0.58117 0.65963 0.54015 -0.03641 -0.03573 0.09115  215 HOH A O     
819 O  O     . HOH D .  ? 0.70687 0.72297 0.75220 0.07072  -0.11890 -0.10690 216 HOH A O     
820 O  O     . HOH D .  ? 0.57161 0.64050 0.53241 0.06003  -0.04202 -0.03156 217 HOH A O     
821 O  O     . HOH D .  ? 0.66354 0.69877 0.60831 -0.01298 -0.02940 0.05150  218 HOH A O     
822 O  O     . HOH E .  ? 0.69504 0.61710 0.72065 0.05377  0.05163  0.04965  101 HOH B O     
823 O  O     . HOH E .  ? 0.66528 1.13692 0.62942 0.19200  0.04810  0.08798  102 HOH B O     
824 O  O     . HOH E .  ? 0.62460 0.56758 0.57826 0.01470  -0.01817 0.03332  103 HOH B O     
825 O  O     . HOH E .  ? 0.83688 0.66453 0.60693 0.08539  -0.08577 0.02630  104 HOH B O     
826 O  O     . HOH E .  ? 0.70493 0.72071 0.69054 0.04212  -0.07114 -0.04412 105 HOH B O     
827 O  O     . HOH E .  ? 0.63378 0.56414 0.63172 0.04088  0.03180  0.04918  106 HOH B O     
828 O  O     . HOH E .  ? 0.58720 0.60679 0.61653 0.05115  -0.08957 -0.07128 107 HOH B O     
829 O  O     . HOH E .  ? 0.64548 0.56673 0.63387 0.11439  0.03384  -0.00041 108 HOH B O     
830 O  O     . HOH E .  ? 0.67745 0.61900 0.65642 0.02373  0.00534  0.03972  109 HOH B O     
831 O  O     . HOH E .  ? 0.69287 0.69551 0.62932 0.01546  -0.04817 0.00519  110 HOH B O     
832 O  O     . HOH E .  ? 0.62818 0.55531 0.61800 0.04080  0.02498  0.05079  111 HOH B O     
833 O  O     . HOH E .  ? 0.59914 0.74415 0.49953 0.21672  0.02960  0.00035  112 HOH B O     
834 O  O     . HOH E .  ? 0.55637 0.46950 0.72180 0.03495  0.06687  0.06925  113 HOH B O     
835 O  O     . HOH E .  ? 0.79163 0.70271 0.89212 0.05503  0.07995  0.07906  114 HOH B O     
# 
